data_2JQ5
#
_entry.id   2JQ5
#
loop_
_entity.id
_entity.type
_entity.pdbx_description
1 polymer 'SEC-C motif'
2 non-polymer 'ZINC ION'
#
_entity_poly.entity_id   1
_entity_poly.type   'polypeptide(L)'
_entity_poly.pdbx_seq_one_letter_code
;MNCVCGSGKTYDDCCGPLLARTRSAASPEALMRSRYAAYALKDFDYIVETTDPERRDLFDHDVNRAWMEESDFLELRVLG
SSEKGSRGTVEFIARFRRGGGPEQSHHERSQFRKARGRWYFSEGEAVD
;
_entity_poly.pdbx_strand_id   A
#
# COMPACT_ATOMS: atom_id res chain seq x y z
N MET A 1 19.10 -5.42 -8.60
CA MET A 1 18.06 -6.08 -7.76
C MET A 1 17.34 -5.03 -6.91
N ASN A 2 16.10 -4.74 -7.27
CA ASN A 2 15.29 -3.75 -6.57
C ASN A 2 13.95 -4.35 -6.15
N CYS A 3 13.24 -3.66 -5.27
CA CYS A 3 11.96 -4.14 -4.77
C CYS A 3 10.87 -3.94 -5.83
N VAL A 4 9.85 -4.81 -5.80
CA VAL A 4 8.71 -4.70 -6.72
C VAL A 4 7.72 -3.64 -6.25
N CYS A 5 8.23 -2.57 -5.64
CA CYS A 5 7.39 -1.50 -5.12
C CYS A 5 8.24 -0.24 -4.98
N GLY A 6 7.58 0.92 -4.92
CA GLY A 6 8.27 2.21 -4.87
C GLY A 6 9.23 2.34 -3.69
N SER A 7 10.41 1.74 -3.83
CA SER A 7 11.48 1.83 -2.86
C SER A 7 12.78 1.42 -3.55
N GLY A 8 13.76 2.32 -3.59
CA GLY A 8 15.06 1.99 -4.16
C GLY A 8 15.84 1.06 -3.24
N LYS A 9 15.23 -0.08 -2.96
CA LYS A 9 15.68 -0.99 -1.93
C LYS A 9 15.46 -2.43 -2.40
N THR A 10 15.98 -3.39 -1.64
CA THR A 10 15.71 -4.80 -1.92
C THR A 10 14.32 -5.19 -1.41
N TYR A 11 13.96 -6.46 -1.54
CA TYR A 11 12.72 -6.96 -0.95
C TYR A 11 12.82 -6.92 0.57
N ASP A 12 13.85 -7.57 1.09
CA ASP A 12 14.07 -7.69 2.53
C ASP A 12 14.24 -6.32 3.20
N ASP A 13 15.21 -5.55 2.72
CA ASP A 13 15.53 -4.25 3.33
C ASP A 13 14.35 -3.29 3.27
N CYS A 14 13.45 -3.54 2.33
CA CYS A 14 12.28 -2.69 2.16
C CYS A 14 11.03 -3.30 2.81
N CYS A 15 10.36 -4.19 2.08
CA CYS A 15 9.07 -4.74 2.53
C CYS A 15 9.24 -5.75 3.68
N GLY A 16 10.44 -6.32 3.82
CA GLY A 16 10.66 -7.40 4.77
C GLY A 16 10.26 -7.05 6.20
N PRO A 17 10.79 -5.94 6.79
CA PRO A 17 10.48 -5.56 8.18
C PRO A 17 8.99 -5.27 8.39
N LEU A 18 8.34 -4.80 7.33
CA LEU A 18 6.91 -4.48 7.39
C LEU A 18 6.09 -5.78 7.38
N LEU A 19 6.38 -6.63 6.41
CA LEU A 19 5.66 -7.91 6.26
C LEU A 19 5.98 -8.85 7.42
N ALA A 20 7.10 -8.62 8.09
CA ALA A 20 7.47 -9.39 9.27
C ALA A 20 6.69 -8.89 10.50
N ARG A 21 5.93 -7.80 10.32
CA ARG A 21 5.15 -7.19 11.40
C ARG A 21 6.06 -6.77 12.56
N THR A 22 7.35 -6.58 12.27
CA THR A 22 8.34 -6.33 13.33
C THR A 22 8.71 -4.85 13.43
N ARG A 23 8.66 -4.13 12.31
CA ARG A 23 9.07 -2.73 12.29
C ARG A 23 7.96 -1.85 11.69
N SER A 24 7.77 -0.67 12.28
CA SER A 24 6.79 0.29 11.79
C SER A 24 7.37 1.12 10.64
N ALA A 25 6.54 1.39 9.63
CA ALA A 25 6.98 2.13 8.45
C ALA A 25 7.39 3.56 8.81
N ALA A 26 6.73 4.13 9.82
CA ALA A 26 7.02 5.48 10.32
C ALA A 26 6.79 6.55 9.24
N SER A 27 6.08 6.18 8.17
CA SER A 27 5.77 7.09 7.08
C SER A 27 4.58 6.56 6.28
N PRO A 28 3.68 7.45 5.80
CA PRO A 28 2.50 7.06 5.04
C PRO A 28 2.87 6.33 3.74
N GLU A 29 3.81 6.91 3.00
CA GLU A 29 4.28 6.31 1.76
C GLU A 29 4.97 4.98 2.04
N ALA A 30 5.79 4.97 3.10
CA ALA A 30 6.55 3.77 3.47
C ALA A 30 5.61 2.61 3.78
N LEU A 31 4.46 2.93 4.34
CA LEU A 31 3.45 1.93 4.65
C LEU A 31 2.75 1.50 3.36
N MET A 32 2.42 2.48 2.52
CA MET A 32 1.62 2.24 1.32
C MET A 32 2.31 1.27 0.36
N ARG A 33 3.57 1.54 0.01
CA ARG A 33 4.25 0.75 -1.02
C ARG A 33 4.62 -0.64 -0.49
N SER A 34 4.71 -0.76 0.83
CA SER A 34 4.94 -2.05 1.46
C SER A 34 3.67 -2.90 1.41
N ARG A 35 2.52 -2.25 1.61
CA ARG A 35 1.23 -2.93 1.50
C ARG A 35 1.00 -3.37 0.05
N TYR A 36 1.35 -2.50 -0.89
CA TYR A 36 1.24 -2.81 -2.31
C TYR A 36 1.93 -4.14 -2.63
N ALA A 37 3.09 -4.34 -2.03
CA ALA A 37 3.86 -5.57 -2.25
C ALA A 37 3.11 -6.77 -1.68
N ALA A 38 2.47 -6.57 -0.53
CA ALA A 38 1.71 -7.62 0.12
C ALA A 38 0.54 -8.06 -0.75
N TYR A 39 -0.05 -7.11 -1.49
CA TYR A 39 -1.10 -7.43 -2.46
C TYR A 39 -0.58 -8.40 -3.51
N ALA A 40 0.62 -8.11 -4.02
CA ALA A 40 1.24 -8.95 -5.05
C ALA A 40 1.64 -10.31 -4.45
N LEU A 41 1.87 -10.32 -3.14
CA LEU A 41 2.25 -11.55 -2.43
C LEU A 41 1.02 -12.15 -1.73
N LYS A 42 -0.17 -11.71 -2.14
CA LYS A 42 -1.47 -12.11 -1.57
C LYS A 42 -1.47 -12.17 -0.04
N ASP A 43 -0.57 -11.43 0.60
CA ASP A 43 -0.56 -11.33 2.07
C ASP A 43 -1.54 -10.22 2.46
N PHE A 44 -2.82 -10.46 2.22
CA PHE A 44 -3.87 -9.50 2.53
C PHE A 44 -4.06 -9.39 4.03
N ASP A 45 -3.54 -10.36 4.77
CA ASP A 45 -3.57 -10.33 6.23
C ASP A 45 -2.83 -9.09 6.73
N TYR A 46 -1.62 -8.88 6.21
CA TYR A 46 -0.82 -7.70 6.54
C TYR A 46 -1.59 -6.42 6.22
N ILE A 47 -2.26 -6.43 5.07
CA ILE A 47 -3.02 -5.28 4.60
C ILE A 47 -4.04 -4.85 5.65
N VAL A 48 -4.92 -5.77 6.00
CA VAL A 48 -5.96 -5.53 6.99
C VAL A 48 -5.38 -4.98 8.30
N GLU A 49 -4.30 -5.62 8.76
CA GLU A 49 -3.66 -5.23 10.02
C GLU A 49 -3.21 -3.78 9.99
N THR A 50 -2.67 -3.35 8.85
CA THR A 50 -2.15 -1.99 8.70
C THR A 50 -3.20 -1.06 8.09
N THR A 51 -4.47 -1.44 8.23
CA THR A 51 -5.58 -0.58 7.82
C THR A 51 -6.17 0.11 9.05
N ASP A 52 -6.73 1.30 8.82
CA ASP A 52 -7.35 2.10 9.88
C ASP A 52 -8.28 1.26 10.74
N PRO A 53 -8.28 1.47 12.08
CA PRO A 53 -9.14 0.72 13.00
C PRO A 53 -10.61 0.71 12.55
N GLU A 54 -11.06 1.83 12.00
CA GLU A 54 -12.43 1.96 11.51
C GLU A 54 -12.63 1.18 10.21
N ARG A 55 -11.67 1.35 9.29
CA ARG A 55 -11.78 0.76 7.95
C ARG A 55 -11.51 -0.74 7.99
N ARG A 56 -10.75 -1.17 9.00
CA ARG A 56 -10.34 -2.57 9.13
C ARG A 56 -11.57 -3.48 9.29
N ASP A 57 -12.60 -2.93 9.91
CA ASP A 57 -13.86 -3.66 10.11
C ASP A 57 -14.58 -3.86 8.77
N LEU A 58 -14.27 -3.00 7.81
CA LEU A 58 -14.94 -3.02 6.51
C LEU A 58 -14.26 -3.99 5.54
N PHE A 59 -13.05 -4.43 5.90
CA PHE A 59 -12.27 -5.32 5.03
C PHE A 59 -12.75 -6.76 5.15
N ASP A 60 -12.54 -7.52 4.07
CA ASP A 60 -12.92 -8.94 4.02
C ASP A 60 -11.85 -9.74 3.29
N HIS A 61 -11.59 -10.96 3.75
CA HIS A 61 -10.52 -11.80 3.19
C HIS A 61 -10.64 -11.94 1.68
N ASP A 62 -11.83 -12.29 1.20
CA ASP A 62 -12.05 -12.57 -0.22
C ASP A 62 -12.03 -11.30 -1.05
N VAL A 63 -12.61 -10.24 -0.50
CA VAL A 63 -12.65 -8.95 -1.17
C VAL A 63 -11.23 -8.41 -1.34
N ASN A 64 -10.41 -8.60 -0.32
CA ASN A 64 -9.00 -8.19 -0.36
C ASN A 64 -8.26 -8.94 -1.46
N ARG A 65 -8.64 -10.20 -1.65
CA ARG A 65 -8.06 -11.02 -2.71
C ARG A 65 -8.61 -10.58 -4.07
N ALA A 66 -9.87 -10.18 -4.10
CA ALA A 66 -10.58 -9.86 -5.34
C ALA A 66 -9.78 -8.92 -6.24
N TRP A 67 -9.13 -7.92 -5.64
CA TRP A 67 -8.36 -6.94 -6.40
C TRP A 67 -7.22 -7.60 -7.18
N MET A 68 -6.43 -8.45 -6.52
CA MET A 68 -5.27 -9.08 -7.16
C MET A 68 -5.73 -10.07 -8.23
N GLU A 69 -6.92 -10.62 -8.04
CA GLU A 69 -7.48 -11.62 -8.94
C GLU A 69 -7.73 -11.02 -10.33
N GLU A 70 -8.05 -9.73 -10.37
CA GLU A 70 -8.40 -9.05 -11.62
C GLU A 70 -7.31 -8.05 -12.02
N SER A 71 -6.50 -7.64 -11.06
CA SER A 71 -5.45 -6.65 -11.32
C SER A 71 -4.07 -7.20 -10.94
N ASP A 72 -3.32 -7.63 -11.96
CA ASP A 72 -1.96 -8.11 -11.76
C ASP A 72 -1.02 -6.94 -11.52
N PHE A 73 -0.50 -6.82 -10.31
CA PHE A 73 0.31 -5.65 -9.94
C PHE A 73 1.70 -5.69 -10.60
N LEU A 74 1.96 -4.74 -11.49
CA LEU A 74 3.23 -4.66 -12.21
C LEU A 74 4.22 -3.75 -11.46
N GLU A 75 3.86 -2.48 -11.30
CA GLU A 75 4.76 -1.50 -10.71
C GLU A 75 3.98 -0.43 -9.94
N LEU A 76 4.60 0.08 -8.88
CA LEU A 76 4.02 1.14 -8.06
C LEU A 76 4.87 2.40 -8.21
N ARG A 77 4.22 3.53 -8.46
CA ARG A 77 4.90 4.78 -8.74
C ARG A 77 4.30 5.91 -7.91
N VAL A 78 5.03 6.32 -6.89
CA VAL A 78 4.59 7.39 -6.00
C VAL A 78 4.79 8.75 -6.68
N LEU A 79 3.82 9.65 -6.48
CA LEU A 79 3.86 10.99 -7.07
C LEU A 79 4.29 12.00 -6.01
N GLY A 80 3.66 11.91 -4.84
CA GLY A 80 3.98 12.78 -3.72
C GLY A 80 3.54 12.17 -2.40
N SER A 81 4.08 12.68 -1.29
CA SER A 81 3.75 12.15 0.03
C SER A 81 4.17 13.15 1.12
N SER A 82 3.44 13.15 2.23
CA SER A 82 3.74 14.05 3.35
C SER A 82 3.23 13.46 4.67
N GLU A 83 4.10 13.46 5.68
CA GLU A 83 3.70 13.13 7.04
C GLU A 83 3.46 14.42 7.84
N LYS A 84 2.29 14.51 8.47
CA LYS A 84 1.93 15.66 9.28
C LYS A 84 1.55 15.21 10.69
N GLY A 85 2.56 14.92 11.50
CA GLY A 85 2.35 14.54 12.88
C GLY A 85 1.62 13.21 13.04
N SER A 86 0.30 13.24 12.88
CA SER A 86 -0.53 12.05 13.03
C SER A 86 -1.37 11.78 11.78
N ARG A 87 -1.28 12.68 10.80
CA ARG A 87 -2.02 12.55 9.56
C ARG A 87 -1.06 12.50 8.37
N GLY A 88 -1.27 11.55 7.47
CA GLY A 88 -0.43 11.42 6.30
C GLY A 88 -1.24 11.46 5.02
N THR A 89 -0.58 11.82 3.94
CA THR A 89 -1.22 11.88 2.63
C THR A 89 -0.20 11.53 1.55
N VAL A 90 -0.58 10.65 0.62
CA VAL A 90 0.31 10.24 -0.46
C VAL A 90 -0.44 10.11 -1.78
N GLU A 91 0.05 10.81 -2.79
CA GLU A 91 -0.45 10.74 -4.16
C GLU A 91 0.36 9.68 -4.91
N PHE A 92 -0.29 8.77 -5.63
CA PHE A 92 0.43 7.69 -6.28
C PHE A 92 -0.28 7.20 -7.55
N ILE A 93 0.43 6.35 -8.29
CA ILE A 93 -0.10 5.65 -9.45
C ILE A 93 0.29 4.18 -9.37
N ALA A 94 -0.70 3.31 -9.33
CA ALA A 94 -0.47 1.87 -9.30
C ALA A 94 -0.70 1.27 -10.68
N ARG A 95 0.37 0.75 -11.31
CA ARG A 95 0.26 0.17 -12.64
C ARG A 95 0.07 -1.34 -12.53
N PHE A 96 -1.05 -1.82 -13.03
CA PHE A 96 -1.39 -3.24 -12.96
C PHE A 96 -2.01 -3.69 -14.27
N ARG A 97 -1.84 -4.96 -14.58
CA ARG A 97 -2.42 -5.56 -15.76
C ARG A 97 -3.80 -6.10 -15.40
N ARG A 98 -4.84 -5.43 -15.86
CA ARG A 98 -6.20 -5.76 -15.50
C ARG A 98 -6.91 -6.42 -16.67
N GLY A 99 -7.03 -7.74 -16.61
CA GLY A 99 -7.58 -8.49 -17.72
C GLY A 99 -6.49 -9.12 -18.56
N GLY A 100 -6.87 -9.82 -19.61
CA GLY A 100 -5.90 -10.48 -20.48
C GLY A 100 -5.35 -9.54 -21.54
N GLY A 101 -4.41 -8.68 -21.14
CA GLY A 101 -3.77 -7.79 -22.09
C GLY A 101 -3.54 -6.37 -21.56
N PRO A 102 -4.62 -5.60 -21.31
CA PRO A 102 -4.51 -4.18 -20.96
C PRO A 102 -3.85 -3.90 -19.62
N GLU A 103 -2.89 -2.98 -19.62
CA GLU A 103 -2.26 -2.50 -18.40
C GLU A 103 -2.91 -1.19 -17.97
N GLN A 104 -3.60 -1.21 -16.85
CA GLN A 104 -4.30 -0.04 -16.34
C GLN A 104 -3.53 0.54 -15.15
N SER A 105 -3.62 1.85 -14.97
CA SER A 105 -2.91 2.53 -13.90
C SER A 105 -3.87 3.35 -13.05
N HIS A 106 -3.95 2.99 -11.77
CA HIS A 106 -4.86 3.64 -10.84
C HIS A 106 -4.16 4.82 -10.17
N HIS A 107 -4.51 6.03 -10.59
CA HIS A 107 -3.95 7.25 -10.00
C HIS A 107 -4.93 7.81 -8.97
N GLU A 108 -4.49 7.90 -7.72
CA GLU A 108 -5.31 8.47 -6.67
C GLU A 108 -4.46 8.86 -5.47
N ARG A 109 -5.10 9.53 -4.52
CA ARG A 109 -4.44 10.06 -3.33
C ARG A 109 -5.04 9.44 -2.09
N SER A 110 -4.24 8.70 -1.33
CA SER A 110 -4.71 8.02 -0.13
C SER A 110 -4.27 8.75 1.13
N GLN A 111 -5.21 8.90 2.06
CA GLN A 111 -4.94 9.47 3.37
C GLN A 111 -4.66 8.35 4.36
N PHE A 112 -3.71 8.58 5.26
CA PHE A 112 -3.32 7.59 6.26
C PHE A 112 -3.40 8.21 7.66
N ARG A 113 -3.80 7.39 8.63
CA ARG A 113 -3.87 7.81 10.02
C ARG A 113 -2.75 7.16 10.83
N LYS A 114 -2.08 7.95 11.65
CA LYS A 114 -0.98 7.46 12.49
C LYS A 114 -1.51 7.15 13.89
N ALA A 115 -1.34 5.91 14.32
CA ALA A 115 -1.80 5.47 15.62
C ALA A 115 -0.69 4.73 16.36
N ARG A 116 -0.36 5.23 17.55
CA ARG A 116 0.67 4.62 18.40
C ARG A 116 2.01 4.52 17.67
N GLY A 117 2.23 5.43 16.72
CA GLY A 117 3.47 5.46 15.97
C GLY A 117 3.41 4.67 14.67
N ARG A 118 2.45 3.75 14.58
CA ARG A 118 2.30 2.95 13.37
C ARG A 118 1.33 3.65 12.41
N TRP A 119 1.51 3.41 11.11
CA TRP A 119 0.64 4.00 10.10
C TRP A 119 -0.44 3.02 9.65
N TYR A 120 -1.65 3.54 9.55
CA TYR A 120 -2.82 2.76 9.13
C TYR A 120 -3.52 3.46 7.97
N PHE A 121 -3.90 2.69 6.96
CA PHE A 121 -4.59 3.22 5.79
C PHE A 121 -6.01 3.66 6.14
N SER A 122 -6.30 4.95 5.97
CA SER A 122 -7.61 5.49 6.30
C SER A 122 -8.55 5.41 5.10
N GLU A 123 -8.12 5.94 3.97
CA GLU A 123 -8.94 5.92 2.75
C GLU A 123 -8.17 6.47 1.56
N GLY A 124 -8.68 6.22 0.36
CA GLY A 124 -8.04 6.70 -0.84
C GLY A 124 -9.05 6.82 -1.97
N GLU A 125 -8.96 7.91 -2.72
CA GLU A 125 -9.84 8.15 -3.84
C GLU A 125 -9.17 9.08 -4.85
N ALA A 126 -9.84 9.33 -5.96
CA ALA A 126 -9.30 10.15 -7.04
C ALA A 126 -8.85 11.52 -6.52
N VAL A 127 -7.65 11.92 -6.92
CA VAL A 127 -7.09 13.21 -6.52
C VAL A 127 -8.06 14.36 -6.80
N ASP A 128 -8.39 15.11 -5.75
CA ASP A 128 -9.27 16.26 -5.85
C ASP A 128 -8.44 17.52 -6.12
N MET A 1 17.02 -8.54 -5.95
CA MET A 1 17.08 -7.32 -6.79
C MET A 1 16.14 -6.26 -6.24
N ASN A 2 15.91 -5.21 -7.04
CA ASN A 2 15.04 -4.10 -6.66
C ASN A 2 13.66 -4.60 -6.21
N CYS A 3 12.95 -3.76 -5.46
CA CYS A 3 11.68 -4.15 -4.86
C CYS A 3 10.52 -3.88 -5.83
N VAL A 4 9.50 -4.74 -5.78
CA VAL A 4 8.31 -4.58 -6.62
C VAL A 4 7.53 -3.31 -6.26
N CYS A 5 7.74 -2.84 -5.03
CA CYS A 5 7.13 -1.60 -4.58
C CYS A 5 8.11 -0.46 -4.74
N GLY A 6 7.61 0.77 -4.83
CA GLY A 6 8.47 1.95 -4.99
C GLY A 6 9.52 2.06 -3.90
N SER A 7 10.61 1.32 -4.08
CA SER A 7 11.75 1.31 -3.16
C SER A 7 12.94 0.68 -3.88
N GLY A 8 13.99 1.46 -4.10
CA GLY A 8 15.17 0.98 -4.80
C GLY A 8 16.03 0.07 -3.95
N LYS A 9 15.40 -0.84 -3.21
CA LYS A 9 16.09 -1.77 -2.33
C LYS A 9 15.48 -3.16 -2.51
N THR A 10 16.14 -4.18 -1.97
CA THR A 10 15.67 -5.56 -2.15
C THR A 10 14.37 -5.78 -1.38
N TYR A 11 13.72 -6.92 -1.63
CA TYR A 11 12.52 -7.30 -0.88
C TYR A 11 12.79 -7.23 0.61
N ASP A 12 13.80 -7.99 1.04
CA ASP A 12 14.16 -8.08 2.44
C ASP A 12 14.62 -6.74 2.98
N ASP A 13 15.53 -6.10 2.25
CA ASP A 13 16.13 -4.83 2.67
C ASP A 13 15.05 -3.75 2.80
N CYS A 14 14.01 -3.87 2.00
CA CYS A 14 12.92 -2.91 2.01
C CYS A 14 11.70 -3.44 2.77
N CYS A 15 10.90 -4.28 2.11
CA CYS A 15 9.62 -4.71 2.68
C CYS A 15 9.77 -5.72 3.82
N GLY A 16 10.91 -6.40 3.88
CA GLY A 16 11.08 -7.51 4.83
C GLY A 16 10.70 -7.17 6.27
N PRO A 17 11.28 -6.12 6.87
CA PRO A 17 10.98 -5.75 8.27
C PRO A 17 9.57 -5.18 8.44
N LEU A 18 9.03 -4.61 7.37
CA LEU A 18 7.68 -4.05 7.38
C LEU A 18 6.63 -5.16 7.36
N LEU A 19 6.86 -6.14 6.49
CA LEU A 19 5.93 -7.25 6.30
C LEU A 19 5.96 -8.18 7.52
N ALA A 20 7.04 -8.13 8.28
CA ALA A 20 7.15 -8.89 9.52
C ALA A 20 6.39 -8.18 10.65
N ARG A 21 5.95 -6.95 10.37
CA ARG A 21 5.23 -6.11 11.35
C ARG A 21 6.12 -5.79 12.55
N THR A 22 7.43 -5.98 12.39
CA THR A 22 8.38 -5.74 13.47
C THR A 22 8.91 -4.30 13.41
N ARG A 23 9.04 -3.78 12.19
CA ARG A 23 9.55 -2.42 11.99
C ARG A 23 8.42 -1.47 11.61
N SER A 24 8.35 -0.34 12.28
CA SER A 24 7.40 0.71 11.94
C SER A 24 7.98 1.60 10.85
N ALA A 25 7.25 1.74 9.75
CA ALA A 25 7.68 2.56 8.62
C ALA A 25 7.88 4.02 9.03
N ALA A 26 7.19 4.43 10.09
CA ALA A 26 7.36 5.76 10.70
C ALA A 26 6.88 6.90 9.80
N SER A 27 6.41 6.58 8.61
CA SER A 27 5.93 7.59 7.66
C SER A 27 4.90 6.99 6.69
N PRO A 28 3.94 7.81 6.21
CA PRO A 28 2.83 7.34 5.36
C PRO A 28 3.33 6.69 4.06
N GLU A 29 4.25 7.37 3.38
CA GLU A 29 4.80 6.86 2.12
C GLU A 29 5.48 5.51 2.33
N ALA A 30 6.27 5.42 3.40
CA ALA A 30 7.00 4.20 3.72
C ALA A 30 6.04 3.04 3.99
N LEU A 31 4.99 3.34 4.76
CA LEU A 31 3.97 2.35 5.10
C LEU A 31 3.20 1.95 3.84
N MET A 32 3.01 2.92 2.95
CA MET A 32 2.25 2.70 1.73
C MET A 32 2.91 1.65 0.84
N ARG A 33 4.21 1.81 0.55
CA ARG A 33 4.86 0.92 -0.41
C ARG A 33 5.05 -0.47 0.16
N SER A 34 5.17 -0.57 1.48
CA SER A 34 5.28 -1.85 2.14
C SER A 34 3.95 -2.59 2.08
N ARG A 35 2.87 -1.84 2.32
CA ARG A 35 1.53 -2.38 2.24
C ARG A 35 1.23 -2.84 0.80
N TYR A 36 1.49 -1.95 -0.16
CA TYR A 36 1.30 -2.25 -1.58
C TYR A 36 2.00 -3.55 -1.97
N ALA A 37 3.20 -3.75 -1.44
CA ALA A 37 3.99 -4.93 -1.78
C ALA A 37 3.22 -6.21 -1.50
N ALA A 38 2.46 -6.22 -0.41
CA ALA A 38 1.73 -7.41 0.01
C ALA A 38 0.62 -7.76 -1.01
N TYR A 39 0.13 -6.76 -1.75
CA TYR A 39 -0.84 -7.00 -2.82
C TYR A 39 -0.21 -7.87 -3.90
N ALA A 40 1.07 -7.64 -4.17
CA ALA A 40 1.81 -8.39 -5.17
C ALA A 40 2.27 -9.74 -4.61
N LEU A 41 2.28 -9.85 -3.29
CA LEU A 41 2.72 -11.07 -2.61
C LEU A 41 1.52 -11.85 -2.05
N LYS A 42 0.34 -11.55 -2.62
CA LYS A 42 -0.95 -12.15 -2.22
C LYS A 42 -1.13 -12.22 -0.70
N ASP A 43 -0.42 -11.36 0.05
CA ASP A 43 -0.59 -11.28 1.49
C ASP A 43 -1.57 -10.16 1.81
N PHE A 44 -2.83 -10.38 1.47
CA PHE A 44 -3.86 -9.38 1.63
C PHE A 44 -4.16 -9.10 3.10
N ASP A 45 -3.78 -10.03 3.98
CA ASP A 45 -4.04 -9.86 5.41
C ASP A 45 -3.18 -8.74 5.98
N TYR A 46 -1.93 -8.66 5.52
CA TYR A 46 -1.02 -7.59 5.95
C TYR A 46 -1.63 -6.23 5.66
N ILE A 47 -2.35 -6.14 4.54
CA ILE A 47 -3.03 -4.92 4.17
C ILE A 47 -4.00 -4.54 5.27
N VAL A 48 -4.88 -5.47 5.58
CA VAL A 48 -5.88 -5.30 6.61
C VAL A 48 -5.23 -4.97 7.96
N GLU A 49 -4.06 -5.57 8.23
CA GLU A 49 -3.31 -5.27 9.46
C GLU A 49 -2.95 -3.80 9.52
N THR A 50 -2.42 -3.27 8.41
CA THR A 50 -1.94 -1.90 8.35
C THR A 50 -3.05 -0.94 7.92
N THR A 51 -4.30 -1.34 8.11
CA THR A 51 -5.44 -0.47 7.85
C THR A 51 -5.96 0.15 9.14
N ASP A 52 -6.57 1.33 9.01
CA ASP A 52 -7.23 2.01 10.11
C ASP A 52 -8.19 1.05 10.83
N PRO A 53 -8.21 1.05 12.17
CA PRO A 53 -9.06 0.15 12.96
C PRO A 53 -10.55 0.28 12.59
N GLU A 54 -10.96 1.49 12.24
CA GLU A 54 -12.34 1.77 11.87
C GLU A 54 -12.60 1.38 10.42
N ARG A 55 -11.65 1.73 9.54
CA ARG A 55 -11.77 1.41 8.11
C ARG A 55 -11.67 -0.10 7.88
N ARG A 56 -10.95 -0.77 8.77
CA ARG A 56 -10.73 -2.21 8.68
C ARG A 56 -12.06 -2.97 8.76
N ASP A 57 -13.10 -2.29 9.24
CA ASP A 57 -14.44 -2.86 9.30
C ASP A 57 -14.97 -3.14 7.89
N LEU A 58 -14.45 -2.40 6.92
CA LEU A 58 -14.84 -2.56 5.52
C LEU A 58 -13.95 -3.57 4.82
N PHE A 59 -12.81 -3.89 5.44
CA PHE A 59 -11.80 -4.75 4.83
C PHE A 59 -12.10 -6.23 5.08
N ASP A 60 -12.78 -6.87 4.14
CA ASP A 60 -13.00 -8.31 4.20
C ASP A 60 -11.88 -9.02 3.44
N HIS A 61 -11.46 -10.17 3.96
CA HIS A 61 -10.40 -10.98 3.35
C HIS A 61 -10.73 -11.26 1.87
N ASP A 62 -12.00 -11.57 1.61
CA ASP A 62 -12.47 -11.82 0.24
C ASP A 62 -12.27 -10.58 -0.64
N VAL A 63 -12.75 -9.44 -0.14
CA VAL A 63 -12.72 -8.19 -0.90
C VAL A 63 -11.28 -7.82 -1.27
N ASN A 64 -10.37 -7.92 -0.32
CA ASN A 64 -8.97 -7.52 -0.56
C ASN A 64 -8.32 -8.46 -1.57
N ARG A 65 -8.80 -9.71 -1.61
CA ARG A 65 -8.34 -10.67 -2.61
C ARG A 65 -8.87 -10.29 -3.99
N ALA A 66 -10.12 -9.84 -4.02
CA ALA A 66 -10.80 -9.48 -5.27
C ALA A 66 -9.97 -8.49 -6.10
N TRP A 67 -9.14 -7.69 -5.41
CA TRP A 67 -8.26 -6.74 -6.08
C TRP A 67 -7.28 -7.45 -7.01
N MET A 68 -6.52 -8.40 -6.45
CA MET A 68 -5.51 -9.13 -7.23
C MET A 68 -6.17 -10.07 -8.23
N GLU A 69 -7.40 -10.46 -7.95
CA GLU A 69 -8.14 -11.40 -8.79
C GLU A 69 -8.45 -10.80 -10.17
N GLU A 70 -8.80 -9.51 -10.18
CA GLU A 70 -9.16 -8.84 -11.44
C GLU A 70 -7.99 -8.02 -11.98
N SER A 71 -7.13 -7.53 -11.09
CA SER A 71 -6.03 -6.67 -11.51
C SER A 71 -4.72 -7.08 -10.82
N ASP A 72 -3.76 -7.51 -11.62
CA ASP A 72 -2.44 -7.89 -11.13
C ASP A 72 -1.61 -6.64 -10.90
N PHE A 73 -1.23 -6.38 -9.65
CA PHE A 73 -0.45 -5.18 -9.33
C PHE A 73 0.99 -5.32 -9.83
N LEU A 74 1.35 -4.48 -10.80
CA LEU A 74 2.65 -4.56 -11.47
C LEU A 74 3.66 -3.58 -10.86
N GLU A 75 3.33 -2.29 -10.90
CA GLU A 75 4.28 -1.25 -10.55
C GLU A 75 3.64 -0.16 -9.70
N LEU A 76 4.43 0.45 -8.83
CA LEU A 76 3.99 1.58 -8.03
C LEU A 76 4.77 2.83 -8.41
N ARG A 77 4.06 3.92 -8.67
CA ARG A 77 4.68 5.18 -9.05
C ARG A 77 4.33 6.25 -8.02
N VAL A 78 5.24 6.50 -7.09
CA VAL A 78 5.02 7.47 -6.03
C VAL A 78 5.29 8.89 -6.55
N LEU A 79 4.24 9.70 -6.62
CA LEU A 79 4.34 11.05 -7.17
C LEU A 79 4.84 12.03 -6.10
N GLY A 80 4.19 12.01 -4.95
CA GLY A 80 4.54 12.91 -3.87
C GLY A 80 4.07 12.41 -2.53
N SER A 81 4.67 12.90 -1.46
CA SER A 81 4.33 12.48 -0.11
C SER A 81 4.21 13.70 0.81
N SER A 82 3.51 13.53 1.92
CA SER A 82 3.34 14.59 2.92
C SER A 82 3.08 13.97 4.29
N GLU A 83 3.68 14.55 5.33
CA GLU A 83 3.53 14.05 6.68
C GLU A 83 3.43 15.21 7.67
N LYS A 84 2.34 15.25 8.42
CA LYS A 84 2.13 16.28 9.44
C LYS A 84 2.14 15.64 10.83
N GLY A 85 3.16 14.84 11.08
CA GLY A 85 3.32 14.20 12.37
C GLY A 85 2.32 13.08 12.58
N SER A 86 1.11 13.43 13.00
CA SER A 86 0.08 12.46 13.35
C SER A 86 -0.74 12.03 12.13
N ARG A 87 -0.87 12.93 11.16
CA ARG A 87 -1.64 12.66 9.95
C ARG A 87 -0.75 12.89 8.73
N GLY A 88 -0.82 11.97 7.77
CA GLY A 88 -0.02 12.08 6.56
C GLY A 88 -0.79 11.64 5.34
N THR A 89 -0.22 11.85 4.17
CA THR A 89 -0.85 11.50 2.91
C THR A 89 0.22 11.28 1.83
N VAL A 90 -0.05 10.38 0.90
CA VAL A 90 0.86 10.13 -0.22
C VAL A 90 0.07 10.00 -1.52
N GLU A 91 0.54 10.71 -2.55
CA GLU A 91 -0.06 10.66 -3.87
C GLU A 91 0.79 9.75 -4.77
N PHE A 92 0.12 8.86 -5.50
CA PHE A 92 0.83 7.88 -6.32
C PHE A 92 -0.01 7.47 -7.53
N ILE A 93 0.53 6.55 -8.31
CA ILE A 93 -0.15 5.95 -9.44
C ILE A 93 0.07 4.44 -9.40
N ALA A 94 -1.01 3.69 -9.25
CA ALA A 94 -0.93 2.25 -9.20
C ALA A 94 -1.03 1.65 -10.60
N ARG A 95 0.03 0.98 -11.03
CA ARG A 95 0.03 0.29 -12.32
C ARG A 95 -0.31 -1.18 -12.12
N PHE A 96 -1.41 -1.61 -12.70
CA PHE A 96 -1.85 -2.99 -12.60
C PHE A 96 -2.34 -3.51 -13.95
N ARG A 97 -2.14 -4.78 -14.19
CA ARG A 97 -2.64 -5.45 -15.38
C ARG A 97 -4.03 -5.98 -15.09
N ARG A 98 -5.06 -5.35 -15.64
CA ARG A 98 -6.42 -5.77 -15.37
C ARG A 98 -6.83 -6.85 -16.36
N GLY A 99 -6.61 -8.09 -15.97
CA GLY A 99 -6.82 -9.23 -16.85
C GLY A 99 -5.50 -9.79 -17.33
N GLY A 100 -5.54 -10.92 -18.02
CA GLY A 100 -4.32 -11.55 -18.49
C GLY A 100 -3.77 -10.94 -19.76
N GLY A 101 -3.44 -9.65 -19.71
CA GLY A 101 -2.88 -8.98 -20.87
C GLY A 101 -2.75 -7.47 -20.71
N PRO A 102 -3.88 -6.73 -20.81
CA PRO A 102 -3.87 -5.26 -20.86
C PRO A 102 -3.46 -4.61 -19.53
N GLU A 103 -2.56 -3.64 -19.61
CA GLU A 103 -2.17 -2.84 -18.45
C GLU A 103 -3.14 -1.69 -18.25
N GLN A 104 -3.23 -1.22 -17.02
CA GLN A 104 -4.01 -0.05 -16.65
C GLN A 104 -3.39 0.61 -15.44
N SER A 105 -3.53 1.91 -15.33
CA SER A 105 -2.97 2.65 -14.20
C SER A 105 -3.99 3.63 -13.64
N HIS A 106 -3.96 3.81 -12.33
CA HIS A 106 -4.88 4.72 -11.65
C HIS A 106 -4.09 5.72 -10.81
N HIS A 107 -4.53 6.97 -10.80
CA HIS A 107 -3.86 8.02 -10.04
C HIS A 107 -4.74 8.45 -8.87
N GLU A 108 -4.36 8.05 -7.67
CA GLU A 108 -5.16 8.30 -6.48
C GLU A 108 -4.33 8.95 -5.36
N ARG A 109 -5.00 9.19 -4.25
CA ARG A 109 -4.44 9.89 -3.10
C ARG A 109 -4.85 9.16 -1.83
N SER A 110 -3.92 8.48 -1.17
CA SER A 110 -4.23 7.73 0.04
C SER A 110 -3.73 8.47 1.28
N GLN A 111 -4.65 8.73 2.21
CA GLN A 111 -4.33 9.35 3.49
C GLN A 111 -4.01 8.27 4.51
N PHE A 112 -3.12 8.59 5.45
CA PHE A 112 -2.69 7.65 6.48
C PHE A 112 -2.79 8.29 7.86
N ARG A 113 -3.09 7.47 8.85
CA ARG A 113 -3.30 7.90 10.23
C ARG A 113 -2.31 7.20 11.14
N LYS A 114 -1.66 7.98 12.00
CA LYS A 114 -0.64 7.45 12.89
C LYS A 114 -1.22 7.09 14.25
N ALA A 115 -0.93 5.89 14.71
CA ALA A 115 -1.35 5.43 16.03
C ALA A 115 -0.30 4.49 16.63
N ARG A 116 0.07 4.73 17.89
CA ARG A 116 1.05 3.89 18.58
C ARG A 116 2.41 3.95 17.90
N GLY A 117 2.67 5.05 17.19
CA GLY A 117 3.94 5.22 16.50
C GLY A 117 3.96 4.59 15.13
N ARG A 118 2.86 3.93 14.77
CA ARG A 118 2.79 3.15 13.55
C ARG A 118 1.63 3.65 12.67
N TRP A 119 1.89 3.73 11.37
CA TRP A 119 0.93 4.31 10.44
C TRP A 119 -0.06 3.26 9.92
N TYR A 120 -1.29 3.69 9.71
CA TYR A 120 -2.36 2.84 9.19
C TYR A 120 -3.13 3.58 8.10
N PHE A 121 -3.53 2.84 7.06
CA PHE A 121 -4.27 3.41 5.93
C PHE A 121 -5.62 3.97 6.38
N SER A 122 -5.84 5.26 6.12
CA SER A 122 -7.07 5.93 6.52
C SER A 122 -8.13 5.85 5.42
N GLU A 123 -7.76 6.26 4.22
CA GLU A 123 -8.72 6.34 3.11
C GLU A 123 -8.02 6.68 1.81
N GLY A 124 -8.65 6.34 0.69
CA GLY A 124 -8.07 6.57 -0.62
C GLY A 124 -9.11 7.02 -1.64
N GLU A 125 -8.77 8.06 -2.40
CA GLU A 125 -9.66 8.60 -3.42
C GLU A 125 -8.85 9.08 -4.61
N ALA A 126 -9.47 9.15 -5.78
CA ALA A 126 -8.80 9.60 -6.98
C ALA A 126 -8.47 11.09 -6.89
N VAL A 127 -7.34 11.49 -7.47
CA VAL A 127 -6.92 12.88 -7.46
C VAL A 127 -7.67 13.67 -8.53
N ASP A 128 -8.64 14.46 -8.09
CA ASP A 128 -9.45 15.28 -9.01
C ASP A 128 -9.20 16.76 -8.72
N MET A 1 18.30 -8.97 -5.33
CA MET A 1 16.88 -8.97 -5.77
C MET A 1 16.16 -7.77 -5.16
N ASN A 2 15.71 -6.84 -6.01
CA ASN A 2 15.01 -5.66 -5.55
C ASN A 2 13.57 -6.01 -5.19
N CYS A 3 12.80 -5.00 -4.78
CA CYS A 3 11.46 -5.22 -4.26
C CYS A 3 10.41 -4.70 -5.22
N VAL A 4 9.28 -5.39 -5.29
CA VAL A 4 8.12 -4.90 -6.04
C VAL A 4 7.53 -3.67 -5.35
N CYS A 5 8.20 -2.56 -5.55
CA CYS A 5 7.83 -1.27 -4.98
C CYS A 5 8.60 -0.17 -5.69
N GLY A 6 7.99 1.00 -5.85
CA GLY A 6 8.69 2.15 -6.39
C GLY A 6 9.80 2.60 -5.46
N SER A 7 10.87 1.81 -5.41
CA SER A 7 11.96 2.03 -4.48
C SER A 7 13.13 1.10 -4.83
N GLY A 8 14.32 1.68 -4.92
CA GLY A 8 15.50 0.89 -5.23
C GLY A 8 16.01 0.13 -4.02
N LYS A 9 15.15 -0.71 -3.48
CA LYS A 9 15.47 -1.49 -2.29
C LYS A 9 15.05 -2.95 -2.49
N THR A 10 15.64 -3.83 -1.71
CA THR A 10 15.34 -5.26 -1.80
C THR A 10 14.04 -5.57 -1.07
N TYR A 11 13.62 -6.83 -1.10
CA TYR A 11 12.47 -7.26 -0.33
C TYR A 11 12.70 -6.97 1.15
N ASP A 12 13.83 -7.48 1.64
CA ASP A 12 14.19 -7.38 3.05
C ASP A 12 14.38 -5.93 3.46
N ASP A 13 15.28 -5.23 2.75
CA ASP A 13 15.60 -3.84 3.03
C ASP A 13 14.37 -2.95 2.98
N CYS A 14 13.38 -3.36 2.21
CA CYS A 14 12.15 -2.58 2.04
C CYS A 14 10.99 -3.16 2.89
N CYS A 15 10.30 -4.18 2.37
CA CYS A 15 9.11 -4.72 3.04
C CYS A 15 9.43 -5.58 4.26
N GLY A 16 10.66 -6.10 4.34
CA GLY A 16 10.99 -7.10 5.34
C GLY A 16 10.59 -6.73 6.77
N PRO A 17 11.06 -5.58 7.30
CA PRO A 17 10.75 -5.17 8.68
C PRO A 17 9.27 -4.83 8.86
N LEU A 18 8.63 -4.41 7.77
CA LEU A 18 7.22 -4.03 7.79
C LEU A 18 6.32 -5.27 7.87
N LEU A 19 6.61 -6.24 7.02
CA LEU A 19 5.87 -7.50 6.99
C LEU A 19 6.10 -8.28 8.28
N ALA A 20 7.31 -8.18 8.81
CA ALA A 20 7.64 -8.80 10.10
C ALA A 20 6.84 -8.16 11.23
N ARG A 21 6.31 -6.96 10.96
CA ARG A 21 5.49 -6.22 11.93
C ARG A 21 6.34 -5.80 13.14
N THR A 22 7.65 -5.85 12.96
CA THR A 22 8.60 -5.54 14.04
C THR A 22 8.96 -4.06 14.01
N ARG A 23 8.80 -3.43 12.85
CA ARG A 23 9.16 -2.02 12.68
C ARG A 23 8.00 -1.24 12.05
N SER A 24 7.80 -0.02 12.54
CA SER A 24 6.80 0.88 11.99
C SER A 24 7.37 1.61 10.76
N ALA A 25 6.53 1.81 9.74
CA ALA A 25 6.95 2.47 8.51
C ALA A 25 7.48 3.89 8.78
N ALA A 26 6.88 4.55 9.77
CA ALA A 26 7.32 5.87 10.23
C ALA A 26 7.14 6.95 9.16
N SER A 27 6.46 6.61 8.06
CA SER A 27 6.18 7.55 6.98
C SER A 27 5.03 7.03 6.11
N PRO A 28 4.17 7.94 5.58
CA PRO A 28 3.01 7.56 4.78
C PRO A 28 3.38 6.71 3.55
N GLU A 29 4.32 7.20 2.74
CA GLU A 29 4.73 6.49 1.54
C GLU A 29 5.44 5.18 1.88
N ALA A 30 6.16 5.18 3.00
CA ALA A 30 6.84 3.97 3.47
C ALA A 30 5.83 2.87 3.79
N LEU A 31 4.63 3.27 4.20
CA LEU A 31 3.58 2.33 4.53
C LEU A 31 2.89 1.83 3.27
N MET A 32 2.62 2.74 2.34
CA MET A 32 1.92 2.36 1.11
C MET A 32 2.81 1.49 0.23
N ARG A 33 4.12 1.72 0.29
CA ARG A 33 5.06 0.97 -0.54
C ARG A 33 5.30 -0.43 0.01
N SER A 34 5.10 -0.61 1.31
CA SER A 34 5.14 -1.93 1.91
C SER A 34 3.82 -2.66 1.63
N ARG A 35 2.73 -1.93 1.83
CA ARG A 35 1.37 -2.44 1.58
C ARG A 35 1.23 -2.94 0.13
N TYR A 36 1.64 -2.10 -0.82
CA TYR A 36 1.57 -2.45 -2.25
C TYR A 36 2.23 -3.80 -2.52
N ALA A 37 3.42 -3.99 -1.95
CA ALA A 37 4.19 -5.20 -2.17
C ALA A 37 3.44 -6.43 -1.69
N ALA A 38 2.65 -6.26 -0.63
CA ALA A 38 1.89 -7.37 -0.07
C ALA A 38 0.95 -7.98 -1.11
N TYR A 39 0.28 -7.11 -1.88
CA TYR A 39 -0.60 -7.57 -2.94
C TYR A 39 0.20 -8.28 -4.04
N ALA A 40 1.39 -7.75 -4.34
CA ALA A 40 2.25 -8.34 -5.35
C ALA A 40 2.86 -9.65 -4.84
N LEU A 41 2.94 -9.77 -3.51
CA LEU A 41 3.41 -11.00 -2.86
C LEU A 41 2.22 -11.83 -2.41
N LYS A 42 1.06 -11.55 -3.04
CA LYS A 42 -0.21 -12.24 -2.82
C LYS A 42 -0.51 -12.51 -1.34
N ASP A 43 0.01 -11.66 -0.46
CA ASP A 43 -0.36 -11.69 0.96
C ASP A 43 -1.33 -10.55 1.25
N PHE A 44 -2.61 -10.82 1.02
CA PHE A 44 -3.66 -9.83 1.22
C PHE A 44 -3.89 -9.57 2.72
N ASP A 45 -3.30 -10.41 3.55
CA ASP A 45 -3.46 -10.32 5.00
C ASP A 45 -2.80 -9.05 5.54
N TYR A 46 -1.56 -8.81 5.14
CA TYR A 46 -0.80 -7.64 5.59
C TYR A 46 -1.55 -6.35 5.22
N ILE A 47 -2.24 -6.38 4.08
CA ILE A 47 -3.04 -5.24 3.62
C ILE A 47 -4.03 -4.83 4.70
N VAL A 48 -4.80 -5.82 5.17
CA VAL A 48 -5.81 -5.59 6.19
C VAL A 48 -5.19 -5.02 7.46
N GLU A 49 -4.04 -5.57 7.84
CA GLU A 49 -3.36 -5.17 9.07
C GLU A 49 -2.60 -3.85 8.92
N THR A 50 -2.61 -3.28 7.72
CA THR A 50 -2.07 -1.93 7.51
C THR A 50 -3.18 -0.96 7.11
N THR A 51 -4.41 -1.41 7.26
CA THR A 51 -5.56 -0.55 7.03
C THR A 51 -5.95 0.13 8.34
N ASP A 52 -6.55 1.31 8.24
CA ASP A 52 -7.01 2.07 9.39
C ASP A 52 -7.86 1.18 10.29
N PRO A 53 -7.68 1.25 11.62
CA PRO A 53 -8.43 0.43 12.58
C PRO A 53 -9.94 0.48 12.34
N GLU A 54 -10.41 1.62 11.84
CA GLU A 54 -11.83 1.80 11.55
C GLU A 54 -12.18 1.20 10.17
N ARG A 55 -11.36 1.51 9.18
CA ARG A 55 -11.61 1.07 7.80
C ARG A 55 -11.44 -0.44 7.68
N ARG A 56 -10.64 -1.02 8.57
CA ARG A 56 -10.35 -2.44 8.55
C ARG A 56 -11.65 -3.25 8.71
N ASP A 57 -12.64 -2.64 9.35
CA ASP A 57 -13.95 -3.25 9.54
C ASP A 57 -14.64 -3.48 8.19
N LEU A 58 -14.28 -2.65 7.21
CA LEU A 58 -14.84 -2.72 5.87
C LEU A 58 -14.08 -3.72 5.00
N PHE A 59 -12.93 -4.17 5.50
CA PHE A 59 -12.05 -5.09 4.77
C PHE A 59 -12.41 -6.54 5.09
N ASP A 60 -11.81 -7.46 4.33
CA ASP A 60 -11.97 -8.90 4.56
C ASP A 60 -10.97 -9.67 3.70
N HIS A 61 -10.53 -10.81 4.23
CA HIS A 61 -9.51 -11.63 3.56
C HIS A 61 -9.95 -12.02 2.14
N ASP A 62 -11.23 -12.38 1.99
CA ASP A 62 -11.76 -12.81 0.68
C ASP A 62 -11.69 -11.68 -0.32
N VAL A 63 -12.18 -10.53 0.10
CA VAL A 63 -12.31 -9.37 -0.75
C VAL A 63 -10.95 -8.87 -1.21
N ASN A 64 -10.01 -8.80 -0.26
CA ASN A 64 -8.64 -8.38 -0.56
C ASN A 64 -7.99 -9.35 -1.55
N ARG A 65 -8.32 -10.64 -1.40
CA ARG A 65 -7.82 -11.67 -2.32
C ARG A 65 -8.32 -11.42 -3.73
N ALA A 66 -9.63 -11.18 -3.85
CA ALA A 66 -10.26 -10.96 -5.15
C ALA A 66 -9.49 -9.92 -5.97
N TRP A 67 -9.06 -8.86 -5.30
CA TRP A 67 -8.34 -7.77 -5.96
C TRP A 67 -7.02 -8.27 -6.54
N MET A 68 -6.21 -8.95 -5.72
CA MET A 68 -4.90 -9.42 -6.15
C MET A 68 -5.03 -10.50 -7.25
N GLU A 69 -6.19 -11.15 -7.30
CA GLU A 69 -6.45 -12.19 -8.28
C GLU A 69 -6.73 -11.58 -9.66
N GLU A 70 -7.47 -10.47 -9.68
CA GLU A 70 -7.86 -9.82 -10.93
C GLU A 70 -6.78 -8.84 -11.42
N SER A 71 -6.01 -8.29 -10.48
CA SER A 71 -5.02 -7.27 -10.82
C SER A 71 -3.59 -7.84 -10.75
N ASP A 72 -2.89 -7.76 -11.89
CA ASP A 72 -1.47 -8.13 -11.96
C ASP A 72 -0.62 -6.88 -11.77
N PHE A 73 -0.08 -6.71 -10.57
CA PHE A 73 0.63 -5.47 -10.21
C PHE A 73 2.02 -5.40 -10.88
N LEU A 74 2.22 -4.38 -11.71
CA LEU A 74 3.49 -4.17 -12.41
C LEU A 74 4.47 -3.38 -11.55
N GLU A 75 4.11 -2.12 -11.28
CA GLU A 75 5.00 -1.20 -10.55
C GLU A 75 4.20 -0.09 -9.86
N LEU A 76 4.74 0.39 -8.75
CA LEU A 76 4.15 1.51 -8.02
C LEU A 76 4.85 2.81 -8.40
N ARG A 77 4.07 3.84 -8.70
CA ARG A 77 4.62 5.12 -9.11
C ARG A 77 4.35 6.16 -8.03
N VAL A 78 5.38 6.45 -7.25
CA VAL A 78 5.26 7.36 -6.12
C VAL A 78 5.47 8.80 -6.58
N LEU A 79 4.45 9.64 -6.42
CA LEU A 79 4.51 11.03 -6.87
C LEU A 79 5.06 11.93 -5.76
N GLY A 80 4.41 11.90 -4.60
CA GLY A 80 4.84 12.72 -3.46
C GLY A 80 4.04 12.44 -2.21
N SER A 81 4.61 12.77 -1.06
CA SER A 81 3.97 12.50 0.23
C SER A 81 4.21 13.64 1.22
N SER A 82 3.36 13.71 2.25
CA SER A 82 3.50 14.69 3.31
C SER A 82 2.97 14.13 4.63
N GLU A 83 3.82 14.11 5.65
CA GLU A 83 3.41 13.68 6.99
C GLU A 83 2.81 14.86 7.75
N LYS A 84 1.57 14.70 8.18
CA LYS A 84 0.86 15.74 8.92
C LYS A 84 0.67 15.31 10.37
N GLY A 85 1.78 14.95 11.01
CA GLY A 85 1.75 14.51 12.39
C GLY A 85 0.99 13.20 12.57
N SER A 86 -0.23 13.30 13.11
CA SER A 86 -1.05 12.12 13.38
C SER A 86 -1.86 11.72 12.15
N ARG A 87 -1.70 12.48 11.07
CA ARG A 87 -2.34 12.18 9.80
C ARG A 87 -1.31 12.32 8.68
N GLY A 88 -1.62 11.83 7.50
CA GLY A 88 -0.70 11.95 6.38
C GLY A 88 -1.41 11.81 5.07
N THR A 89 -0.75 12.21 4.00
CA THR A 89 -1.30 12.09 2.66
C THR A 89 -0.18 11.81 1.66
N VAL A 90 -0.46 10.92 0.70
CA VAL A 90 0.48 10.60 -0.35
C VAL A 90 -0.28 10.36 -1.65
N GLU A 91 0.22 10.92 -2.73
CA GLU A 91 -0.39 10.75 -4.04
C GLU A 91 0.50 9.83 -4.87
N PHE A 92 -0.10 8.83 -5.51
CA PHE A 92 0.65 7.85 -6.26
C PHE A 92 -0.18 7.27 -7.40
N ILE A 93 0.46 6.43 -8.21
CA ILE A 93 -0.17 5.77 -9.32
C ILE A 93 0.19 4.29 -9.31
N ALA A 94 -0.80 3.43 -9.11
CA ALA A 94 -0.59 1.99 -9.11
C ALA A 94 -0.74 1.43 -10.53
N ARG A 95 0.36 0.98 -11.12
CA ARG A 95 0.33 0.43 -12.47
C ARG A 95 0.19 -1.08 -12.43
N PHE A 96 -0.91 -1.58 -12.98
CA PHE A 96 -1.21 -3.00 -12.97
C PHE A 96 -1.81 -3.44 -14.31
N ARG A 97 -1.95 -4.75 -14.46
CA ARG A 97 -2.48 -5.35 -15.67
C ARG A 97 -3.74 -6.14 -15.34
N ARG A 98 -4.85 -5.80 -15.96
CA ARG A 98 -6.13 -6.44 -15.65
C ARG A 98 -6.31 -7.71 -16.46
N GLY A 99 -6.82 -8.74 -15.80
CA GLY A 99 -7.09 -10.00 -16.46
C GLY A 99 -5.84 -10.69 -16.94
N GLY A 100 -5.45 -10.41 -18.18
CA GLY A 100 -4.28 -11.02 -18.75
C GLY A 100 -3.90 -10.37 -20.07
N GLY A 101 -3.90 -9.05 -20.09
CA GLY A 101 -3.54 -8.33 -21.30
C GLY A 101 -3.51 -6.83 -21.09
N PRO A 102 -4.69 -6.17 -21.01
CA PRO A 102 -4.78 -4.72 -20.90
C PRO A 102 -4.26 -4.18 -19.57
N GLU A 103 -3.44 -3.13 -19.64
CA GLU A 103 -2.92 -2.47 -18.44
C GLU A 103 -3.88 -1.38 -17.95
N GLN A 104 -3.57 -0.86 -16.77
CA GLN A 104 -4.24 0.31 -16.22
C GLN A 104 -3.38 0.89 -15.12
N SER A 105 -3.44 2.20 -14.94
CA SER A 105 -2.69 2.86 -13.88
C SER A 105 -3.64 3.74 -13.05
N HIS A 106 -3.86 3.34 -11.81
CA HIS A 106 -4.81 4.01 -10.93
C HIS A 106 -4.11 5.14 -10.18
N HIS A 107 -4.42 6.37 -10.58
CA HIS A 107 -3.83 7.56 -9.98
C HIS A 107 -4.71 8.09 -8.87
N GLU A 108 -4.34 7.81 -7.62
CA GLU A 108 -5.16 8.21 -6.47
C GLU A 108 -4.33 9.00 -5.46
N ARG A 109 -5.04 9.76 -4.65
CA ARG A 109 -4.45 10.49 -3.54
C ARG A 109 -4.98 9.88 -2.24
N SER A 110 -4.13 9.11 -1.57
CA SER A 110 -4.53 8.36 -0.39
C SER A 110 -4.11 9.05 0.90
N GLN A 111 -5.02 9.07 1.87
CA GLN A 111 -4.74 9.59 3.20
C GLN A 111 -4.47 8.45 4.16
N PHE A 112 -3.47 8.63 5.02
CA PHE A 112 -3.10 7.63 6.02
C PHE A 112 -3.14 8.27 7.40
N ARG A 113 -3.58 7.52 8.40
CA ARG A 113 -3.61 8.01 9.77
C ARG A 113 -2.56 7.29 10.61
N LYS A 114 -1.88 8.06 11.45
CA LYS A 114 -0.83 7.53 12.31
C LYS A 114 -1.45 7.05 13.63
N ALA A 115 -1.57 5.74 13.78
CA ALA A 115 -2.17 5.15 14.97
C ALA A 115 -1.14 4.37 15.76
N ARG A 116 -0.93 4.77 17.00
CA ARG A 116 0.03 4.13 17.91
C ARG A 116 1.44 4.23 17.34
N GLY A 117 1.66 5.23 16.48
CA GLY A 117 2.96 5.43 15.87
C GLY A 117 3.09 4.75 14.51
N ARG A 118 2.17 3.85 14.20
CA ARG A 118 2.21 3.14 12.91
C ARG A 118 1.25 3.82 11.94
N TRP A 119 1.57 3.77 10.66
CA TRP A 119 0.71 4.34 9.63
C TRP A 119 -0.30 3.32 9.14
N TYR A 120 -1.54 3.76 8.96
CA TYR A 120 -2.61 2.91 8.48
C TYR A 120 -3.42 3.64 7.40
N PHE A 121 -3.85 2.89 6.39
CA PHE A 121 -4.62 3.44 5.27
C PHE A 121 -6.01 3.89 5.74
N SER A 122 -6.26 5.19 5.67
CA SER A 122 -7.52 5.75 6.11
C SER A 122 -8.53 5.82 4.95
N GLU A 123 -8.13 6.48 3.87
CA GLU A 123 -8.98 6.56 2.68
C GLU A 123 -8.15 6.92 1.45
N GLY A 124 -8.79 6.87 0.30
CA GLY A 124 -8.12 7.17 -0.95
C GLY A 124 -9.10 7.26 -2.10
N GLU A 125 -8.77 8.04 -3.11
CA GLU A 125 -9.67 8.25 -4.24
C GLU A 125 -8.90 8.73 -5.46
N ALA A 126 -9.41 8.42 -6.65
CA ALA A 126 -8.81 8.88 -7.90
C ALA A 126 -8.72 10.41 -7.92
N VAL A 127 -7.51 10.92 -8.07
CA VAL A 127 -7.27 12.36 -8.06
C VAL A 127 -7.02 12.87 -9.48
N ASP A 128 -7.64 14.00 -9.82
CA ASP A 128 -7.51 14.59 -11.15
C ASP A 128 -6.74 15.90 -11.07
N MET A 1 19.11 -7.21 -7.82
CA MET A 1 18.07 -7.66 -6.87
C MET A 1 17.31 -6.45 -6.31
N ASN A 2 16.19 -6.12 -6.93
CA ASN A 2 15.39 -4.97 -6.53
C ASN A 2 14.14 -5.44 -5.79
N CYS A 3 13.08 -4.61 -5.78
CA CYS A 3 11.82 -4.97 -5.15
C CYS A 3 10.66 -4.43 -5.96
N VAL A 4 9.52 -5.12 -5.95
CA VAL A 4 8.31 -4.61 -6.57
C VAL A 4 7.76 -3.42 -5.76
N CYS A 5 8.42 -2.30 -5.95
CA CYS A 5 8.13 -1.06 -5.22
C CYS A 5 8.87 0.09 -5.88
N GLY A 6 8.47 1.32 -5.55
CA GLY A 6 9.28 2.48 -5.90
C GLY A 6 10.51 2.54 -5.01
N SER A 7 11.27 1.45 -5.00
CA SER A 7 12.39 1.28 -4.09
C SER A 7 13.39 0.30 -4.70
N GLY A 8 14.61 0.77 -4.94
CA GLY A 8 15.63 -0.07 -5.53
C GLY A 8 16.05 -1.20 -4.60
N LYS A 9 15.74 -1.05 -3.32
CA LYS A 9 16.08 -2.03 -2.30
C LYS A 9 15.46 -3.40 -2.62
N THR A 10 16.01 -4.44 -2.01
CA THR A 10 15.57 -5.81 -2.24
C THR A 10 14.24 -6.08 -1.56
N TYR A 11 13.70 -7.29 -1.76
CA TYR A 11 12.53 -7.73 -1.01
C TYR A 11 12.78 -7.61 0.48
N ASP A 12 13.89 -8.19 0.93
CA ASP A 12 14.26 -8.23 2.34
C ASP A 12 14.52 -6.82 2.87
N ASP A 13 15.45 -6.11 2.23
CA ASP A 13 15.87 -4.79 2.71
C ASP A 13 14.74 -3.76 2.62
N CYS A 14 13.73 -4.05 1.81
CA CYS A 14 12.57 -3.17 1.69
C CYS A 14 11.36 -3.73 2.42
N CYS A 15 10.70 -4.73 1.82
CA CYS A 15 9.45 -5.26 2.37
C CYS A 15 9.66 -6.13 3.60
N GLY A 16 10.87 -6.69 3.76
CA GLY A 16 11.12 -7.67 4.80
C GLY A 16 10.72 -7.22 6.20
N PRO A 17 11.24 -6.07 6.69
CA PRO A 17 10.93 -5.58 8.03
C PRO A 17 9.45 -5.26 8.22
N LEU A 18 8.79 -4.86 7.13
CA LEU A 18 7.38 -4.48 7.15
C LEU A 18 6.50 -5.73 7.23
N LEU A 19 6.74 -6.67 6.32
CA LEU A 19 5.96 -7.90 6.24
C LEU A 19 6.21 -8.81 7.43
N ALA A 20 7.35 -8.62 8.08
CA ALA A 20 7.70 -9.37 9.28
C ALA A 20 7.04 -8.77 10.52
N ARG A 21 6.48 -7.56 10.36
CA ARG A 21 5.87 -6.81 11.47
C ARG A 21 6.91 -6.45 12.54
N THR A 22 8.18 -6.68 12.23
CA THR A 22 9.26 -6.38 13.17
C THR A 22 9.59 -4.88 13.16
N ARG A 23 9.13 -4.20 12.11
CA ARG A 23 9.38 -2.76 11.97
C ARG A 23 8.25 -2.10 11.19
N SER A 24 7.89 -0.89 11.60
CA SER A 24 6.90 -0.09 10.90
C SER A 24 7.59 0.92 9.98
N ALA A 25 6.91 1.31 8.91
CA ALA A 25 7.48 2.22 7.92
C ALA A 25 7.74 3.61 8.49
N ALA A 26 6.93 4.00 9.50
CA ALA A 26 7.07 5.29 10.17
C ALA A 26 6.81 6.46 9.20
N SER A 27 6.36 6.16 7.99
CA SER A 27 6.11 7.17 6.97
C SER A 27 4.99 6.68 6.04
N PRO A 28 4.04 7.58 5.67
CA PRO A 28 2.88 7.22 4.85
C PRO A 28 3.31 6.65 3.48
N GLU A 29 4.28 7.31 2.85
CA GLU A 29 4.79 6.89 1.55
C GLU A 29 5.47 5.53 1.66
N ALA A 30 6.28 5.38 2.71
CA ALA A 30 7.02 4.14 2.93
C ALA A 30 6.07 3.00 3.26
N LEU A 31 4.92 3.36 3.83
CA LEU A 31 3.92 2.39 4.25
C LEU A 31 3.07 1.92 3.06
N MET A 32 2.70 2.86 2.18
CA MET A 32 1.87 2.51 1.04
C MET A 32 2.68 1.74 0.00
N ARG A 33 3.98 2.04 -0.10
CA ARG A 33 4.85 1.38 -1.07
C ARG A 33 5.23 -0.03 -0.60
N SER A 34 5.17 -0.26 0.71
CA SER A 34 5.37 -1.60 1.25
C SER A 34 4.10 -2.43 1.06
N ARG A 35 2.95 -1.80 1.34
CA ARG A 35 1.66 -2.45 1.14
C ARG A 35 1.44 -2.79 -0.34
N TYR A 36 1.87 -1.89 -1.22
CA TYR A 36 1.83 -2.12 -2.66
C TYR A 36 2.46 -3.47 -3.00
N ALA A 37 3.65 -3.70 -2.44
CA ALA A 37 4.38 -4.93 -2.67
C ALA A 37 3.67 -6.13 -2.06
N ALA A 38 3.09 -5.93 -0.87
CA ALA A 38 2.37 -6.99 -0.18
C ALA A 38 1.22 -7.51 -1.06
N TYR A 39 0.54 -6.58 -1.71
CA TYR A 39 -0.56 -6.91 -2.62
C TYR A 39 0.00 -7.62 -3.86
N ALA A 40 1.16 -7.17 -4.32
CA ALA A 40 1.84 -7.77 -5.47
C ALA A 40 2.41 -9.15 -5.11
N LEU A 41 2.64 -9.36 -3.82
CA LEU A 41 3.11 -10.63 -3.29
C LEU A 41 1.92 -11.48 -2.83
N LYS A 42 0.74 -11.13 -3.34
CA LYS A 42 -0.53 -11.83 -3.07
C LYS A 42 -0.75 -12.09 -1.58
N ASP A 43 -0.12 -11.29 -0.72
CA ASP A 43 -0.38 -11.36 0.72
C ASP A 43 -1.31 -10.21 1.11
N PHE A 44 -2.60 -10.40 0.82
CA PHE A 44 -3.60 -9.39 1.12
C PHE A 44 -3.79 -9.25 2.63
N ASP A 45 -3.35 -10.27 3.37
CA ASP A 45 -3.47 -10.28 4.82
C ASP A 45 -2.74 -9.09 5.42
N TYR A 46 -1.51 -8.85 4.96
CA TYR A 46 -0.71 -7.73 5.45
C TYR A 46 -1.39 -6.40 5.13
N ILE A 47 -2.05 -6.35 3.97
CA ILE A 47 -2.82 -5.18 3.58
C ILE A 47 -3.85 -4.87 4.65
N VAL A 48 -4.56 -5.92 5.07
CA VAL A 48 -5.58 -5.80 6.09
C VAL A 48 -4.95 -5.47 7.44
N GLU A 49 -3.76 -6.03 7.70
CA GLU A 49 -3.04 -5.78 8.95
C GLU A 49 -2.69 -4.31 9.10
N THR A 50 -2.30 -3.68 7.98
CA THR A 50 -1.89 -2.28 7.97
C THR A 50 -3.04 -1.36 7.61
N THR A 51 -4.26 -1.85 7.72
CA THR A 51 -5.44 -1.02 7.59
C THR A 51 -5.83 -0.49 8.96
N ASP A 52 -6.48 0.67 8.99
CA ASP A 52 -6.91 1.30 10.22
C ASP A 52 -7.72 0.31 11.07
N PRO A 53 -7.41 0.21 12.38
CA PRO A 53 -8.11 -0.67 13.33
C PRO A 53 -9.62 -0.68 13.11
N GLU A 54 -10.14 0.46 12.68
CA GLU A 54 -11.58 0.65 12.50
C GLU A 54 -11.99 0.35 11.05
N ARG A 55 -11.22 0.83 10.08
CA ARG A 55 -11.53 0.62 8.67
C ARG A 55 -11.35 -0.84 8.29
N ARG A 56 -10.53 -1.55 9.06
CA ARG A 56 -10.21 -2.95 8.81
C ARG A 56 -11.46 -3.82 8.91
N ASP A 57 -12.41 -3.38 9.73
CA ASP A 57 -13.67 -4.10 9.90
C ASP A 57 -14.50 -4.05 8.62
N LEU A 58 -14.26 -3.03 7.80
CA LEU A 58 -14.99 -2.84 6.55
C LEU A 58 -14.44 -3.78 5.47
N PHE A 59 -13.24 -4.29 5.70
CA PHE A 59 -12.56 -5.17 4.74
C PHE A 59 -13.12 -6.59 4.81
N ASP A 60 -12.80 -7.38 3.78
CA ASP A 60 -13.17 -8.79 3.73
C ASP A 60 -12.10 -9.57 2.99
N HIS A 61 -11.74 -10.74 3.52
CA HIS A 61 -10.65 -11.54 2.98
C HIS A 61 -10.91 -11.92 1.52
N ASP A 62 -12.12 -12.38 1.21
CA ASP A 62 -12.46 -12.85 -0.13
C ASP A 62 -12.46 -11.70 -1.12
N VAL A 63 -13.19 -10.64 -0.78
CA VAL A 63 -13.29 -9.46 -1.66
C VAL A 63 -11.92 -8.82 -1.86
N ASN A 64 -11.13 -8.75 -0.79
CA ASN A 64 -9.80 -8.15 -0.85
C ASN A 64 -8.90 -8.95 -1.80
N ARG A 65 -8.90 -10.26 -1.64
CA ARG A 65 -8.11 -11.14 -2.50
C ARG A 65 -8.55 -11.00 -3.96
N ALA A 66 -9.85 -11.06 -4.18
CA ALA A 66 -10.43 -11.05 -5.52
C ALA A 66 -9.85 -9.93 -6.39
N TRP A 67 -9.62 -8.77 -5.80
CA TRP A 67 -9.10 -7.63 -6.54
C TRP A 67 -7.67 -7.88 -7.03
N MET A 68 -6.80 -8.28 -6.11
CA MET A 68 -5.38 -8.49 -6.45
C MET A 68 -5.23 -9.65 -7.43
N GLU A 69 -6.24 -10.52 -7.48
CA GLU A 69 -6.25 -11.65 -8.40
C GLU A 69 -6.41 -11.15 -9.84
N GLU A 70 -7.12 -10.04 -10.01
CA GLU A 70 -7.32 -9.44 -11.33
C GLU A 70 -6.51 -8.15 -11.46
N SER A 71 -5.63 -7.90 -10.50
CA SER A 71 -4.80 -6.70 -10.51
C SER A 71 -3.31 -7.07 -10.52
N ASP A 72 -2.79 -7.32 -11.72
CA ASP A 72 -1.38 -7.65 -11.90
C ASP A 72 -0.54 -6.37 -11.82
N PHE A 73 0.18 -6.18 -10.72
CA PHE A 73 0.93 -4.94 -10.49
C PHE A 73 2.23 -4.91 -11.29
N LEU A 74 2.41 -3.82 -12.05
CA LEU A 74 3.58 -3.66 -12.91
C LEU A 74 4.56 -2.63 -12.34
N GLU A 75 4.07 -1.43 -12.05
CA GLU A 75 4.94 -0.31 -11.69
C GLU A 75 4.26 0.59 -10.66
N LEU A 76 5.06 1.30 -9.87
CA LEU A 76 4.57 2.29 -8.91
C LEU A 76 5.22 3.64 -9.19
N ARG A 77 4.48 4.71 -8.95
CA ARG A 77 4.96 6.07 -9.23
C ARG A 77 4.54 7.01 -8.10
N VAL A 78 5.50 7.33 -7.24
CA VAL A 78 5.25 8.23 -6.12
C VAL A 78 5.26 9.68 -6.59
N LEU A 79 4.19 10.42 -6.30
CA LEU A 79 4.05 11.80 -6.76
C LEU A 79 4.38 12.78 -5.64
N GLY A 80 3.72 12.61 -4.50
CA GLY A 80 3.93 13.50 -3.37
C GLY A 80 3.59 12.83 -2.06
N SER A 81 4.11 13.36 -0.96
CA SER A 81 3.92 12.77 0.36
C SER A 81 4.03 13.85 1.45
N SER A 82 3.16 13.77 2.45
CA SER A 82 3.16 14.75 3.53
C SER A 82 2.69 14.11 4.85
N GLU A 83 3.47 14.32 5.91
CA GLU A 83 3.09 13.89 7.25
C GLU A 83 2.57 15.09 8.04
N LYS A 84 1.31 15.05 8.46
CA LYS A 84 0.70 16.15 9.19
C LYS A 84 0.40 15.70 10.62
N GLY A 85 1.44 15.57 11.43
CA GLY A 85 1.28 15.17 12.81
C GLY A 85 0.90 13.71 12.96
N SER A 86 -0.31 13.47 13.44
CA SER A 86 -0.79 12.11 13.69
C SER A 86 -1.61 11.58 12.50
N ARG A 87 -1.63 12.35 11.43
CA ARG A 87 -2.33 11.96 10.20
C ARG A 87 -1.53 12.43 9.00
N GLY A 88 -1.47 11.59 7.97
CA GLY A 88 -0.66 11.91 6.80
C GLY A 88 -1.37 11.56 5.51
N THR A 89 -0.76 11.92 4.39
CA THR A 89 -1.36 11.70 3.08
C THR A 89 -0.27 11.55 2.03
N VAL A 90 -0.50 10.70 1.03
CA VAL A 90 0.45 10.49 -0.06
C VAL A 90 -0.28 10.32 -1.39
N GLU A 91 0.22 11.01 -2.41
CA GLU A 91 -0.31 10.92 -3.77
C GLU A 91 0.59 10.01 -4.60
N PHE A 92 0.01 8.98 -5.22
CA PHE A 92 0.81 8.04 -6.00
C PHE A 92 0.02 7.51 -7.20
N ILE A 93 0.72 6.77 -8.05
CA ILE A 93 0.12 6.11 -9.21
C ILE A 93 0.60 4.67 -9.28
N ALA A 94 -0.29 3.73 -9.01
CA ALA A 94 0.01 2.32 -9.13
C ALA A 94 -0.43 1.81 -10.50
N ARG A 95 0.53 1.43 -11.33
CA ARG A 95 0.25 0.93 -12.67
C ARG A 95 0.18 -0.60 -12.64
N PHE A 96 -0.98 -1.13 -12.98
CA PHE A 96 -1.19 -2.57 -13.00
C PHE A 96 -1.86 -3.00 -14.29
N ARG A 97 -2.20 -4.27 -14.38
CA ARG A 97 -2.85 -4.83 -15.55
C ARG A 97 -4.15 -5.49 -15.12
N ARG A 98 -5.27 -5.01 -15.67
CA ARG A 98 -6.59 -5.47 -15.23
C ARG A 98 -6.89 -6.86 -15.77
N GLY A 99 -7.59 -7.65 -14.97
CA GLY A 99 -8.01 -8.98 -15.37
C GLY A 99 -8.90 -8.96 -16.60
N GLY A 100 -8.27 -8.85 -17.76
CA GLY A 100 -8.99 -8.74 -19.01
C GLY A 100 -8.05 -8.61 -20.19
N GLY A 101 -6.89 -8.01 -19.94
CA GLY A 101 -5.88 -7.85 -20.98
C GLY A 101 -5.04 -6.60 -20.80
N PRO A 102 -5.60 -5.41 -21.09
CA PRO A 102 -4.86 -4.16 -21.09
C PRO A 102 -4.44 -3.69 -19.70
N GLU A 103 -3.43 -2.81 -19.67
CA GLU A 103 -2.97 -2.20 -18.43
C GLU A 103 -3.95 -1.13 -17.97
N GLN A 104 -3.78 -0.69 -16.74
CA GLN A 104 -4.60 0.36 -16.15
C GLN A 104 -3.86 1.02 -15.00
N SER A 105 -4.06 2.31 -14.82
CA SER A 105 -3.39 3.05 -13.77
C SER A 105 -4.35 3.31 -12.60
N HIS A 106 -3.78 3.37 -11.40
CA HIS A 106 -4.52 3.68 -10.20
C HIS A 106 -3.89 4.92 -9.57
N HIS A 107 -4.55 6.06 -9.72
CA HIS A 107 -4.00 7.33 -9.26
C HIS A 107 -4.97 7.97 -8.27
N GLU A 108 -4.54 8.10 -7.03
CA GLU A 108 -5.36 8.70 -6.00
C GLU A 108 -4.54 9.19 -4.82
N ARG A 109 -5.15 10.10 -4.07
CA ARG A 109 -4.56 10.65 -2.87
C ARG A 109 -5.03 9.85 -1.68
N SER A 110 -4.12 9.09 -1.06
CA SER A 110 -4.49 8.19 0.02
C SER A 110 -4.20 8.82 1.39
N GLN A 111 -5.17 8.68 2.30
CA GLN A 111 -5.04 9.18 3.67
C GLN A 111 -4.63 8.04 4.61
N PHE A 112 -3.69 8.34 5.49
CA PHE A 112 -3.18 7.37 6.45
C PHE A 112 -3.19 7.96 7.85
N ARG A 113 -3.52 7.13 8.83
CA ARG A 113 -3.57 7.55 10.23
C ARG A 113 -2.37 6.98 10.99
N LYS A 114 -1.83 7.78 11.91
CA LYS A 114 -0.66 7.38 12.68
C LYS A 114 -1.08 6.98 14.09
N ALA A 115 -1.06 5.68 14.36
CA ALA A 115 -1.40 5.15 15.68
C ALA A 115 -0.17 4.55 16.35
N ARG A 116 0.20 5.12 17.50
CA ARG A 116 1.36 4.66 18.27
C ARG A 116 2.64 4.76 17.44
N GLY A 117 2.64 5.65 16.46
CA GLY A 117 3.79 5.84 15.60
C GLY A 117 3.74 5.02 14.34
N ARG A 118 2.83 4.04 14.28
CA ARG A 118 2.67 3.20 13.10
C ARG A 118 1.61 3.80 12.19
N TRP A 119 1.77 3.64 10.88
CA TRP A 119 0.82 4.17 9.91
C TRP A 119 -0.14 3.09 9.43
N TYR A 120 -1.42 3.45 9.37
CA TYR A 120 -2.47 2.56 8.91
C TYR A 120 -3.33 3.27 7.86
N PHE A 121 -3.86 2.49 6.92
CA PHE A 121 -4.72 3.04 5.87
C PHE A 121 -6.08 3.44 6.45
N SER A 122 -6.46 4.70 6.27
CA SER A 122 -7.76 5.18 6.73
C SER A 122 -8.75 5.26 5.57
N GLU A 123 -8.40 6.02 4.54
CA GLU A 123 -9.30 6.26 3.41
C GLU A 123 -8.53 6.85 2.23
N GLY A 124 -9.26 7.17 1.16
CA GLY A 124 -8.65 7.77 -0.01
C GLY A 124 -9.67 8.23 -1.02
N GLU A 125 -9.24 8.98 -2.03
CA GLU A 125 -10.13 9.48 -3.07
C GLU A 125 -9.41 9.50 -4.42
N ALA A 126 -10.12 9.09 -5.47
CA ALA A 126 -9.57 9.08 -6.83
C ALA A 126 -9.14 10.50 -7.23
N VAL A 127 -7.88 10.63 -7.61
CA VAL A 127 -7.29 11.94 -7.89
C VAL A 127 -6.39 11.88 -9.12
N ASP A 128 -6.28 13.01 -9.83
CA ASP A 128 -5.34 13.16 -10.93
C ASP A 128 -4.70 14.54 -10.88
N MET A 1 18.58 -8.20 -7.57
CA MET A 1 18.18 -7.98 -6.17
C MET A 1 17.40 -6.68 -6.05
N ASN A 2 16.07 -6.78 -6.15
CA ASN A 2 15.19 -5.62 -6.13
C ASN A 2 13.91 -5.94 -5.37
N CYS A 3 12.95 -5.02 -5.43
CA CYS A 3 11.66 -5.19 -4.78
C CYS A 3 10.60 -4.44 -5.55
N VAL A 4 9.39 -4.99 -5.62
CA VAL A 4 8.26 -4.32 -6.28
C VAL A 4 7.77 -3.14 -5.43
N CYS A 5 8.62 -2.15 -5.30
CA CYS A 5 8.34 -0.95 -4.52
C CYS A 5 9.28 0.18 -4.91
N GLY A 6 8.75 1.41 -4.98
CA GLY A 6 9.61 2.57 -5.16
C GLY A 6 10.62 2.67 -4.02
N SER A 7 11.82 2.14 -4.23
CA SER A 7 12.83 2.06 -3.18
C SER A 7 14.17 1.60 -3.76
N GLY A 8 14.13 0.61 -4.66
CA GLY A 8 15.34 0.10 -5.29
C GLY A 8 16.09 -0.85 -4.38
N LYS A 9 15.46 -1.23 -3.27
CA LYS A 9 16.08 -2.13 -2.28
C LYS A 9 15.47 -3.52 -2.40
N THR A 10 16.14 -4.51 -1.84
CA THR A 10 15.71 -5.90 -1.96
C THR A 10 14.40 -6.15 -1.22
N TYR A 11 13.85 -7.36 -1.38
CA TYR A 11 12.62 -7.74 -0.70
C TYR A 11 12.83 -7.70 0.82
N ASP A 12 13.82 -8.45 1.29
CA ASP A 12 14.11 -8.57 2.71
C ASP A 12 14.55 -7.23 3.30
N ASP A 13 15.33 -6.46 2.52
CA ASP A 13 15.78 -5.14 2.96
C ASP A 13 14.58 -4.21 3.12
N CYS A 14 13.83 -4.07 2.03
CA CYS A 14 12.70 -3.15 1.98
C CYS A 14 11.49 -3.68 2.77
N CYS A 15 10.83 -4.71 2.26
CA CYS A 15 9.59 -5.22 2.87
C CYS A 15 9.84 -6.00 4.16
N GLY A 16 11.02 -6.61 4.28
CA GLY A 16 11.26 -7.58 5.35
C GLY A 16 10.90 -7.08 6.75
N PRO A 17 11.43 -5.93 7.20
CA PRO A 17 11.14 -5.40 8.54
C PRO A 17 9.70 -4.90 8.68
N LEU A 18 9.10 -4.51 7.56
CA LEU A 18 7.71 -4.03 7.56
C LEU A 18 6.74 -5.19 7.72
N LEU A 19 6.90 -6.21 6.87
CA LEU A 19 6.04 -7.39 6.87
C LEU A 19 6.17 -8.13 8.20
N ALA A 20 7.35 -8.05 8.81
CA ALA A 20 7.60 -8.67 10.11
C ALA A 20 6.86 -7.91 11.23
N ARG A 21 6.29 -6.76 10.87
CA ARG A 21 5.51 -5.93 11.80
C ARG A 21 6.39 -5.35 12.91
N THR A 22 7.71 -5.47 12.75
CA THR A 22 8.66 -4.98 13.74
C THR A 22 9.05 -3.53 13.46
N ARG A 23 8.99 -3.13 12.19
CA ARG A 23 9.38 -1.78 11.78
C ARG A 23 8.16 -0.96 11.38
N SER A 24 8.11 0.26 11.89
CA SER A 24 7.10 1.22 11.49
C SER A 24 7.63 2.05 10.31
N ALA A 25 6.89 2.07 9.21
CA ALA A 25 7.28 2.82 8.03
C ALA A 25 7.54 4.29 8.37
N ALA A 26 6.84 4.80 9.38
CA ALA A 26 7.02 6.17 9.88
C ALA A 26 6.76 7.21 8.79
N SER A 27 6.19 6.77 7.67
CA SER A 27 5.90 7.65 6.54
C SER A 27 4.80 7.04 5.67
N PRO A 28 3.77 7.83 5.31
CA PRO A 28 2.65 7.36 4.48
C PRO A 28 3.13 6.77 3.15
N GLU A 29 4.09 7.44 2.53
CA GLU A 29 4.67 6.97 1.27
C GLU A 29 5.34 5.61 1.46
N ALA A 30 6.11 5.49 2.55
CA ALA A 30 6.81 4.25 2.86
C ALA A 30 5.83 3.14 3.19
N LEU A 31 4.72 3.50 3.83
CA LEU A 31 3.69 2.54 4.20
C LEU A 31 3.08 1.93 2.93
N MET A 32 2.73 2.79 1.97
CA MET A 32 2.22 2.34 0.67
C MET A 32 3.27 1.50 -0.05
N ARG A 33 4.49 2.02 -0.10
CA ARG A 33 5.61 1.38 -0.77
C ARG A 33 5.86 -0.02 -0.21
N SER A 34 5.63 -0.19 1.09
CA SER A 34 5.81 -1.48 1.74
C SER A 34 4.62 -2.41 1.48
N ARG A 35 3.40 -1.92 1.72
CA ARG A 35 2.21 -2.76 1.66
C ARG A 35 1.85 -3.13 0.23
N TYR A 36 2.15 -2.24 -0.72
CA TYR A 36 1.87 -2.53 -2.14
C TYR A 36 2.51 -3.86 -2.55
N ALA A 37 3.70 -4.12 -2.03
CA ALA A 37 4.40 -5.36 -2.32
C ALA A 37 3.59 -6.56 -1.86
N ALA A 38 2.83 -6.37 -0.79
CA ALA A 38 1.95 -7.43 -0.27
C ALA A 38 0.88 -7.78 -1.30
N TYR A 39 0.36 -6.76 -1.98
CA TYR A 39 -0.60 -6.96 -3.08
C TYR A 39 0.07 -7.76 -4.19
N ALA A 40 1.27 -7.34 -4.58
CA ALA A 40 2.02 -7.98 -5.65
C ALA A 40 2.46 -9.40 -5.25
N LEU A 41 2.60 -9.63 -3.95
CA LEU A 41 2.99 -10.94 -3.42
C LEU A 41 1.78 -11.64 -2.79
N LYS A 42 0.59 -11.18 -3.17
CA LYS A 42 -0.70 -11.75 -2.76
C LYS A 42 -0.77 -12.08 -1.26
N ASP A 43 -0.07 -11.31 -0.43
CA ASP A 43 -0.21 -11.41 1.02
C ASP A 43 -1.07 -10.24 1.52
N PHE A 44 -2.39 -10.39 1.37
CA PHE A 44 -3.32 -9.34 1.77
C PHE A 44 -3.39 -9.24 3.30
N ASP A 45 -2.81 -10.23 3.97
CA ASP A 45 -2.70 -10.26 5.42
C ASP A 45 -2.09 -8.96 5.95
N TYR A 46 -0.90 -8.63 5.45
CA TYR A 46 -0.20 -7.42 5.88
C TYR A 46 -1.03 -6.17 5.58
N ILE A 47 -1.81 -6.21 4.50
CA ILE A 47 -2.67 -5.10 4.12
C ILE A 47 -3.69 -4.82 5.21
N VAL A 48 -4.34 -5.89 5.68
CA VAL A 48 -5.33 -5.77 6.74
C VAL A 48 -4.67 -5.28 8.02
N GLU A 49 -3.43 -5.71 8.24
CA GLU A 49 -2.64 -5.30 9.40
C GLU A 49 -2.08 -3.88 9.24
N THR A 50 -2.27 -3.28 8.07
CA THR A 50 -1.87 -1.89 7.85
C THR A 50 -3.08 -1.01 7.58
N THR A 51 -4.26 -1.52 7.94
CA THR A 51 -5.48 -0.75 7.85
C THR A 51 -5.83 -0.16 9.22
N ASP A 52 -6.54 0.96 9.22
CA ASP A 52 -6.99 1.62 10.44
C ASP A 52 -7.74 0.63 11.33
N PRO A 53 -7.50 0.68 12.66
CA PRO A 53 -8.16 -0.24 13.61
C PRO A 53 -9.69 -0.21 13.50
N GLU A 54 -10.23 0.92 13.05
CA GLU A 54 -11.66 1.08 12.85
C GLU A 54 -12.04 0.64 11.44
N ARG A 55 -11.36 1.20 10.45
CA ARG A 55 -11.67 0.94 9.05
C ARG A 55 -11.41 -0.52 8.68
N ARG A 56 -10.64 -1.21 9.52
CA ARG A 56 -10.33 -2.62 9.29
C ARG A 56 -11.60 -3.45 9.32
N ASP A 57 -12.61 -2.96 10.02
CA ASP A 57 -13.91 -3.62 10.09
C ASP A 57 -14.58 -3.61 8.70
N LEU A 58 -14.27 -2.58 7.92
CA LEU A 58 -14.82 -2.42 6.58
C LEU A 58 -14.08 -3.30 5.58
N PHE A 59 -12.98 -3.91 6.05
CA PHE A 59 -12.17 -4.80 5.20
C PHE A 59 -12.67 -6.24 5.28
N ASP A 60 -12.98 -6.81 4.13
CA ASP A 60 -13.34 -8.22 4.02
C ASP A 60 -12.19 -8.97 3.37
N HIS A 61 -12.01 -10.23 3.75
CA HIS A 61 -10.90 -11.04 3.24
C HIS A 61 -11.07 -11.31 1.76
N ASP A 62 -12.30 -11.65 1.38
CA ASP A 62 -12.63 -11.92 -0.03
C ASP A 62 -12.44 -10.66 -0.88
N VAL A 63 -13.10 -9.58 -0.46
CA VAL A 63 -13.06 -8.31 -1.20
C VAL A 63 -11.62 -7.80 -1.30
N ASN A 64 -10.84 -8.01 -0.25
CA ASN A 64 -9.43 -7.60 -0.24
C ASN A 64 -8.68 -8.36 -1.33
N ARG A 65 -8.89 -9.67 -1.39
CA ARG A 65 -8.24 -10.51 -2.39
C ARG A 65 -8.73 -10.16 -3.79
N ALA A 66 -10.01 -9.77 -3.87
CA ALA A 66 -10.66 -9.48 -5.14
C ALA A 66 -9.84 -8.54 -6.02
N TRP A 67 -9.12 -7.61 -5.38
CA TRP A 67 -8.30 -6.64 -6.12
C TRP A 67 -7.15 -7.33 -6.84
N MET A 68 -6.43 -8.22 -6.15
CA MET A 68 -5.33 -8.96 -6.77
C MET A 68 -5.88 -9.96 -7.79
N GLU A 69 -7.13 -10.36 -7.59
CA GLU A 69 -7.78 -11.32 -8.47
C GLU A 69 -8.22 -10.66 -9.77
N GLU A 70 -8.69 -9.40 -9.67
CA GLU A 70 -9.18 -8.68 -10.84
C GLU A 70 -8.03 -8.06 -11.63
N SER A 71 -6.92 -7.78 -10.96
CA SER A 71 -5.77 -7.15 -11.60
C SER A 71 -4.45 -7.62 -10.99
N ASP A 72 -3.47 -7.88 -11.85
CA ASP A 72 -2.14 -8.32 -11.42
C ASP A 72 -1.24 -7.10 -11.20
N PHE A 73 -1.03 -6.74 -9.94
CA PHE A 73 -0.23 -5.56 -9.59
C PHE A 73 1.22 -5.73 -10.06
N LEU A 74 1.71 -4.74 -10.79
CA LEU A 74 3.02 -4.83 -11.46
C LEU A 74 4.01 -3.83 -10.88
N GLU A 75 3.62 -2.55 -10.84
CA GLU A 75 4.54 -1.47 -10.53
C GLU A 75 3.84 -0.37 -9.73
N LEU A 76 4.57 0.28 -8.83
CA LEU A 76 4.05 1.40 -8.04
C LEU A 76 4.85 2.66 -8.34
N ARG A 77 4.20 3.82 -8.26
CA ARG A 77 4.85 5.10 -8.46
C ARG A 77 4.28 6.14 -7.50
N VAL A 78 5.06 6.53 -6.52
CA VAL A 78 4.65 7.54 -5.54
C VAL A 78 4.91 8.95 -6.11
N LEU A 79 3.85 9.75 -6.19
CA LEU A 79 3.95 11.09 -6.78
C LEU A 79 4.24 12.14 -5.71
N GLY A 80 3.44 12.14 -4.65
CA GLY A 80 3.59 13.12 -3.60
C GLY A 80 3.23 12.56 -2.24
N SER A 81 3.69 13.22 -1.18
CA SER A 81 3.47 12.74 0.18
C SER A 81 3.63 13.88 1.18
N SER A 82 2.83 13.84 2.25
CA SER A 82 2.91 14.83 3.32
C SER A 82 2.53 14.18 4.65
N GLU A 83 3.37 14.40 5.67
CA GLU A 83 3.08 13.94 7.03
C GLU A 83 2.70 15.14 7.89
N LYS A 84 1.46 15.17 8.35
CA LYS A 84 0.97 16.25 9.19
C LYS A 84 0.75 15.75 10.60
N GLY A 85 1.86 15.44 11.28
CA GLY A 85 1.79 14.96 12.65
C GLY A 85 1.20 13.55 12.75
N SER A 86 -0.04 13.46 13.22
CA SER A 86 -0.72 12.18 13.39
C SER A 86 -1.54 11.84 12.14
N ARG A 87 -1.67 12.81 11.24
CA ARG A 87 -2.34 12.61 9.97
C ARG A 87 -1.32 12.61 8.84
N GLY A 88 -1.62 11.90 7.77
CA GLY A 88 -0.73 11.84 6.63
C GLY A 88 -1.46 11.51 5.36
N THR A 89 -0.88 11.87 4.23
CA THR A 89 -1.51 11.62 2.94
C THR A 89 -0.44 11.43 1.87
N VAL A 90 -0.70 10.52 0.93
CA VAL A 90 0.22 10.24 -0.16
C VAL A 90 -0.55 10.01 -1.46
N GLU A 91 -0.10 10.69 -2.51
CA GLU A 91 -0.69 10.54 -3.84
C GLU A 91 0.23 9.68 -4.70
N PHE A 92 -0.33 8.70 -5.38
CA PHE A 92 0.48 7.72 -6.10
C PHE A 92 -0.24 7.20 -7.34
N ILE A 93 0.45 6.31 -8.05
CA ILE A 93 -0.08 5.62 -9.22
C ILE A 93 0.26 4.14 -9.13
N ALA A 94 -0.76 3.31 -9.12
CA ALA A 94 -0.59 1.86 -9.05
C ALA A 94 -0.80 1.24 -10.43
N ARG A 95 0.26 0.65 -10.98
CA ARG A 95 0.19 -0.02 -12.27
C ARG A 95 -0.06 -1.51 -12.08
N PHE A 96 -0.97 -2.06 -12.89
CA PHE A 96 -1.33 -3.45 -12.82
C PHE A 96 -1.78 -3.93 -14.19
N ARG A 97 -1.83 -5.25 -14.38
CA ARG A 97 -2.34 -5.83 -15.60
C ARG A 97 -3.84 -6.05 -15.44
N ARG A 98 -4.63 -5.29 -16.19
CA ARG A 98 -6.08 -5.27 -16.01
C ARG A 98 -6.71 -6.49 -16.67
N GLY A 99 -7.20 -7.40 -15.85
CA GLY A 99 -7.76 -8.64 -16.35
C GLY A 99 -6.70 -9.58 -16.86
N GLY A 100 -6.89 -10.11 -18.06
CA GLY A 100 -5.92 -11.00 -18.66
C GLY A 100 -5.41 -10.46 -19.98
N GLY A 101 -5.27 -9.14 -20.08
CA GLY A 101 -4.82 -8.53 -21.30
C GLY A 101 -3.92 -7.33 -21.07
N PRO A 102 -4.42 -6.10 -21.29
CA PRO A 102 -3.59 -4.89 -21.24
C PRO A 102 -3.30 -4.44 -19.81
N GLU A 103 -2.36 -3.49 -19.70
CA GLU A 103 -2.03 -2.89 -18.42
C GLU A 103 -2.96 -1.70 -18.14
N GLN A 104 -2.97 -1.26 -16.90
CA GLN A 104 -3.73 -0.08 -16.49
C GLN A 104 -3.14 0.44 -15.19
N SER A 105 -3.21 1.74 -15.00
CA SER A 105 -2.65 2.38 -13.82
C SER A 105 -3.68 3.29 -13.16
N HIS A 106 -3.95 3.05 -11.88
CA HIS A 106 -4.83 3.91 -11.10
C HIS A 106 -4.04 5.08 -10.56
N HIS A 107 -4.68 6.24 -10.48
CA HIS A 107 -4.07 7.42 -9.90
C HIS A 107 -4.98 7.98 -8.82
N GLU A 108 -4.65 7.66 -7.57
CA GLU A 108 -5.45 8.09 -6.44
C GLU A 108 -4.57 8.69 -5.36
N ARG A 109 -5.19 9.07 -4.25
CA ARG A 109 -4.50 9.64 -3.11
C ARG A 109 -5.09 9.08 -1.82
N SER A 110 -4.26 8.40 -1.03
CA SER A 110 -4.73 7.72 0.17
C SER A 110 -4.34 8.50 1.42
N GLN A 111 -5.29 8.65 2.33
CA GLN A 111 -5.04 9.28 3.63
C GLN A 111 -4.80 8.20 4.69
N PHE A 112 -3.86 8.45 5.58
CA PHE A 112 -3.46 7.49 6.60
C PHE A 112 -3.50 8.13 7.99
N ARG A 113 -3.69 7.28 9.00
CA ARG A 113 -3.65 7.71 10.39
C ARG A 113 -2.44 7.10 11.08
N LYS A 114 -1.74 7.91 11.87
CA LYS A 114 -0.56 7.47 12.58
C LYS A 114 -0.93 7.03 13.99
N ALA A 115 -0.93 5.73 14.22
CA ALA A 115 -1.31 5.17 15.51
C ALA A 115 -0.16 4.32 16.07
N ARG A 116 0.27 4.65 17.29
CA ARG A 116 1.34 3.92 17.97
C ARG A 116 2.64 4.03 17.16
N GLY A 117 2.71 5.05 16.31
CA GLY A 117 3.89 5.27 15.48
C GLY A 117 3.78 4.60 14.13
N ARG A 118 2.82 3.70 13.96
CA ARG A 118 2.63 3.01 12.68
C ARG A 118 1.57 3.73 11.87
N TRP A 119 1.70 3.67 10.54
CA TRP A 119 0.71 4.26 9.65
C TRP A 119 -0.33 3.23 9.23
N TYR A 120 -1.60 3.62 9.37
CA TYR A 120 -2.71 2.74 9.02
C TYR A 120 -3.67 3.44 8.06
N PHE A 121 -4.06 2.73 7.01
CA PHE A 121 -4.97 3.26 5.99
C PHE A 121 -6.30 3.70 6.61
N SER A 122 -6.66 4.96 6.40
CA SER A 122 -7.92 5.50 6.88
C SER A 122 -8.94 5.58 5.73
N GLU A 123 -8.64 6.42 4.74
CA GLU A 123 -9.51 6.58 3.58
C GLU A 123 -8.69 6.96 2.36
N GLY A 124 -9.38 7.23 1.25
CA GLY A 124 -8.70 7.61 0.02
C GLY A 124 -9.52 7.26 -1.20
N GLU A 125 -9.35 8.03 -2.27
CA GLU A 125 -10.07 7.81 -3.51
C GLU A 125 -9.30 8.39 -4.69
N ALA A 126 -9.85 8.24 -5.90
CA ALA A 126 -9.23 8.80 -7.10
C ALA A 126 -9.05 10.31 -6.95
N VAL A 127 -7.82 10.78 -7.15
CA VAL A 127 -7.50 12.18 -6.98
C VAL A 127 -7.99 13.01 -8.17
N ASP A 128 -8.33 14.26 -7.92
CA ASP A 128 -8.82 15.17 -8.95
C ASP A 128 -7.71 16.13 -9.38
N MET A 1 17.54 -7.99 -6.72
CA MET A 1 18.23 -6.70 -6.44
C MET A 1 17.26 -5.66 -5.89
N ASN A 2 16.30 -5.27 -6.72
CA ASN A 2 15.34 -4.23 -6.35
C ASN A 2 14.12 -4.89 -5.67
N CYS A 3 12.97 -4.22 -5.73
CA CYS A 3 11.76 -4.70 -5.10
C CYS A 3 10.57 -4.30 -5.95
N VAL A 4 9.46 -5.05 -5.85
CA VAL A 4 8.24 -4.68 -6.55
C VAL A 4 7.60 -3.45 -5.89
N CYS A 5 8.29 -2.33 -6.05
CA CYS A 5 7.88 -1.05 -5.47
C CYS A 5 8.70 0.06 -6.13
N GLY A 6 8.01 1.01 -6.78
CA GLY A 6 8.71 2.15 -7.37
C GLY A 6 9.42 2.98 -6.30
N SER A 7 10.62 2.53 -5.92
CA SER A 7 11.37 3.18 -4.86
C SER A 7 12.88 3.06 -5.08
N GLY A 8 13.30 1.94 -5.70
CA GLY A 8 14.72 1.70 -5.91
C GLY A 8 15.38 1.11 -4.67
N LYS A 9 14.66 0.23 -3.98
CA LYS A 9 15.15 -0.38 -2.75
C LYS A 9 15.09 -1.89 -2.87
N THR A 10 15.96 -2.57 -2.15
CA THR A 10 16.02 -4.03 -2.18
C THR A 10 14.78 -4.63 -1.50
N TYR A 11 14.65 -5.95 -1.55
CA TYR A 11 13.57 -6.62 -0.86
C TYR A 11 13.66 -6.36 0.64
N ASP A 12 14.86 -6.57 1.18
CA ASP A 12 15.12 -6.44 2.61
C ASP A 12 14.95 -4.99 3.04
N ASP A 13 15.71 -4.10 2.41
CA ASP A 13 15.75 -2.69 2.79
C ASP A 13 14.38 -2.02 2.61
N CYS A 14 13.57 -2.58 1.74
CA CYS A 14 12.24 -2.04 1.49
C CYS A 14 11.17 -2.77 2.32
N CYS A 15 10.63 -3.87 1.79
CA CYS A 15 9.52 -4.58 2.42
C CYS A 15 9.97 -5.41 3.64
N GLY A 16 11.26 -5.74 3.71
CA GLY A 16 11.73 -6.73 4.67
C GLY A 16 11.27 -6.51 6.11
N PRO A 17 11.54 -5.34 6.72
CA PRO A 17 11.15 -5.09 8.12
C PRO A 17 9.63 -5.00 8.31
N LEU A 18 8.93 -4.63 7.24
CA LEU A 18 7.48 -4.49 7.28
C LEU A 18 6.81 -5.86 7.24
N LEU A 19 7.19 -6.68 6.25
CA LEU A 19 6.61 -8.01 6.08
C LEU A 19 7.09 -8.97 7.16
N ALA A 20 8.20 -8.64 7.79
CA ALA A 20 8.68 -9.41 8.94
C ALA A 20 7.88 -9.05 10.19
N ARG A 21 7.00 -8.04 10.06
CA ARG A 21 6.18 -7.56 11.17
C ARG A 21 7.05 -7.10 12.35
N THR A 22 8.32 -6.79 12.07
CA THR A 22 9.28 -6.46 13.11
C THR A 22 9.42 -4.94 13.29
N ARG A 23 9.01 -4.18 12.29
CA ARG A 23 9.14 -2.72 12.34
C ARG A 23 7.91 -2.04 11.75
N SER A 24 7.49 -0.95 12.38
CA SER A 24 6.46 -0.08 11.84
C SER A 24 7.12 1.00 10.99
N ALA A 25 6.62 1.21 9.77
CA ALA A 25 7.24 2.12 8.81
C ALA A 25 7.44 3.53 9.37
N ALA A 26 6.53 3.96 10.25
CA ALA A 26 6.58 5.28 10.86
C ALA A 26 6.47 6.41 9.81
N SER A 27 6.12 6.02 8.59
CA SER A 27 5.94 6.98 7.50
C SER A 27 4.87 6.46 6.53
N PRO A 28 3.92 7.33 6.11
CA PRO A 28 2.81 6.94 5.23
C PRO A 28 3.30 6.32 3.92
N GLU A 29 4.23 6.99 3.25
CA GLU A 29 4.75 6.52 1.97
C GLU A 29 5.58 5.25 2.15
N ALA A 30 6.41 5.22 3.19
CA ALA A 30 7.28 4.07 3.48
C ALA A 30 6.43 2.84 3.75
N LEU A 31 5.29 3.05 4.36
CA LEU A 31 4.35 1.97 4.64
C LEU A 31 3.63 1.59 3.35
N MET A 32 3.21 2.61 2.60
CA MET A 32 2.41 2.43 1.39
C MET A 32 3.16 1.63 0.32
N ARG A 33 4.39 2.02 0.02
CA ARG A 33 5.14 1.37 -1.05
C ARG A 33 5.53 -0.06 -0.66
N SER A 34 5.58 -0.31 0.64
CA SER A 34 5.76 -1.67 1.15
C SER A 34 4.44 -2.43 1.06
N ARG A 35 3.35 -1.71 1.29
CA ARG A 35 2.01 -2.29 1.31
C ARG A 35 1.62 -2.79 -0.09
N TYR A 36 1.96 -1.99 -1.10
CA TYR A 36 1.75 -2.35 -2.50
C TYR A 36 2.38 -3.71 -2.81
N ALA A 37 3.61 -3.89 -2.34
CA ALA A 37 4.37 -5.11 -2.61
C ALA A 37 3.67 -6.33 -2.03
N ALA A 38 3.02 -6.15 -0.89
CA ALA A 38 2.33 -7.26 -0.22
C ALA A 38 1.21 -7.80 -1.11
N TYR A 39 0.60 -6.93 -1.92
CA TYR A 39 -0.43 -7.35 -2.87
C TYR A 39 0.19 -8.22 -3.97
N ALA A 40 1.34 -7.77 -4.48
CA ALA A 40 2.05 -8.52 -5.52
C ALA A 40 2.59 -9.84 -4.96
N LEU A 41 2.95 -9.81 -3.68
CA LEU A 41 3.45 -10.99 -2.98
C LEU A 41 2.29 -11.75 -2.33
N LYS A 42 1.07 -11.41 -2.75
CA LYS A 42 -0.18 -12.03 -2.31
C LYS A 42 -0.20 -12.33 -0.80
N ASP A 43 0.43 -11.46 -0.02
CA ASP A 43 0.31 -11.50 1.44
C ASP A 43 -0.65 -10.39 1.89
N PHE A 44 -1.92 -10.62 1.67
CA PHE A 44 -2.95 -9.62 1.97
C PHE A 44 -3.15 -9.46 3.47
N ASP A 45 -2.56 -10.37 4.25
CA ASP A 45 -2.61 -10.28 5.71
C ASP A 45 -1.96 -8.98 6.18
N TYR A 46 -0.75 -8.72 5.69
CA TYR A 46 -0.02 -7.50 6.04
C TYR A 46 -0.87 -6.27 5.71
N ILE A 47 -1.65 -6.36 4.65
CA ILE A 47 -2.53 -5.27 4.23
C ILE A 47 -3.55 -4.97 5.31
N VAL A 48 -4.27 -6.03 5.70
CA VAL A 48 -5.31 -5.91 6.73
C VAL A 48 -4.72 -5.33 8.02
N GLU A 49 -3.56 -5.85 8.42
CA GLU A 49 -2.88 -5.39 9.64
C GLU A 49 -2.60 -3.89 9.58
N THR A 50 -2.22 -3.40 8.41
CA THR A 50 -1.85 -2.00 8.23
C THR A 50 -3.07 -1.15 7.85
N THR A 51 -4.26 -1.66 8.13
CA THR A 51 -5.49 -0.92 7.86
C THR A 51 -6.04 -0.30 9.15
N ASP A 52 -6.68 0.86 8.99
CA ASP A 52 -7.33 1.56 10.09
C ASP A 52 -8.25 0.63 10.86
N PRO A 53 -8.26 0.69 12.21
CA PRO A 53 -9.08 -0.20 13.04
C PRO A 53 -10.55 -0.23 12.60
N GLU A 54 -11.09 0.92 12.22
CA GLU A 54 -12.49 1.03 11.83
C GLU A 54 -12.71 0.51 10.40
N ARG A 55 -11.75 0.78 9.52
CA ARG A 55 -11.84 0.36 8.12
C ARG A 55 -11.49 -1.13 8.00
N ARG A 56 -10.72 -1.60 8.97
CA ARG A 56 -10.19 -2.96 8.96
C ARG A 56 -11.30 -4.00 9.09
N ASP A 57 -12.42 -3.58 9.68
CA ASP A 57 -13.57 -4.46 9.84
C ASP A 57 -14.19 -4.78 8.49
N LEU A 58 -14.07 -3.83 7.56
CA LEU A 58 -14.61 -3.97 6.21
C LEU A 58 -13.75 -4.94 5.40
N PHE A 59 -12.49 -5.10 5.80
CA PHE A 59 -11.55 -5.95 5.08
C PHE A 59 -11.88 -7.43 5.29
N ASP A 60 -12.56 -8.01 4.32
CA ASP A 60 -12.79 -9.45 4.28
C ASP A 60 -11.64 -10.14 3.56
N HIS A 61 -11.35 -11.38 3.95
CA HIS A 61 -10.23 -12.13 3.38
C HIS A 61 -10.36 -12.26 1.87
N ASP A 62 -11.52 -12.76 1.43
CA ASP A 62 -11.78 -13.01 0.01
C ASP A 62 -11.79 -11.69 -0.78
N VAL A 63 -12.47 -10.70 -0.24
CA VAL A 63 -12.58 -9.39 -0.87
C VAL A 63 -11.20 -8.73 -1.00
N ASN A 64 -10.41 -8.84 0.06
CA ASN A 64 -9.07 -8.24 0.07
C ASN A 64 -8.18 -8.93 -0.98
N ARG A 65 -8.44 -10.22 -1.20
CA ARG A 65 -7.77 -10.98 -2.25
C ARG A 65 -8.30 -10.58 -3.63
N ALA A 66 -9.61 -10.36 -3.70
CA ALA A 66 -10.30 -10.09 -4.97
C ALA A 66 -9.60 -9.00 -5.78
N TRP A 67 -9.15 -7.95 -5.10
CA TRP A 67 -8.49 -6.82 -5.76
C TRP A 67 -7.23 -7.27 -6.50
N MET A 68 -6.36 -8.02 -5.83
CA MET A 68 -5.10 -8.46 -6.43
C MET A 68 -5.35 -9.52 -7.51
N GLU A 69 -6.52 -10.15 -7.45
CA GLU A 69 -6.90 -11.15 -8.43
C GLU A 69 -7.30 -10.48 -9.75
N GLU A 70 -8.06 -9.39 -9.65
CA GLU A 70 -8.50 -8.65 -10.83
C GLU A 70 -7.44 -7.65 -11.28
N SER A 71 -6.54 -7.30 -10.38
CA SER A 71 -5.47 -6.36 -10.67
C SER A 71 -4.11 -7.04 -10.59
N ASP A 72 -3.59 -7.43 -11.76
CA ASP A 72 -2.27 -8.05 -11.86
C ASP A 72 -1.19 -6.98 -11.76
N PHE A 73 -0.74 -6.69 -10.54
CA PHE A 73 0.16 -5.57 -10.28
C PHE A 73 1.46 -5.69 -11.07
N LEU A 74 1.79 -4.61 -11.79
CA LEU A 74 2.95 -4.57 -12.67
C LEU A 74 4.04 -3.65 -12.12
N GLU A 75 3.64 -2.43 -11.76
CA GLU A 75 4.60 -1.44 -11.25
C GLU A 75 3.87 -0.33 -10.49
N LEU A 76 4.58 0.26 -9.53
CA LEU A 76 4.04 1.35 -8.74
C LEU A 76 4.72 2.66 -9.13
N ARG A 77 3.94 3.74 -9.18
CA ARG A 77 4.45 5.07 -9.49
C ARG A 77 3.99 6.06 -8.43
N VAL A 78 4.88 6.36 -7.49
CA VAL A 78 4.57 7.25 -6.38
C VAL A 78 4.71 8.71 -6.82
N LEU A 79 3.62 9.46 -6.71
CA LEU A 79 3.60 10.85 -7.16
C LEU A 79 4.13 11.79 -6.08
N GLY A 80 3.61 11.64 -4.86
CA GLY A 80 4.04 12.48 -3.76
C GLY A 80 3.42 12.08 -2.43
N SER A 81 3.92 12.64 -1.35
CA SER A 81 3.40 12.34 -0.01
C SER A 81 3.75 13.47 0.96
N SER A 82 2.93 13.64 1.99
CA SER A 82 3.16 14.64 3.02
C SER A 82 2.66 14.13 4.37
N GLU A 83 3.47 14.32 5.41
CA GLU A 83 3.10 13.91 6.77
C GLU A 83 2.75 15.14 7.60
N LYS A 84 1.49 15.23 8.01
CA LYS A 84 0.99 16.37 8.78
C LYS A 84 0.62 15.91 10.19
N GLY A 85 1.63 15.82 11.06
CA GLY A 85 1.41 15.37 12.43
C GLY A 85 0.98 13.91 12.50
N SER A 86 -0.27 13.67 12.89
CA SER A 86 -0.81 12.32 12.97
C SER A 86 -1.64 11.99 11.72
N ARG A 87 -1.73 12.97 10.82
CA ARG A 87 -2.42 12.79 9.54
C ARG A 87 -1.38 12.63 8.44
N GLY A 88 -1.56 11.64 7.58
CA GLY A 88 -0.60 11.42 6.50
C GLY A 88 -1.30 11.17 5.18
N THR A 89 -0.72 11.66 4.10
CA THR A 89 -1.29 11.50 2.77
C THR A 89 -0.22 11.14 1.76
N VAL A 90 -0.51 10.16 0.91
CA VAL A 90 0.38 9.77 -0.17
C VAL A 90 -0.42 9.48 -1.44
N GLU A 91 -0.09 10.23 -2.50
CA GLU A 91 -0.73 10.06 -3.80
C GLU A 91 0.17 9.27 -4.73
N PHE A 92 -0.40 8.30 -5.42
CA PHE A 92 0.38 7.44 -6.32
C PHE A 92 -0.51 6.86 -7.40
N ILE A 93 0.09 6.04 -8.26
CA ILE A 93 -0.61 5.35 -9.33
C ILE A 93 -0.20 3.88 -9.35
N ALA A 94 -1.17 2.99 -9.13
CA ALA A 94 -0.94 1.56 -9.20
C ALA A 94 -1.16 1.06 -10.62
N ARG A 95 -0.09 0.64 -11.28
CA ARG A 95 -0.17 0.14 -12.64
C ARG A 95 -0.28 -1.38 -12.62
N PHE A 96 -1.37 -1.89 -13.17
CA PHE A 96 -1.64 -3.32 -13.13
C PHE A 96 -2.31 -3.78 -14.41
N ARG A 97 -2.16 -5.05 -14.72
CA ARG A 97 -2.83 -5.67 -15.84
C ARG A 97 -4.17 -6.23 -15.38
N ARG A 98 -5.24 -5.85 -16.05
CA ARG A 98 -6.57 -6.26 -15.65
C ARG A 98 -6.74 -7.76 -15.90
N GLY A 99 -6.62 -8.54 -14.82
CA GLY A 99 -6.65 -9.98 -14.93
C GLY A 99 -5.49 -10.51 -15.76
N GLY A 100 -5.71 -10.59 -17.07
CA GLY A 100 -4.67 -11.01 -17.98
C GLY A 100 -4.83 -10.36 -19.34
N GLY A 101 -5.46 -9.20 -19.36
CA GLY A 101 -5.69 -8.49 -20.60
C GLY A 101 -4.98 -7.15 -20.67
N PRO A 102 -5.70 -6.03 -20.51
CA PRO A 102 -5.15 -4.68 -20.71
C PRO A 102 -4.35 -4.17 -19.51
N GLU A 103 -3.23 -3.52 -19.79
CA GLU A 103 -2.44 -2.88 -18.75
C GLU A 103 -3.07 -1.54 -18.38
N GLN A 104 -3.69 -1.51 -17.21
CA GLN A 104 -4.47 -0.35 -16.76
C GLN A 104 -3.75 0.31 -15.59
N SER A 105 -4.01 1.60 -15.40
CA SER A 105 -3.35 2.35 -14.33
C SER A 105 -4.39 3.07 -13.46
N HIS A 106 -4.47 2.65 -12.21
CA HIS A 106 -5.38 3.25 -11.24
C HIS A 106 -4.64 4.32 -10.43
N HIS A 107 -5.24 5.49 -10.33
CA HIS A 107 -4.63 6.62 -9.63
C HIS A 107 -5.47 6.95 -8.39
N GLU A 108 -4.88 6.85 -7.22
CA GLU A 108 -5.57 7.17 -5.97
C GLU A 108 -4.71 8.03 -5.06
N ARG A 109 -5.34 8.55 -4.02
CA ARG A 109 -4.69 9.31 -2.98
C ARG A 109 -5.05 8.70 -1.63
N SER A 110 -4.12 7.97 -1.05
CA SER A 110 -4.38 7.24 0.19
C SER A 110 -3.99 8.07 1.40
N GLN A 111 -4.94 8.25 2.31
CA GLN A 111 -4.69 8.94 3.57
C GLN A 111 -4.60 7.94 4.70
N PHE A 112 -3.57 8.09 5.52
CA PHE A 112 -3.30 7.20 6.64
C PHE A 112 -3.47 7.98 7.95
N ARG A 113 -4.07 7.33 8.94
CA ARG A 113 -4.17 7.88 10.28
C ARG A 113 -3.17 7.18 11.19
N LYS A 114 -2.35 7.98 11.89
CA LYS A 114 -1.35 7.43 12.78
C LYS A 114 -1.98 7.03 14.11
N ALA A 115 -2.13 5.73 14.31
CA ALA A 115 -2.73 5.20 15.53
C ALA A 115 -1.69 4.42 16.33
N ARG A 116 -1.54 4.78 17.60
CA ARG A 116 -0.62 4.10 18.51
C ARG A 116 0.83 4.22 18.01
N GLY A 117 1.08 5.24 17.20
CA GLY A 117 2.42 5.46 16.66
C GLY A 117 2.65 4.82 15.31
N ARG A 118 1.70 3.97 14.87
CA ARG A 118 1.81 3.32 13.56
C ARG A 118 0.84 3.97 12.59
N TRP A 119 1.14 3.92 11.30
CA TRP A 119 0.25 4.48 10.30
C TRP A 119 -0.72 3.40 9.83
N TYR A 120 -1.99 3.77 9.71
CA TYR A 120 -3.02 2.84 9.28
C TYR A 120 -3.82 3.43 8.13
N PHE A 121 -4.00 2.64 7.08
CA PHE A 121 -4.77 3.04 5.90
C PHE A 121 -6.22 3.36 6.30
N SER A 122 -6.62 4.61 6.08
CA SER A 122 -7.96 5.04 6.45
C SER A 122 -8.86 5.15 5.21
N GLU A 123 -8.35 5.79 4.16
CA GLU A 123 -9.16 6.04 2.97
C GLU A 123 -8.29 6.11 1.71
N GLY A 124 -8.71 5.41 0.67
CA GLY A 124 -8.00 5.41 -0.60
C GLY A 124 -8.88 5.90 -1.74
N GLU A 125 -8.99 7.22 -1.85
CA GLU A 125 -9.89 7.85 -2.81
C GLU A 125 -9.28 7.87 -4.22
N ALA A 126 -10.07 7.50 -5.22
CA ALA A 126 -9.62 7.52 -6.61
C ALA A 126 -9.60 8.94 -7.14
N VAL A 127 -8.42 9.52 -7.25
CA VAL A 127 -8.25 10.88 -7.73
C VAL A 127 -7.59 10.90 -9.10
N ASP A 128 -7.82 11.97 -9.84
CA ASP A 128 -7.23 12.14 -11.16
C ASP A 128 -6.44 13.45 -11.20
N MET A 1 18.04 -8.64 -6.23
CA MET A 1 16.58 -8.72 -6.21
C MET A 1 15.97 -7.36 -5.90
N ASN A 2 15.37 -6.73 -6.91
CA ASN A 2 14.72 -5.43 -6.73
C ASN A 2 13.30 -5.61 -6.20
N CYS A 3 12.93 -4.82 -5.20
CA CYS A 3 11.61 -4.92 -4.59
C CYS A 3 10.59 -4.12 -5.41
N VAL A 4 9.45 -4.72 -5.70
CA VAL A 4 8.37 -4.03 -6.39
C VAL A 4 7.81 -2.91 -5.49
N CYS A 5 8.54 -1.82 -5.45
CA CYS A 5 8.20 -0.67 -4.61
C CYS A 5 9.01 0.55 -5.05
N GLY A 6 8.37 1.72 -5.09
CA GLY A 6 9.10 2.96 -5.31
C GLY A 6 10.17 3.16 -4.26
N SER A 7 11.35 2.58 -4.51
CA SER A 7 12.46 2.59 -3.55
C SER A 7 13.70 1.94 -4.18
N GLY A 8 13.51 0.79 -4.82
CA GLY A 8 14.59 0.11 -5.49
C GLY A 8 15.34 -0.86 -4.58
N LYS A 9 15.05 -0.78 -3.28
CA LYS A 9 15.73 -1.62 -2.29
C LYS A 9 15.29 -3.07 -2.41
N THR A 10 15.97 -3.98 -1.70
CA THR A 10 15.65 -5.40 -1.75
C THR A 10 14.34 -5.70 -1.02
N TYR A 11 13.86 -6.94 -1.13
CA TYR A 11 12.68 -7.38 -0.41
C TYR A 11 12.88 -7.19 1.09
N ASP A 12 13.98 -7.75 1.59
CA ASP A 12 14.33 -7.66 3.00
C ASP A 12 14.55 -6.21 3.41
N ASP A 13 15.47 -5.53 2.71
CA ASP A 13 15.86 -4.17 3.05
C ASP A 13 14.65 -3.24 3.07
N CYS A 14 13.69 -3.53 2.21
CA CYS A 14 12.49 -2.72 2.08
C CYS A 14 11.31 -3.31 2.87
N CYS A 15 10.65 -4.32 2.32
CA CYS A 15 9.42 -4.86 2.93
C CYS A 15 9.68 -5.71 4.18
N GLY A 16 10.89 -6.26 4.30
CA GLY A 16 11.15 -7.28 5.33
C GLY A 16 10.69 -6.89 6.73
N PRO A 17 11.14 -5.75 7.28
CA PRO A 17 10.76 -5.33 8.63
C PRO A 17 9.29 -4.90 8.74
N LEU A 18 8.73 -4.44 7.62
CA LEU A 18 7.36 -3.95 7.58
C LEU A 18 6.36 -5.11 7.60
N LEU A 19 6.59 -6.11 6.75
CA LEU A 19 5.69 -7.25 6.61
C LEU A 19 5.59 -8.04 7.93
N ALA A 20 6.68 -8.04 8.70
CA ALA A 20 6.67 -8.67 10.01
C ALA A 20 6.02 -7.75 11.06
N ARG A 21 5.91 -6.48 10.70
CA ARG A 21 5.37 -5.43 11.58
C ARG A 21 6.27 -5.22 12.80
N THR A 22 7.48 -5.79 12.75
CA THR A 22 8.44 -5.65 13.84
C THR A 22 8.92 -4.20 13.94
N ARG A 23 8.97 -3.53 12.80
CA ARG A 23 9.45 -2.15 12.74
C ARG A 23 8.37 -1.23 12.16
N SER A 24 8.14 -0.12 12.84
CA SER A 24 7.17 0.87 12.39
C SER A 24 7.83 1.84 11.41
N ALA A 25 7.32 1.88 10.18
CA ALA A 25 7.85 2.76 9.13
C ALA A 25 7.95 4.21 9.61
N ALA A 26 6.94 4.63 10.38
CA ALA A 26 6.89 5.98 10.95
C ALA A 26 6.84 7.06 9.85
N SER A 27 6.58 6.63 8.62
CA SER A 27 6.48 7.54 7.49
C SER A 27 5.42 7.02 6.51
N PRO A 28 4.48 7.89 6.06
CA PRO A 28 3.35 7.48 5.22
C PRO A 28 3.79 6.72 3.96
N GLU A 29 4.71 7.31 3.20
CA GLU A 29 5.18 6.69 1.96
C GLU A 29 5.98 5.41 2.27
N ALA A 30 6.75 5.45 3.35
CA ALA A 30 7.59 4.32 3.74
C ALA A 30 6.75 3.08 4.00
N LEU A 31 5.60 3.28 4.62
CA LEU A 31 4.66 2.21 4.88
C LEU A 31 3.93 1.85 3.59
N MET A 32 3.50 2.86 2.85
CA MET A 32 2.66 2.67 1.67
C MET A 32 3.37 1.85 0.59
N ARG A 33 4.62 2.21 0.25
CA ARG A 33 5.32 1.53 -0.84
C ARG A 33 5.66 0.08 -0.44
N SER A 34 5.80 -0.14 0.86
CA SER A 34 6.02 -1.49 1.38
C SER A 34 4.71 -2.27 1.39
N ARG A 35 3.62 -1.55 1.64
CA ARG A 35 2.28 -2.13 1.70
C ARG A 35 1.89 -2.66 0.32
N TYR A 36 2.15 -1.84 -0.71
CA TYR A 36 1.84 -2.21 -2.10
C TYR A 36 2.46 -3.56 -2.47
N ALA A 37 3.71 -3.76 -2.07
CA ALA A 37 4.44 -4.98 -2.41
C ALA A 37 3.68 -6.22 -1.95
N ALA A 38 2.99 -6.10 -0.82
CA ALA A 38 2.21 -7.21 -0.28
C ALA A 38 1.12 -7.63 -1.25
N TYR A 39 0.54 -6.65 -1.93
CA TYR A 39 -0.55 -6.91 -2.88
C TYR A 39 0.01 -7.62 -4.12
N ALA A 40 1.17 -7.17 -4.58
CA ALA A 40 1.83 -7.75 -5.75
C ALA A 40 2.37 -9.15 -5.43
N LEU A 41 2.74 -9.36 -4.18
CA LEU A 41 3.29 -10.64 -3.72
C LEU A 41 2.20 -11.50 -3.09
N LYS A 42 0.95 -11.17 -3.43
CA LYS A 42 -0.26 -11.89 -2.95
C LYS A 42 -0.26 -12.14 -1.44
N ASP A 43 0.50 -11.35 -0.69
CA ASP A 43 0.41 -11.33 0.77
C ASP A 43 -0.51 -10.19 1.19
N PHE A 44 -1.74 -10.24 0.67
CA PHE A 44 -2.71 -9.16 0.83
C PHE A 44 -3.19 -9.06 2.29
N ASP A 45 -2.92 -10.08 3.08
CA ASP A 45 -3.26 -10.07 4.50
C ASP A 45 -2.60 -8.88 5.19
N TYR A 46 -1.39 -8.56 4.74
CA TYR A 46 -0.62 -7.45 5.30
C TYR A 46 -1.33 -6.12 5.02
N ILE A 47 -2.03 -6.04 3.88
CA ILE A 47 -2.78 -4.85 3.53
C ILE A 47 -3.79 -4.52 4.63
N VAL A 48 -4.44 -5.55 5.12
CA VAL A 48 -5.42 -5.41 6.20
C VAL A 48 -4.71 -5.01 7.49
N GLU A 49 -3.58 -5.66 7.76
CA GLU A 49 -2.76 -5.37 8.94
C GLU A 49 -2.33 -3.90 8.97
N THR A 50 -2.23 -3.28 7.80
CA THR A 50 -1.81 -1.89 7.68
C THR A 50 -2.99 -0.97 7.37
N THR A 51 -4.19 -1.42 7.70
CA THR A 51 -5.38 -0.58 7.55
C THR A 51 -5.76 0.03 8.90
N ASP A 52 -6.37 1.21 8.86
CA ASP A 52 -6.77 1.95 10.06
C ASP A 52 -7.54 1.02 11.00
N PRO A 53 -7.18 1.00 12.29
CA PRO A 53 -7.86 0.15 13.29
C PRO A 53 -9.37 0.41 13.30
N GLU A 54 -9.78 1.56 12.77
CA GLU A 54 -11.20 1.91 12.69
C GLU A 54 -11.80 1.47 11.34
N ARG A 55 -10.99 1.48 10.28
CA ARG A 55 -11.46 1.14 8.93
C ARG A 55 -11.24 -0.34 8.64
N ARG A 56 -10.42 -0.99 9.45
CA ARG A 56 -10.00 -2.37 9.19
C ARG A 56 -11.18 -3.34 9.22
N ASP A 57 -12.26 -2.91 9.89
CA ASP A 57 -13.47 -3.71 10.00
C ASP A 57 -14.14 -3.84 8.64
N LEU A 58 -13.96 -2.82 7.80
CA LEU A 58 -14.56 -2.78 6.46
C LEU A 58 -13.73 -3.57 5.45
N PHE A 59 -12.61 -4.13 5.90
CA PHE A 59 -11.72 -4.89 5.03
C PHE A 59 -12.01 -6.39 5.11
N ASP A 60 -12.19 -7.01 3.94
CA ASP A 60 -12.41 -8.45 3.84
C ASP A 60 -11.35 -9.06 2.94
N HIS A 61 -10.94 -10.29 3.26
CA HIS A 61 -9.91 -10.99 2.50
C HIS A 61 -10.35 -11.20 1.04
N ASP A 62 -11.57 -11.70 0.88
CA ASP A 62 -12.10 -12.03 -0.46
C ASP A 62 -12.18 -10.79 -1.33
N VAL A 63 -12.70 -9.70 -0.78
CA VAL A 63 -12.87 -8.46 -1.54
C VAL A 63 -11.52 -7.95 -2.05
N ASN A 64 -10.55 -7.85 -1.14
CA ASN A 64 -9.21 -7.40 -1.49
C ASN A 64 -8.59 -8.32 -2.54
N ARG A 65 -8.85 -9.62 -2.39
CA ARG A 65 -8.37 -10.60 -3.35
C ARG A 65 -8.95 -10.34 -4.73
N ALA A 66 -10.26 -10.12 -4.79
CA ALA A 66 -10.97 -9.88 -6.04
C ALA A 66 -10.27 -8.78 -6.85
N TRP A 67 -9.87 -7.72 -6.15
CA TRP A 67 -9.19 -6.59 -6.78
C TRP A 67 -7.89 -7.04 -7.46
N MET A 68 -7.06 -7.79 -6.74
CA MET A 68 -5.77 -8.23 -7.28
C MET A 68 -5.97 -9.30 -8.35
N GLU A 69 -7.13 -9.94 -8.36
CA GLU A 69 -7.43 -10.97 -9.35
C GLU A 69 -7.82 -10.35 -10.68
N GLU A 70 -8.64 -9.30 -10.63
CA GLU A 70 -9.07 -8.60 -11.84
C GLU A 70 -7.98 -7.64 -12.34
N SER A 71 -7.10 -7.23 -11.44
CA SER A 71 -6.03 -6.29 -11.78
C SER A 71 -4.69 -6.75 -11.19
N ASP A 72 -3.80 -7.21 -12.06
CA ASP A 72 -2.46 -7.63 -11.64
C ASP A 72 -1.59 -6.39 -11.45
N PHE A 73 -1.15 -6.13 -10.23
CA PHE A 73 -0.38 -4.92 -9.94
C PHE A 73 1.07 -5.08 -10.41
N LEU A 74 1.47 -4.24 -11.37
CA LEU A 74 2.80 -4.31 -11.98
C LEU A 74 3.75 -3.27 -11.39
N GLU A 75 3.29 -2.04 -11.23
CA GLU A 75 4.16 -0.92 -10.87
C GLU A 75 3.47 0.04 -9.91
N LEU A 76 4.24 0.56 -8.95
CA LEU A 76 3.78 1.63 -8.08
C LEU A 76 4.55 2.91 -8.41
N ARG A 77 3.84 4.02 -8.52
CA ARG A 77 4.44 5.30 -8.87
C ARG A 77 4.08 6.33 -7.81
N VAL A 78 5.00 6.57 -6.89
CA VAL A 78 4.77 7.49 -5.79
C VAL A 78 4.98 8.93 -6.26
N LEU A 79 3.94 9.74 -6.17
CA LEU A 79 3.99 11.11 -6.66
C LEU A 79 4.47 12.06 -5.57
N GLY A 80 3.85 11.98 -4.39
CA GLY A 80 4.22 12.85 -3.28
C GLY A 80 3.64 12.38 -1.96
N SER A 81 4.24 12.82 -0.86
CA SER A 81 3.80 12.41 0.48
C SER A 81 3.88 13.58 1.45
N SER A 82 3.10 13.51 2.52
CA SER A 82 3.09 14.56 3.55
C SER A 82 2.67 13.97 4.90
N GLU A 83 3.56 14.07 5.89
CA GLU A 83 3.24 13.66 7.27
C GLU A 83 2.96 14.89 8.12
N LYS A 84 1.72 15.01 8.61
CA LYS A 84 1.31 16.16 9.40
C LYS A 84 0.99 15.73 10.84
N GLY A 85 2.02 15.59 11.66
CA GLY A 85 1.84 15.22 13.05
C GLY A 85 1.41 13.76 13.22
N SER A 86 0.13 13.49 12.94
CA SER A 86 -0.41 12.13 13.03
C SER A 86 -1.31 11.82 11.84
N ARG A 87 -1.74 12.86 11.14
CA ARG A 87 -2.51 12.71 9.91
C ARG A 87 -1.55 12.82 8.73
N GLY A 88 -1.66 11.89 7.78
CA GLY A 88 -0.76 11.90 6.65
C GLY A 88 -1.47 11.60 5.35
N THR A 89 -0.80 11.89 4.25
CA THR A 89 -1.36 11.64 2.93
C THR A 89 -0.23 11.38 1.93
N VAL A 90 -0.44 10.44 1.03
CA VAL A 90 0.51 10.15 -0.04
C VAL A 90 -0.24 9.85 -1.33
N GLU A 91 0.10 10.60 -2.37
CA GLU A 91 -0.55 10.47 -3.67
C GLU A 91 0.33 9.60 -4.57
N PHE A 92 -0.30 8.65 -5.25
CA PHE A 92 0.43 7.71 -6.09
C PHE A 92 -0.41 7.27 -7.28
N ILE A 93 0.24 6.58 -8.21
CA ILE A 93 -0.42 5.97 -9.36
C ILE A 93 -0.07 4.49 -9.39
N ALA A 94 -1.08 3.65 -9.21
CA ALA A 94 -0.88 2.21 -9.24
C ALA A 94 -1.11 1.67 -10.65
N ARG A 95 -0.06 1.10 -11.24
CA ARG A 95 -0.16 0.49 -12.57
C ARG A 95 -0.44 -1.00 -12.43
N PHE A 96 -1.49 -1.45 -13.08
CA PHE A 96 -1.86 -2.86 -13.05
C PHE A 96 -2.36 -3.30 -14.42
N ARG A 97 -2.20 -4.58 -14.71
CA ARG A 97 -2.65 -5.15 -15.96
C ARG A 97 -4.09 -5.61 -15.80
N ARG A 98 -5.00 -4.94 -16.49
CA ARG A 98 -6.43 -5.21 -16.37
C ARG A 98 -6.77 -6.54 -17.04
N GLY A 99 -7.17 -7.52 -16.23
CA GLY A 99 -7.51 -8.83 -16.73
C GLY A 99 -6.33 -9.53 -17.39
N GLY A 100 -6.28 -9.49 -18.72
CA GLY A 100 -5.23 -10.15 -19.46
C GLY A 100 -4.92 -9.43 -20.75
N GLY A 101 -4.80 -8.11 -20.68
CA GLY A 101 -4.50 -7.32 -21.86
C GLY A 101 -3.65 -6.09 -21.55
N PRO A 102 -4.28 -4.91 -21.48
CA PRO A 102 -3.56 -3.65 -21.31
C PRO A 102 -3.21 -3.34 -19.86
N GLU A 103 -2.25 -2.44 -19.67
CA GLU A 103 -1.87 -1.96 -18.34
C GLU A 103 -2.61 -0.67 -18.04
N GLN A 104 -3.53 -0.74 -17.09
CA GLN A 104 -4.32 0.42 -16.69
C GLN A 104 -3.75 1.01 -15.40
N SER A 105 -3.85 2.32 -15.25
CA SER A 105 -3.30 3.00 -14.08
C SER A 105 -4.40 3.64 -13.24
N HIS A 106 -4.22 3.63 -11.93
CA HIS A 106 -5.16 4.22 -10.99
C HIS A 106 -4.48 5.33 -10.18
N HIS A 107 -4.80 6.57 -10.51
CA HIS A 107 -4.23 7.74 -9.84
C HIS A 107 -5.08 8.10 -8.61
N GLU A 108 -4.58 7.78 -7.43
CA GLU A 108 -5.32 7.99 -6.19
C GLU A 108 -4.45 8.68 -5.14
N ARG A 109 -5.09 9.52 -4.34
CA ARG A 109 -4.44 10.19 -3.22
C ARG A 109 -5.06 9.70 -1.92
N SER A 110 -4.36 8.79 -1.24
CA SER A 110 -4.90 8.12 -0.07
C SER A 110 -4.45 8.80 1.22
N GLN A 111 -5.38 8.90 2.18
CA GLN A 111 -5.08 9.44 3.50
C GLN A 111 -4.75 8.30 4.46
N PHE A 112 -3.77 8.53 5.31
CA PHE A 112 -3.31 7.54 6.28
C PHE A 112 -3.33 8.14 7.68
N ARG A 113 -3.40 7.28 8.69
CA ARG A 113 -3.38 7.69 10.09
C ARG A 113 -2.20 7.05 10.81
N LYS A 114 -1.49 7.84 11.60
CA LYS A 114 -0.33 7.36 12.34
C LYS A 114 -0.75 6.91 13.73
N ALA A 115 -0.76 5.59 13.94
CA ALA A 115 -1.15 5.02 15.23
C ALA A 115 -0.03 4.13 15.76
N ARG A 116 0.39 4.39 17.01
CA ARG A 116 1.44 3.62 17.66
C ARG A 116 2.76 3.74 16.88
N GLY A 117 2.86 4.79 16.06
CA GLY A 117 4.05 5.01 15.25
C GLY A 117 3.94 4.38 13.88
N ARG A 118 2.96 3.49 13.70
CA ARG A 118 2.74 2.85 12.41
C ARG A 118 1.78 3.68 11.58
N TRP A 119 1.82 3.52 10.27
CA TRP A 119 0.89 4.18 9.39
C TRP A 119 -0.16 3.20 8.88
N TYR A 120 -1.42 3.58 9.04
CA TYR A 120 -2.54 2.74 8.66
C TYR A 120 -3.41 3.48 7.64
N PHE A 121 -3.90 2.75 6.65
CA PHE A 121 -4.78 3.32 5.62
C PHE A 121 -6.11 3.76 6.22
N SER A 122 -6.43 5.05 6.08
CA SER A 122 -7.68 5.59 6.61
C SER A 122 -8.73 5.66 5.51
N GLU A 123 -8.36 6.25 4.37
CA GLU A 123 -9.29 6.46 3.27
C GLU A 123 -8.55 6.84 2.00
N GLY A 124 -9.27 6.89 0.90
CA GLY A 124 -8.68 7.24 -0.38
C GLY A 124 -9.70 7.17 -1.50
N GLU A 125 -9.32 7.66 -2.67
CA GLU A 125 -10.19 7.63 -3.84
C GLU A 125 -9.44 8.09 -5.08
N ALA A 126 -9.88 7.63 -6.24
CA ALA A 126 -9.29 8.03 -7.51
C ALA A 126 -9.39 9.54 -7.67
N VAL A 127 -8.24 10.22 -7.56
CA VAL A 127 -8.20 11.67 -7.60
C VAL A 127 -8.09 12.16 -9.05
N ASP A 128 -8.96 13.09 -9.42
CA ASP A 128 -8.97 13.66 -10.76
C ASP A 128 -7.95 14.80 -10.86
N MET A 1 17.67 -7.31 -8.96
CA MET A 1 16.43 -7.64 -8.24
C MET A 1 16.09 -6.56 -7.22
N ASN A 2 15.11 -5.73 -7.54
CA ASN A 2 14.66 -4.67 -6.64
C ASN A 2 13.30 -5.04 -6.07
N CYS A 3 12.86 -4.28 -5.08
CA CYS A 3 11.58 -4.54 -4.42
C CYS A 3 10.44 -3.86 -5.17
N VAL A 4 9.37 -4.60 -5.45
CA VAL A 4 8.17 -4.01 -6.04
C VAL A 4 7.60 -2.93 -5.12
N CYS A 5 8.19 -1.76 -5.20
CA CYS A 5 7.85 -0.64 -4.34
C CYS A 5 8.47 0.65 -4.90
N GLY A 6 8.06 1.79 -4.36
CA GLY A 6 8.76 3.03 -4.61
C GLY A 6 10.04 3.10 -3.82
N SER A 7 10.86 2.06 -3.93
CA SER A 7 12.08 1.90 -3.15
C SER A 7 13.01 0.93 -3.87
N GLY A 8 14.17 1.42 -4.30
CA GLY A 8 15.10 0.60 -5.05
C GLY A 8 15.77 -0.48 -4.21
N LYS A 9 15.45 -0.48 -2.91
CA LYS A 9 16.01 -1.47 -1.97
C LYS A 9 15.42 -2.85 -2.22
N THR A 10 16.04 -3.85 -1.62
CA THR A 10 15.61 -5.24 -1.78
C THR A 10 14.30 -5.51 -1.04
N TYR A 11 13.83 -6.75 -1.12
CA TYR A 11 12.68 -7.19 -0.34
C TYR A 11 12.96 -7.04 1.14
N ASP A 12 14.11 -7.56 1.58
CA ASP A 12 14.50 -7.52 2.98
C ASP A 12 14.72 -6.08 3.45
N ASP A 13 15.62 -5.37 2.78
CA ASP A 13 15.98 -4.01 3.17
C ASP A 13 14.76 -3.10 3.21
N CYS A 14 13.81 -3.36 2.32
CA CYS A 14 12.59 -2.56 2.27
C CYS A 14 11.44 -3.21 3.07
N CYS A 15 10.80 -4.24 2.51
CA CYS A 15 9.61 -4.84 3.13
C CYS A 15 9.95 -5.69 4.36
N GLY A 16 11.19 -6.15 4.45
CA GLY A 16 11.56 -7.14 5.46
C GLY A 16 11.12 -6.79 6.88
N PRO A 17 11.49 -5.59 7.40
CA PRO A 17 11.11 -5.17 8.76
C PRO A 17 9.60 -4.92 8.91
N LEU A 18 8.95 -4.53 7.82
CA LEU A 18 7.52 -4.22 7.83
C LEU A 18 6.69 -5.50 7.90
N LEU A 19 6.97 -6.42 6.98
CA LEU A 19 6.26 -7.71 6.92
C LEU A 19 6.60 -8.57 8.13
N ALA A 20 7.74 -8.28 8.75
CA ALA A 20 8.15 -8.97 9.97
C ALA A 20 7.28 -8.51 11.16
N ARG A 21 6.50 -7.44 10.93
CA ARG A 21 5.58 -6.90 11.94
C ARG A 21 6.34 -6.33 13.14
N THR A 22 7.66 -6.23 13.03
CA THR A 22 8.49 -5.81 14.15
C THR A 22 8.76 -4.31 14.14
N ARG A 23 9.02 -3.76 12.96
CA ARG A 23 9.38 -2.35 12.84
C ARG A 23 8.24 -1.53 12.26
N SER A 24 8.10 -0.30 12.77
CA SER A 24 7.12 0.64 12.26
C SER A 24 7.73 1.48 11.14
N ALA A 25 6.98 1.65 10.05
CA ALA A 25 7.43 2.47 8.93
C ALA A 25 7.74 3.90 9.39
N ALA A 26 6.93 4.39 10.34
CA ALA A 26 7.12 5.71 10.94
C ALA A 26 6.87 6.85 9.93
N SER A 27 6.42 6.48 8.74
CA SER A 27 6.13 7.45 7.68
C SER A 27 5.04 6.89 6.76
N PRO A 28 4.06 7.72 6.35
CA PRO A 28 2.93 7.27 5.52
C PRO A 28 3.41 6.66 4.21
N GLU A 29 4.37 7.31 3.57
CA GLU A 29 4.92 6.82 2.31
C GLU A 29 5.71 5.53 2.55
N ALA A 30 6.42 5.47 3.67
CA ALA A 30 7.23 4.31 4.01
C ALA A 30 6.36 3.08 4.26
N LEU A 31 5.11 3.33 4.66
CA LEU A 31 4.17 2.26 4.94
C LEU A 31 3.50 1.79 3.64
N MET A 32 2.98 2.74 2.86
CA MET A 32 2.15 2.41 1.70
C MET A 32 2.91 1.59 0.65
N ARG A 33 4.19 1.89 0.41
CA ARG A 33 4.93 1.17 -0.64
C ARG A 33 5.31 -0.23 -0.18
N SER A 34 5.43 -0.41 1.13
CA SER A 34 5.70 -1.73 1.70
C SER A 34 4.42 -2.56 1.69
N ARG A 35 3.32 -1.88 1.99
CA ARG A 35 1.98 -2.47 1.91
C ARG A 35 1.69 -2.91 0.48
N TYR A 36 2.05 -2.07 -0.47
CA TYR A 36 1.89 -2.36 -1.89
C TYR A 36 2.57 -3.68 -2.26
N ALA A 37 3.80 -3.86 -1.79
CA ALA A 37 4.57 -5.07 -2.08
C ALA A 37 3.85 -6.32 -1.57
N ALA A 38 3.28 -6.22 -0.38
CA ALA A 38 2.55 -7.34 0.21
C ALA A 38 1.34 -7.69 -0.65
N TYR A 39 0.79 -6.70 -1.32
CA TYR A 39 -0.36 -6.90 -2.18
C TYR A 39 0.08 -7.55 -3.49
N ALA A 40 1.27 -7.19 -3.96
CA ALA A 40 1.87 -7.81 -5.12
C ALA A 40 2.20 -9.27 -4.83
N LEU A 41 2.58 -9.53 -3.57
CA LEU A 41 2.86 -10.89 -3.10
C LEU A 41 1.57 -11.56 -2.61
N LYS A 42 0.43 -11.00 -3.04
CA LYS A 42 -0.92 -11.48 -2.70
C LYS A 42 -1.10 -11.85 -1.22
N ASP A 43 -0.28 -11.26 -0.36
CA ASP A 43 -0.48 -11.41 1.09
C ASP A 43 -1.45 -10.33 1.56
N PHE A 44 -2.71 -10.47 1.13
CA PHE A 44 -3.74 -9.50 1.43
C PHE A 44 -4.03 -9.44 2.93
N ASP A 45 -3.51 -10.42 3.67
CA ASP A 45 -3.67 -10.46 5.12
C ASP A 45 -2.88 -9.33 5.78
N TYR A 46 -1.62 -9.15 5.36
CA TYR A 46 -0.81 -8.05 5.88
C TYR A 46 -1.47 -6.72 5.55
N ILE A 47 -2.15 -6.69 4.41
CA ILE A 47 -2.85 -5.49 3.96
C ILE A 47 -3.96 -5.11 4.93
N VAL A 48 -4.83 -6.07 5.22
CA VAL A 48 -5.95 -5.82 6.13
C VAL A 48 -5.43 -5.44 7.52
N GLU A 49 -4.31 -6.04 7.90
CA GLU A 49 -3.65 -5.74 9.18
C GLU A 49 -3.16 -4.30 9.23
N THR A 50 -2.64 -3.80 8.11
CA THR A 50 -2.10 -2.44 8.05
C THR A 50 -3.17 -1.44 7.60
N THR A 51 -4.43 -1.83 7.72
CA THR A 51 -5.54 -0.94 7.40
C THR A 51 -6.10 -0.33 8.69
N ASP A 52 -6.69 0.87 8.56
CA ASP A 52 -7.25 1.60 9.70
C ASP A 52 -8.17 0.69 10.51
N PRO A 53 -8.08 0.71 11.85
CA PRO A 53 -8.90 -0.14 12.72
C PRO A 53 -10.40 -0.01 12.40
N GLU A 54 -10.80 1.17 11.95
CA GLU A 54 -12.19 1.43 11.60
C GLU A 54 -12.52 0.84 10.24
N ARG A 55 -11.58 1.00 9.30
CA ARG A 55 -11.79 0.53 7.93
C ARG A 55 -11.63 -0.99 7.84
N ARG A 56 -10.87 -1.55 8.77
CA ARG A 56 -10.58 -2.98 8.76
C ARG A 56 -11.87 -3.79 8.88
N ASP A 57 -12.90 -3.14 9.41
CA ASP A 57 -14.25 -3.73 9.49
C ASP A 57 -14.80 -3.94 8.08
N LEU A 58 -14.61 -2.95 7.21
CA LEU A 58 -15.10 -3.00 5.84
C LEU A 58 -14.07 -3.65 4.94
N PHE A 59 -12.84 -3.74 5.43
CA PHE A 59 -11.72 -4.25 4.64
C PHE A 59 -11.65 -5.76 4.73
N ASP A 60 -12.53 -6.44 3.99
CA ASP A 60 -12.59 -7.90 4.00
C ASP A 60 -11.38 -8.51 3.30
N HIS A 61 -10.86 -9.60 3.87
CA HIS A 61 -9.80 -10.37 3.22
C HIS A 61 -10.25 -10.77 1.82
N ASP A 62 -11.52 -11.13 1.72
CA ASP A 62 -12.12 -11.62 0.47
C ASP A 62 -12.07 -10.56 -0.62
N VAL A 63 -12.53 -9.35 -0.28
CA VAL A 63 -12.55 -8.24 -1.24
C VAL A 63 -11.14 -7.93 -1.71
N ASN A 64 -10.18 -8.03 -0.79
CA ASN A 64 -8.77 -7.82 -1.11
C ASN A 64 -8.32 -8.80 -2.17
N ARG A 65 -8.71 -10.06 -2.00
CA ARG A 65 -8.40 -11.10 -2.99
C ARG A 65 -9.00 -10.72 -4.33
N ALA A 66 -10.31 -10.49 -4.35
CA ALA A 66 -11.03 -10.13 -5.57
C ALA A 66 -10.33 -8.99 -6.31
N TRP A 67 -9.88 -8.00 -5.54
CA TRP A 67 -9.22 -6.83 -6.12
C TRP A 67 -7.86 -7.21 -6.72
N MET A 68 -7.05 -7.95 -5.97
CA MET A 68 -5.71 -8.31 -6.42
C MET A 68 -5.78 -9.21 -7.65
N GLU A 69 -6.91 -9.91 -7.82
CA GLU A 69 -7.13 -10.75 -8.98
C GLU A 69 -7.44 -9.89 -10.20
N GLU A 70 -8.32 -8.90 -10.02
CA GLU A 70 -8.78 -8.07 -11.13
C GLU A 70 -7.76 -6.96 -11.48
N SER A 71 -6.60 -7.00 -10.84
CA SER A 71 -5.53 -6.06 -11.13
C SER A 71 -4.17 -6.60 -10.69
N ASP A 72 -3.33 -6.94 -11.67
CA ASP A 72 -1.97 -7.42 -11.40
C ASP A 72 -1.03 -6.25 -11.20
N PHE A 73 -0.70 -5.96 -9.94
CA PHE A 73 0.10 -4.79 -9.60
C PHE A 73 1.51 -4.89 -10.18
N LEU A 74 1.86 -3.91 -11.00
CA LEU A 74 3.12 -3.92 -11.75
C LEU A 74 4.12 -2.94 -11.12
N GLU A 75 3.71 -1.69 -10.98
CA GLU A 75 4.61 -0.61 -10.59
C GLU A 75 3.88 0.43 -9.76
N LEU A 76 4.50 0.86 -8.67
CA LEU A 76 3.99 1.96 -7.85
C LEU A 76 4.80 3.22 -8.14
N ARG A 77 4.11 4.35 -8.21
CA ARG A 77 4.72 5.60 -8.63
C ARG A 77 4.30 6.74 -7.70
N VAL A 78 5.20 7.13 -6.82
CA VAL A 78 4.93 8.15 -5.81
C VAL A 78 4.88 9.54 -6.45
N LEU A 79 3.90 10.35 -6.05
CA LEU A 79 3.76 11.71 -6.56
C LEU A 79 4.04 12.73 -5.45
N GLY A 80 3.35 12.56 -4.32
CA GLY A 80 3.52 13.47 -3.19
C GLY A 80 3.19 12.79 -1.88
N SER A 81 3.68 13.35 -0.78
CA SER A 81 3.48 12.77 0.55
C SER A 81 3.79 13.78 1.64
N SER A 82 3.01 13.74 2.73
CA SER A 82 3.20 14.64 3.86
C SER A 82 2.73 13.97 5.16
N GLU A 83 3.57 14.03 6.19
CA GLU A 83 3.19 13.53 7.51
C GLU A 83 2.68 14.69 8.38
N LYS A 84 1.40 14.63 8.73
CA LYS A 84 0.78 15.66 9.56
C LYS A 84 0.64 15.15 10.99
N GLY A 85 1.77 14.80 11.60
CA GLY A 85 1.77 14.29 12.95
C GLY A 85 1.14 12.92 13.07
N SER A 86 -0.13 12.89 13.51
CA SER A 86 -0.86 11.64 13.66
C SER A 86 -1.63 11.30 12.38
N ARG A 87 -1.80 12.31 11.52
CA ARG A 87 -2.47 12.13 10.24
C ARG A 87 -1.42 12.13 9.13
N GLY A 88 -1.68 11.38 8.06
CA GLY A 88 -0.76 11.36 6.94
C GLY A 88 -1.48 11.31 5.63
N THR A 89 -0.87 11.86 4.59
CA THR A 89 -1.45 11.85 3.26
C THR A 89 -0.37 11.61 2.22
N VAL A 90 -0.59 10.63 1.34
CA VAL A 90 0.34 10.34 0.26
C VAL A 90 -0.44 10.06 -1.03
N GLU A 91 -0.10 10.79 -2.08
CA GLU A 91 -0.74 10.64 -3.38
C GLU A 91 0.22 9.95 -4.34
N PHE A 92 -0.27 8.94 -5.04
CA PHE A 92 0.57 8.14 -5.93
C PHE A 92 -0.25 7.53 -7.06
N ILE A 93 0.42 6.75 -7.89
CA ILE A 93 -0.22 6.06 -9.01
C ILE A 93 0.10 4.56 -8.93
N ALA A 94 -0.94 3.76 -8.78
CA ALA A 94 -0.82 2.31 -8.83
C ALA A 94 -0.96 1.82 -10.27
N ARG A 95 0.14 1.37 -10.84
CA ARG A 95 0.16 0.86 -12.20
C ARG A 95 0.01 -0.66 -12.17
N PHE A 96 -1.10 -1.15 -12.69
CA PHE A 96 -1.39 -2.58 -12.68
C PHE A 96 -1.96 -3.01 -14.03
N ARG A 97 -1.93 -4.31 -14.30
CA ARG A 97 -2.56 -4.85 -15.49
C ARG A 97 -3.99 -5.22 -15.16
N ARG A 98 -4.94 -4.63 -15.87
CA ARG A 98 -6.35 -4.80 -15.57
C ARG A 98 -6.80 -6.22 -15.94
N GLY A 99 -7.52 -6.86 -15.01
CA GLY A 99 -8.05 -8.19 -15.24
C GLY A 99 -9.05 -8.20 -16.39
N GLY A 100 -8.53 -8.17 -17.61
CA GLY A 100 -9.36 -8.10 -18.78
C GLY A 100 -8.54 -7.96 -20.05
N GLY A 101 -7.35 -7.36 -19.92
CA GLY A 101 -6.46 -7.27 -21.06
C GLY A 101 -5.20 -6.47 -20.77
N PRO A 102 -5.19 -5.17 -21.16
CA PRO A 102 -3.99 -4.32 -21.09
C PRO A 102 -3.70 -3.76 -19.69
N GLU A 103 -2.69 -2.90 -19.63
CA GLU A 103 -2.34 -2.20 -18.39
C GLU A 103 -3.35 -1.11 -18.10
N GLN A 104 -3.40 -0.67 -16.85
CA GLN A 104 -4.27 0.41 -16.43
C GLN A 104 -3.59 1.19 -15.31
N SER A 105 -3.73 2.51 -15.35
CA SER A 105 -3.07 3.36 -14.38
C SER A 105 -4.09 3.99 -13.45
N HIS A 106 -4.04 3.60 -12.18
CA HIS A 106 -4.93 4.13 -11.16
C HIS A 106 -4.17 5.13 -10.29
N HIS A 107 -4.79 6.28 -10.07
CA HIS A 107 -4.16 7.38 -9.34
C HIS A 107 -5.06 7.81 -8.18
N GLU A 108 -4.58 7.64 -6.95
CA GLU A 108 -5.34 8.01 -5.78
C GLU A 108 -4.53 8.87 -4.82
N ARG A 109 -5.22 9.39 -3.81
CA ARG A 109 -4.61 10.14 -2.73
C ARG A 109 -5.05 9.53 -1.40
N SER A 110 -4.17 8.74 -0.80
CA SER A 110 -4.54 7.94 0.35
C SER A 110 -4.15 8.60 1.67
N GLN A 111 -5.12 8.69 2.57
CA GLN A 111 -4.89 9.17 3.93
C GLN A 111 -4.56 7.99 4.85
N PHE A 112 -3.66 8.23 5.80
CA PHE A 112 -3.23 7.20 6.74
C PHE A 112 -3.34 7.73 8.18
N ARG A 113 -3.44 6.80 9.13
CA ARG A 113 -3.51 7.13 10.55
C ARG A 113 -2.33 6.51 11.29
N LYS A 114 -1.73 7.27 12.20
CA LYS A 114 -0.55 6.81 12.92
C LYS A 114 -0.91 6.37 14.34
N ALA A 115 -0.66 5.10 14.64
CA ALA A 115 -0.90 4.54 15.96
C ALA A 115 0.30 3.68 16.38
N ARG A 116 0.85 3.96 17.56
CA ARG A 116 2.00 3.21 18.09
C ARG A 116 3.23 3.41 17.21
N GLY A 117 3.19 4.43 16.35
CA GLY A 117 4.27 4.66 15.41
C GLY A 117 4.04 3.97 14.08
N ARG A 118 3.05 3.08 14.05
CA ARG A 118 2.71 2.35 12.82
C ARG A 118 1.59 3.08 12.07
N TRP A 119 1.71 3.14 10.75
CA TRP A 119 0.71 3.78 9.92
C TRP A 119 -0.31 2.78 9.41
N TYR A 120 -1.56 3.18 9.38
CA TYR A 120 -2.66 2.33 8.91
C TYR A 120 -3.50 3.09 7.88
N PHE A 121 -3.80 2.41 6.76
CA PHE A 121 -4.55 3.01 5.66
C PHE A 121 -5.96 3.41 6.09
N SER A 122 -6.25 4.71 6.05
CA SER A 122 -7.52 5.24 6.50
C SER A 122 -8.52 5.33 5.35
N GLU A 123 -8.08 5.85 4.21
CA GLU A 123 -8.95 6.03 3.05
C GLU A 123 -8.12 6.47 1.84
N GLY A 124 -8.72 6.43 0.66
CA GLY A 124 -8.01 6.80 -0.54
C GLY A 124 -8.95 7.27 -1.64
N GLU A 125 -8.84 8.56 -1.97
CA GLU A 125 -9.71 9.17 -2.98
C GLU A 125 -9.04 9.08 -4.36
N ALA A 126 -9.77 8.58 -5.35
CA ALA A 126 -9.24 8.45 -6.70
C ALA A 126 -9.08 9.84 -7.35
N VAL A 127 -7.84 10.27 -7.48
CA VAL A 127 -7.52 11.56 -8.09
C VAL A 127 -7.39 11.41 -9.60
N ASP A 128 -8.21 12.13 -10.34
CA ASP A 128 -8.24 12.01 -11.79
C ASP A 128 -8.41 13.39 -12.43
N MET A 1 17.61 -8.19 -5.85
CA MET A 1 18.39 -6.93 -5.66
C MET A 1 17.48 -5.76 -5.32
N ASN A 2 16.41 -5.60 -6.09
CA ASN A 2 15.47 -4.48 -5.90
C ASN A 2 14.16 -4.97 -5.29
N CYS A 3 13.16 -4.10 -5.25
CA CYS A 3 11.85 -4.47 -4.75
C CYS A 3 10.78 -4.13 -5.78
N VAL A 4 9.72 -4.93 -5.82
CA VAL A 4 8.59 -4.66 -6.72
C VAL A 4 7.72 -3.53 -6.18
N CYS A 5 8.35 -2.51 -5.60
CA CYS A 5 7.63 -1.40 -5.00
C CYS A 5 8.59 -0.26 -4.66
N GLY A 6 8.54 0.80 -5.47
CA GLY A 6 9.28 2.03 -5.19
C GLY A 6 10.74 1.81 -4.83
N SER A 7 11.02 1.70 -3.54
CA SER A 7 12.37 1.55 -3.02
C SER A 7 13.11 0.40 -3.70
N GLY A 8 14.30 0.70 -4.23
CA GLY A 8 15.10 -0.29 -4.93
C GLY A 8 15.83 -1.23 -3.98
N LYS A 9 15.49 -1.17 -2.70
CA LYS A 9 16.03 -2.12 -1.73
C LYS A 9 15.36 -3.47 -1.89
N THR A 10 15.99 -4.53 -1.39
CA THR A 10 15.46 -5.89 -1.56
C THR A 10 14.11 -6.07 -0.84
N TYR A 11 13.59 -7.28 -0.91
CA TYR A 11 12.38 -7.67 -0.20
C TYR A 11 12.50 -7.32 1.28
N ASP A 12 13.51 -7.89 1.93
CA ASP A 12 13.70 -7.71 3.36
C ASP A 12 14.23 -6.30 3.67
N ASP A 13 15.21 -5.83 2.91
CA ASP A 13 15.76 -4.49 3.13
C ASP A 13 14.68 -3.42 3.01
N CYS A 14 13.71 -3.64 2.13
CA CYS A 14 12.60 -2.70 1.95
C CYS A 14 11.36 -3.15 2.72
N CYS A 15 10.60 -4.08 2.16
CA CYS A 15 9.31 -4.49 2.71
C CYS A 15 9.44 -5.33 3.98
N GLY A 16 10.60 -5.95 4.18
CA GLY A 16 10.76 -6.94 5.24
C GLY A 16 10.30 -6.50 6.63
N PRO A 17 10.81 -5.36 7.16
CA PRO A 17 10.43 -4.89 8.51
C PRO A 17 8.95 -4.54 8.61
N LEU A 18 8.37 -4.12 7.49
CA LEU A 18 6.96 -3.77 7.44
C LEU A 18 6.10 -5.03 7.43
N LEU A 19 6.41 -5.95 6.52
CA LEU A 19 5.68 -7.21 6.40
C LEU A 19 5.79 -8.04 7.67
N ALA A 20 6.93 -7.94 8.35
CA ALA A 20 7.13 -8.63 9.61
C ALA A 20 6.38 -7.93 10.74
N ARG A 21 5.83 -6.75 10.44
CA ARG A 21 5.08 -5.96 11.42
C ARG A 21 5.94 -5.60 12.62
N THR A 22 7.26 -5.69 12.44
CA THR A 22 8.20 -5.48 13.53
C THR A 22 8.69 -4.04 13.58
N ARG A 23 8.38 -3.26 12.54
CA ARG A 23 8.80 -1.86 12.47
C ARG A 23 7.74 -1.00 11.80
N SER A 24 7.62 0.23 12.30
CA SER A 24 6.72 1.22 11.72
C SER A 24 7.42 1.98 10.59
N ALA A 25 6.69 2.20 9.49
CA ALA A 25 7.23 2.90 8.33
C ALA A 25 7.61 4.34 8.66
N ALA A 26 6.95 4.90 9.68
CA ALA A 26 7.23 6.26 10.15
C ALA A 26 6.88 7.33 9.11
N SER A 27 6.28 6.90 8.00
CA SER A 27 5.91 7.82 6.92
C SER A 27 4.82 7.18 6.04
N PRO A 28 3.87 7.99 5.53
CA PRO A 28 2.74 7.50 4.72
C PRO A 28 3.20 6.75 3.46
N GLU A 29 4.09 7.37 2.69
CA GLU A 29 4.60 6.77 1.46
C GLU A 29 5.31 5.45 1.75
N ALA A 30 6.12 5.45 2.80
CA ALA A 30 6.91 4.30 3.20
C ALA A 30 6.00 3.12 3.54
N LEU A 31 4.84 3.42 4.12
CA LEU A 31 3.86 2.41 4.46
C LEU A 31 3.17 1.92 3.20
N MET A 32 2.66 2.86 2.41
CA MET A 32 1.84 2.54 1.25
C MET A 32 2.59 1.69 0.24
N ARG A 33 3.80 2.11 -0.12
CA ARG A 33 4.55 1.40 -1.16
C ARG A 33 4.93 0.00 -0.68
N SER A 34 5.03 -0.17 0.64
CA SER A 34 5.28 -1.49 1.21
C SER A 34 4.02 -2.35 1.10
N ARG A 35 2.86 -1.73 1.32
CA ARG A 35 1.58 -2.42 1.18
C ARG A 35 1.37 -2.92 -0.24
N TYR A 36 1.70 -2.08 -1.22
CA TYR A 36 1.57 -2.46 -2.64
C TYR A 36 2.29 -3.78 -2.91
N ALA A 37 3.47 -3.93 -2.32
CA ALA A 37 4.27 -5.15 -2.51
C ALA A 37 3.50 -6.37 -2.04
N ALA A 38 2.80 -6.23 -0.92
CA ALA A 38 2.03 -7.32 -0.34
C ALA A 38 0.91 -7.76 -1.29
N TYR A 39 0.29 -6.79 -1.97
CA TYR A 39 -0.72 -7.10 -2.99
C TYR A 39 -0.11 -7.96 -4.09
N ALA A 40 1.06 -7.56 -4.58
CA ALA A 40 1.77 -8.29 -5.62
C ALA A 40 2.27 -9.64 -5.11
N LEU A 41 2.48 -9.72 -3.80
CA LEU A 41 2.92 -10.95 -3.14
C LEU A 41 1.72 -11.69 -2.55
N LYS A 42 0.52 -11.35 -3.05
CA LYS A 42 -0.76 -11.98 -2.67
C LYS A 42 -1.00 -12.04 -1.15
N ASP A 43 -0.19 -11.31 -0.38
CA ASP A 43 -0.34 -11.30 1.07
C ASP A 43 -1.20 -10.10 1.48
N PHE A 44 -2.49 -10.20 1.21
CA PHE A 44 -3.43 -9.14 1.62
C PHE A 44 -3.62 -9.16 3.13
N ASP A 45 -3.12 -10.22 3.76
CA ASP A 45 -3.12 -10.35 5.22
C ASP A 45 -2.45 -9.13 5.85
N TYR A 46 -1.23 -8.86 5.42
CA TYR A 46 -0.46 -7.71 5.90
C TYR A 46 -1.23 -6.41 5.70
N ILE A 47 -1.92 -6.32 4.56
CA ILE A 47 -2.68 -5.12 4.22
C ILE A 47 -3.71 -4.82 5.29
N VAL A 48 -4.51 -5.84 5.61
CA VAL A 48 -5.52 -5.73 6.65
C VAL A 48 -4.88 -5.33 7.99
N GLU A 49 -3.69 -5.88 8.24
CA GLU A 49 -2.95 -5.58 9.47
C GLU A 49 -2.46 -4.14 9.49
N THR A 50 -2.24 -3.56 8.30
CA THR A 50 -1.78 -2.17 8.20
C THR A 50 -2.92 -1.25 7.82
N THR A 51 -4.15 -1.67 8.10
CA THR A 51 -5.31 -0.82 7.93
C THR A 51 -5.73 -0.26 9.29
N ASP A 52 -6.38 0.89 9.25
CA ASP A 52 -6.92 1.52 10.45
C ASP A 52 -7.74 0.53 11.27
N PRO A 53 -7.60 0.53 12.60
CA PRO A 53 -8.29 -0.42 13.48
C PRO A 53 -9.81 -0.40 13.30
N GLU A 54 -10.33 0.75 12.85
CA GLU A 54 -11.76 0.90 12.65
C GLU A 54 -12.13 0.59 11.19
N ARG A 55 -11.38 1.16 10.26
CA ARG A 55 -11.62 0.95 8.82
C ARG A 55 -11.41 -0.52 8.46
N ARG A 56 -10.55 -1.18 9.23
CA ARG A 56 -10.27 -2.60 9.04
C ARG A 56 -11.54 -3.43 9.20
N ASP A 57 -12.42 -2.97 10.08
CA ASP A 57 -13.70 -3.64 10.32
C ASP A 57 -14.59 -3.54 9.08
N LEU A 58 -14.30 -2.54 8.25
CA LEU A 58 -15.04 -2.31 7.01
C LEU A 58 -14.38 -3.08 5.86
N PHE A 59 -13.18 -3.60 6.11
CA PHE A 59 -12.42 -4.37 5.13
C PHE A 59 -12.95 -5.79 5.03
N ASP A 60 -12.86 -6.35 3.83
CA ASP A 60 -13.21 -7.75 3.58
C ASP A 60 -12.05 -8.45 2.88
N HIS A 61 -11.87 -9.73 3.18
CA HIS A 61 -10.83 -10.53 2.53
C HIS A 61 -11.14 -10.66 1.04
N ASP A 62 -12.44 -10.73 0.74
CA ASP A 62 -12.93 -10.87 -0.62
C ASP A 62 -12.41 -9.74 -1.51
N VAL A 63 -12.59 -8.50 -1.06
CA VAL A 63 -12.18 -7.33 -1.83
C VAL A 63 -10.67 -7.34 -2.06
N ASN A 64 -9.91 -7.50 -0.97
CA ASN A 64 -8.45 -7.49 -1.03
C ASN A 64 -7.94 -8.60 -1.96
N ARG A 65 -8.60 -9.74 -1.94
CA ARG A 65 -8.29 -10.84 -2.83
C ARG A 65 -8.59 -10.46 -4.27
N ALA A 66 -9.81 -9.97 -4.49
CA ALA A 66 -10.29 -9.62 -5.83
C ALA A 66 -9.28 -8.78 -6.60
N TRP A 67 -8.66 -7.81 -5.92
CA TRP A 67 -7.69 -6.92 -6.53
C TRP A 67 -6.60 -7.69 -7.28
N MET A 68 -5.90 -8.59 -6.57
CA MET A 68 -4.78 -9.31 -7.17
C MET A 68 -5.25 -10.21 -8.31
N GLU A 69 -6.50 -10.65 -8.23
CA GLU A 69 -7.04 -11.60 -9.20
C GLU A 69 -7.47 -10.90 -10.49
N GLU A 70 -8.21 -9.80 -10.35
CA GLU A 70 -8.76 -9.08 -11.50
C GLU A 70 -7.78 -8.02 -11.99
N SER A 71 -6.72 -7.77 -11.22
CA SER A 71 -5.71 -6.79 -11.60
C SER A 71 -4.31 -7.34 -11.33
N ASP A 72 -3.58 -7.63 -12.41
CA ASP A 72 -2.20 -8.09 -12.32
C ASP A 72 -1.28 -6.89 -12.08
N PHE A 73 -0.73 -6.79 -10.87
CA PHE A 73 0.11 -5.64 -10.52
C PHE A 73 1.46 -5.70 -11.23
N LEU A 74 1.73 -4.69 -12.06
CA LEU A 74 2.99 -4.59 -12.79
C LEU A 74 4.02 -3.79 -12.00
N GLU A 75 3.70 -2.51 -11.77
CA GLU A 75 4.67 -1.56 -11.22
C GLU A 75 3.95 -0.43 -10.49
N LEU A 76 4.62 0.12 -9.47
CA LEU A 76 4.08 1.24 -8.70
C LEU A 76 4.89 2.51 -8.97
N ARG A 77 4.21 3.64 -9.06
CA ARG A 77 4.86 4.92 -9.28
C ARG A 77 4.34 5.96 -8.29
N VAL A 78 5.08 6.19 -7.22
CA VAL A 78 4.70 7.18 -6.23
C VAL A 78 5.02 8.58 -6.75
N LEU A 79 4.02 9.46 -6.72
CA LEU A 79 4.17 10.81 -7.25
C LEU A 79 4.67 11.77 -6.17
N GLY A 80 3.94 11.83 -5.06
CA GLY A 80 4.31 12.73 -3.97
C GLY A 80 3.66 12.33 -2.66
N SER A 81 4.08 12.99 -1.58
CA SER A 81 3.57 12.69 -0.26
C SER A 81 3.58 13.93 0.64
N SER A 82 2.65 13.97 1.59
CA SER A 82 2.55 15.07 2.54
C SER A 82 2.21 14.52 3.92
N GLU A 83 3.09 14.76 4.89
CA GLU A 83 2.87 14.29 6.26
C GLU A 83 2.60 15.48 7.17
N LYS A 84 1.39 15.54 7.72
CA LYS A 84 0.98 16.64 8.60
C LYS A 84 0.85 16.14 10.04
N GLY A 85 1.89 15.46 10.52
CA GLY A 85 1.88 14.94 11.87
C GLY A 85 1.31 13.53 11.93
N SER A 86 0.18 13.38 12.59
CA SER A 86 -0.49 12.08 12.69
C SER A 86 -1.29 11.81 11.42
N ARG A 87 -1.65 12.87 10.71
CA ARG A 87 -2.32 12.77 9.42
C ARG A 87 -1.29 12.80 8.31
N GLY A 88 -1.41 11.88 7.36
CA GLY A 88 -0.47 11.83 6.25
C GLY A 88 -1.10 11.23 5.01
N THR A 89 -0.84 11.84 3.87
CA THR A 89 -1.42 11.39 2.61
C THR A 89 -0.33 11.21 1.56
N VAL A 90 -0.54 10.25 0.65
CA VAL A 90 0.40 10.01 -0.44
C VAL A 90 -0.35 9.80 -1.75
N GLU A 91 0.15 10.44 -2.81
CA GLU A 91 -0.45 10.32 -4.13
C GLU A 91 0.45 9.45 -5.01
N PHE A 92 -0.14 8.49 -5.70
CA PHE A 92 0.64 7.51 -6.46
C PHE A 92 -0.12 7.04 -7.70
N ILE A 93 0.56 6.20 -8.47
CA ILE A 93 -0.01 5.56 -9.65
C ILE A 93 0.33 4.07 -9.63
N ALA A 94 -0.68 3.24 -9.42
CA ALA A 94 -0.52 1.80 -9.44
C ALA A 94 -0.80 1.25 -10.84
N ARG A 95 0.23 0.75 -11.51
CA ARG A 95 0.10 0.25 -12.87
C ARG A 95 -0.13 -1.26 -12.84
N PHE A 96 -1.31 -1.67 -13.26
CA PHE A 96 -1.68 -3.09 -13.29
C PHE A 96 -2.35 -3.44 -14.61
N ARG A 97 -2.55 -4.74 -14.83
CA ARG A 97 -3.19 -5.25 -16.03
C ARG A 97 -4.51 -5.90 -15.67
N ARG A 98 -5.61 -5.29 -16.06
CA ARG A 98 -6.94 -5.75 -15.68
C ARG A 98 -7.33 -6.99 -16.48
N GLY A 99 -7.87 -7.98 -15.79
CA GLY A 99 -8.24 -9.23 -16.42
C GLY A 99 -7.04 -9.98 -16.95
N GLY A 100 -6.72 -9.74 -18.21
CA GLY A 100 -5.56 -10.37 -18.83
C GLY A 100 -5.23 -9.77 -20.17
N GLY A 101 -5.48 -8.47 -20.31
CA GLY A 101 -5.23 -7.78 -21.56
C GLY A 101 -4.86 -6.32 -21.36
N PRO A 102 -5.86 -5.44 -21.15
CA PRO A 102 -5.62 -3.99 -21.04
C PRO A 102 -4.95 -3.60 -19.72
N GLU A 103 -3.90 -2.80 -19.83
CA GLU A 103 -3.24 -2.25 -18.66
C GLU A 103 -3.91 -0.93 -18.27
N GLN A 104 -3.98 -0.67 -16.98
CA GLN A 104 -4.57 0.54 -16.45
C GLN A 104 -3.71 1.08 -15.32
N SER A 105 -3.64 2.40 -15.21
CA SER A 105 -2.87 3.04 -14.16
C SER A 105 -3.82 3.70 -13.17
N HIS A 106 -3.88 3.15 -11.95
CA HIS A 106 -4.75 3.68 -10.91
C HIS A 106 -4.06 4.85 -10.21
N HIS A 107 -4.50 6.06 -10.54
CA HIS A 107 -3.93 7.27 -9.97
C HIS A 107 -4.88 7.83 -8.92
N GLU A 108 -4.53 7.64 -7.65
CA GLU A 108 -5.34 8.13 -6.55
C GLU A 108 -4.47 8.78 -5.49
N ARG A 109 -5.11 9.19 -4.40
CA ARG A 109 -4.44 9.83 -3.29
C ARG A 109 -4.98 9.24 -1.98
N SER A 110 -4.20 8.34 -1.38
CA SER A 110 -4.65 7.60 -0.20
C SER A 110 -4.22 8.29 1.09
N GLN A 111 -5.16 8.40 2.03
CA GLN A 111 -4.91 9.02 3.33
C GLN A 111 -4.59 7.96 4.37
N PHE A 112 -3.68 8.29 5.28
CA PHE A 112 -3.20 7.37 6.31
C PHE A 112 -3.29 8.01 7.70
N ARG A 113 -3.42 7.16 8.71
CA ARG A 113 -3.54 7.60 10.09
C ARG A 113 -2.42 7.00 10.92
N LYS A 114 -1.71 7.85 11.64
CA LYS A 114 -0.65 7.40 12.52
C LYS A 114 -1.25 6.98 13.86
N ALA A 115 -1.31 5.68 14.09
CA ALA A 115 -1.87 5.13 15.32
C ALA A 115 -0.77 4.48 16.15
N ARG A 116 -0.53 5.04 17.34
CA ARG A 116 0.44 4.51 18.29
C ARG A 116 1.82 4.40 17.62
N GLY A 117 2.21 5.45 16.90
CA GLY A 117 3.52 5.48 16.28
C GLY A 117 3.55 4.84 14.90
N ARG A 118 2.56 3.99 14.63
CA ARG A 118 2.56 3.17 13.44
C ARG A 118 1.52 3.68 12.43
N TRP A 119 1.91 3.79 11.18
CA TRP A 119 1.02 4.29 10.13
C TRP A 119 0.08 3.20 9.63
N TYR A 120 -1.19 3.55 9.52
CA TYR A 120 -2.22 2.62 9.03
C TYR A 120 -3.09 3.31 7.98
N PHE A 121 -3.64 2.52 7.07
CA PHE A 121 -4.50 3.05 6.01
C PHE A 121 -5.82 3.57 6.57
N SER A 122 -6.19 4.79 6.18
CA SER A 122 -7.46 5.39 6.63
C SER A 122 -8.50 5.28 5.52
N GLU A 123 -8.17 5.82 4.36
CA GLU A 123 -9.10 5.91 3.24
C GLU A 123 -8.33 6.19 1.95
N GLY A 124 -9.03 6.13 0.83
CA GLY A 124 -8.40 6.35 -0.47
C GLY A 124 -9.38 6.94 -1.47
N GLU A 125 -9.02 8.06 -2.07
CA GLU A 125 -9.89 8.75 -3.02
C GLU A 125 -9.16 9.00 -4.34
N ALA A 126 -9.92 9.00 -5.42
CA ALA A 126 -9.38 9.30 -6.74
C ALA A 126 -9.12 10.81 -6.87
N VAL A 127 -7.84 11.17 -6.94
CA VAL A 127 -7.46 12.57 -7.06
C VAL A 127 -7.77 13.08 -8.48
N ASP A 128 -8.23 14.32 -8.56
CA ASP A 128 -8.55 14.94 -9.85
C ASP A 128 -7.38 15.81 -10.31
N MET A 1 16.15 -10.56 -7.83
CA MET A 1 14.73 -10.16 -7.68
C MET A 1 14.62 -8.87 -6.86
N ASN A 2 14.21 -7.79 -7.51
CA ASN A 2 13.99 -6.53 -6.82
C ASN A 2 12.62 -6.55 -6.15
N CYS A 3 12.28 -5.50 -5.42
CA CYS A 3 11.01 -5.46 -4.71
C CYS A 3 9.93 -4.82 -5.56
N VAL A 4 8.80 -5.50 -5.72
CA VAL A 4 7.62 -4.90 -6.32
C VAL A 4 7.23 -3.64 -5.54
N CYS A 5 7.81 -2.55 -5.97
CA CYS A 5 7.67 -1.24 -5.32
C CYS A 5 8.33 -0.18 -6.20
N GLY A 6 8.08 1.09 -5.91
CA GLY A 6 8.79 2.16 -6.59
C GLY A 6 10.19 2.34 -6.02
N SER A 7 10.85 1.23 -5.73
CA SER A 7 12.15 1.23 -5.08
C SER A 7 12.90 -0.05 -5.46
N GLY A 8 14.09 0.11 -6.02
CA GLY A 8 14.87 -1.02 -6.49
C GLY A 8 15.36 -1.92 -5.36
N LYS A 9 15.20 -1.46 -4.11
CA LYS A 9 15.62 -2.22 -2.94
C LYS A 9 15.04 -3.63 -2.96
N THR A 10 15.68 -4.54 -2.23
CA THR A 10 15.30 -5.94 -2.20
C THR A 10 13.98 -6.14 -1.44
N TYR A 11 13.62 -7.40 -1.21
CA TYR A 11 12.45 -7.73 -0.41
C TYR A 11 12.67 -7.28 1.03
N ASP A 12 13.73 -7.79 1.64
CA ASP A 12 14.05 -7.49 3.03
C ASP A 12 14.46 -6.03 3.20
N ASP A 13 15.38 -5.56 2.36
CA ASP A 13 15.86 -4.18 2.41
C ASP A 13 14.71 -3.17 2.34
N CYS A 14 13.60 -3.60 1.76
CA CYS A 14 12.43 -2.73 1.62
C CYS A 14 11.26 -3.19 2.51
N CYS A 15 10.46 -4.15 2.04
CA CYS A 15 9.24 -4.57 2.75
C CYS A 15 9.52 -5.42 3.99
N GLY A 16 10.70 -6.05 4.04
CA GLY A 16 10.98 -7.06 5.05
C GLY A 16 10.66 -6.62 6.48
N PRO A 17 11.22 -5.49 6.95
CA PRO A 17 11.00 -5.02 8.32
C PRO A 17 9.53 -4.72 8.60
N LEU A 18 8.80 -4.27 7.57
CA LEU A 18 7.40 -3.92 7.72
C LEU A 18 6.54 -5.18 7.79
N LEU A 19 6.79 -6.12 6.89
CA LEU A 19 6.04 -7.37 6.82
C LEU A 19 6.33 -8.24 8.05
N ALA A 20 7.47 -8.02 8.69
CA ALA A 20 7.82 -8.72 9.91
C ALA A 20 7.32 -7.98 11.15
N ARG A 21 6.80 -6.76 10.93
CA ARG A 21 6.36 -5.88 12.01
C ARG A 21 7.50 -5.54 12.97
N THR A 22 8.74 -5.78 12.53
CA THR A 22 9.92 -5.59 13.36
C THR A 22 10.42 -4.15 13.29
N ARG A 23 9.68 -3.32 12.56
CA ARG A 23 10.03 -1.91 12.39
C ARG A 23 8.82 -1.13 11.90
N SER A 24 8.59 0.03 12.50
CA SER A 24 7.50 0.91 12.06
C SER A 24 7.98 1.79 10.90
N ALA A 25 7.16 1.90 9.87
CA ALA A 25 7.50 2.71 8.69
C ALA A 25 7.68 4.17 9.08
N ALA A 26 6.81 4.65 9.98
CA ALA A 26 6.87 6.02 10.50
C ALA A 26 6.62 7.07 9.41
N SER A 27 6.39 6.62 8.18
CA SER A 27 6.15 7.51 7.05
C SER A 27 5.08 6.88 6.14
N PRO A 28 4.08 7.68 5.69
CA PRO A 28 2.96 7.17 4.90
C PRO A 28 3.42 6.56 3.58
N GLU A 29 4.40 7.20 2.95
CA GLU A 29 4.97 6.71 1.71
C GLU A 29 5.72 5.38 1.95
N ALA A 30 6.52 5.36 3.01
CA ALA A 30 7.29 4.16 3.37
C ALA A 30 6.37 3.00 3.73
N LEU A 31 5.16 3.34 4.16
CA LEU A 31 4.16 2.34 4.52
C LEU A 31 3.41 1.87 3.28
N MET A 32 3.01 2.82 2.43
CA MET A 32 2.12 2.51 1.31
C MET A 32 2.78 1.59 0.28
N ARG A 33 4.08 1.77 0.02
CA ARG A 33 4.75 0.93 -0.97
C ARG A 33 5.00 -0.46 -0.41
N SER A 34 5.05 -0.56 0.91
CA SER A 34 5.12 -1.84 1.58
C SER A 34 3.77 -2.55 1.44
N ARG A 35 2.71 -1.76 1.58
CA ARG A 35 1.34 -2.23 1.38
C ARG A 35 1.15 -2.72 -0.05
N TYR A 36 1.62 -1.92 -1.01
CA TYR A 36 1.53 -2.25 -2.44
C TYR A 36 2.15 -3.62 -2.69
N ALA A 37 3.35 -3.83 -2.14
CA ALA A 37 4.07 -5.07 -2.32
C ALA A 37 3.29 -6.25 -1.76
N ALA A 38 2.60 -6.02 -0.64
CA ALA A 38 1.83 -7.07 0.01
C ALA A 38 0.82 -7.71 -0.96
N TYR A 39 0.23 -6.90 -1.82
CA TYR A 39 -0.69 -7.40 -2.83
C TYR A 39 0.04 -8.22 -3.89
N ALA A 40 1.15 -7.69 -4.38
CA ALA A 40 1.94 -8.35 -5.41
C ALA A 40 2.69 -9.57 -4.84
N LEU A 41 2.74 -9.65 -3.51
CA LEU A 41 3.35 -10.78 -2.81
C LEU A 41 2.28 -11.69 -2.22
N LYS A 42 1.06 -11.56 -2.76
CA LYS A 42 -0.12 -12.35 -2.35
C LYS A 42 -0.27 -12.47 -0.83
N ASP A 43 0.19 -11.45 -0.11
CA ASP A 43 -0.06 -11.36 1.33
C ASP A 43 -1.10 -10.27 1.56
N PHE A 44 -2.27 -10.46 0.95
CA PHE A 44 -3.37 -9.50 1.05
C PHE A 44 -3.82 -9.34 2.51
N ASP A 45 -3.34 -10.22 3.37
CA ASP A 45 -3.63 -10.13 4.80
C ASP A 45 -2.94 -8.90 5.41
N TYR A 46 -1.69 -8.67 5.03
CA TYR A 46 -0.94 -7.52 5.53
C TYR A 46 -1.65 -6.22 5.18
N ILE A 47 -2.33 -6.23 4.03
CA ILE A 47 -3.15 -5.09 3.60
C ILE A 47 -4.17 -4.77 4.69
N VAL A 48 -4.90 -5.78 5.11
CA VAL A 48 -5.93 -5.65 6.14
C VAL A 48 -5.29 -5.21 7.46
N GLU A 49 -4.12 -5.77 7.75
CA GLU A 49 -3.38 -5.45 8.97
C GLU A 49 -2.92 -4.00 8.98
N THR A 50 -2.69 -3.43 7.79
CA THR A 50 -2.25 -2.03 7.67
C THR A 50 -3.41 -1.10 7.38
N THR A 51 -4.63 -1.60 7.56
CA THR A 51 -5.81 -0.78 7.38
C THR A 51 -6.17 -0.07 8.69
N ASP A 52 -6.82 1.09 8.58
CA ASP A 52 -7.26 1.86 9.74
C ASP A 52 -8.04 0.97 10.71
N PRO A 53 -7.78 1.07 12.03
CA PRO A 53 -8.44 0.25 13.04
C PRO A 53 -9.97 0.27 12.92
N GLU A 54 -10.49 1.33 12.31
CA GLU A 54 -11.92 1.47 12.07
C GLU A 54 -12.30 0.88 10.71
N ARG A 55 -11.51 1.20 9.69
CA ARG A 55 -11.80 0.75 8.32
C ARG A 55 -11.59 -0.75 8.16
N ARG A 56 -10.77 -1.34 9.04
CA ARG A 56 -10.41 -2.76 8.93
C ARG A 56 -11.65 -3.65 9.07
N ASP A 57 -12.67 -3.14 9.75
CA ASP A 57 -13.91 -3.89 9.94
C ASP A 57 -14.68 -3.99 8.62
N LEU A 58 -14.30 -3.14 7.68
CA LEU A 58 -14.92 -3.11 6.35
C LEU A 58 -14.03 -3.87 5.35
N PHE A 59 -12.99 -4.50 5.85
CA PHE A 59 -12.03 -5.24 5.04
C PHE A 59 -12.20 -6.74 5.23
N ASP A 60 -12.38 -7.45 4.12
CA ASP A 60 -12.45 -8.91 4.12
C ASP A 60 -11.33 -9.48 3.26
N HIS A 61 -10.65 -10.50 3.77
CA HIS A 61 -9.53 -11.12 3.07
C HIS A 61 -9.94 -11.59 1.67
N ASP A 62 -11.18 -12.08 1.57
CA ASP A 62 -11.72 -12.56 0.29
C ASP A 62 -11.80 -11.43 -0.73
N VAL A 63 -12.22 -10.26 -0.28
CA VAL A 63 -12.34 -9.09 -1.14
C VAL A 63 -10.96 -8.63 -1.60
N ASN A 64 -10.03 -8.55 -0.65
CA ASN A 64 -8.66 -8.17 -0.95
C ASN A 64 -8.01 -9.18 -1.89
N ARG A 65 -8.39 -10.45 -1.73
CA ARG A 65 -7.91 -11.51 -2.61
C ARG A 65 -8.37 -11.23 -4.04
N ALA A 66 -9.68 -11.08 -4.20
CA ALA A 66 -10.29 -10.85 -5.51
C ALA A 66 -9.63 -9.67 -6.21
N TRP A 67 -9.32 -8.63 -5.43
CA TRP A 67 -8.71 -7.42 -5.96
C TRP A 67 -7.38 -7.73 -6.65
N MET A 68 -6.49 -8.42 -5.93
CA MET A 68 -5.17 -8.76 -6.48
C MET A 68 -5.28 -9.82 -7.58
N GLU A 69 -6.30 -10.67 -7.49
CA GLU A 69 -6.49 -11.73 -8.48
C GLU A 69 -6.79 -11.16 -9.85
N GLU A 70 -7.56 -10.08 -9.88
CA GLU A 70 -7.94 -9.45 -11.15
C GLU A 70 -7.01 -8.28 -11.48
N SER A 71 -5.98 -8.08 -10.66
CA SER A 71 -5.05 -6.97 -10.89
C SER A 71 -3.59 -7.42 -10.74
N ASP A 72 -2.90 -7.58 -11.86
CA ASP A 72 -1.47 -7.87 -11.85
C ASP A 72 -0.68 -6.59 -11.54
N PHE A 73 -0.29 -6.42 -10.29
CA PHE A 73 0.45 -5.23 -9.87
C PHE A 73 1.83 -5.21 -10.52
N LEU A 74 2.05 -4.21 -11.38
CA LEU A 74 3.24 -4.15 -12.21
C LEU A 74 4.25 -3.14 -11.66
N GLU A 75 3.79 -1.94 -11.35
CA GLU A 75 4.68 -0.85 -10.93
C GLU A 75 3.96 0.15 -10.04
N LEU A 76 4.74 0.83 -9.19
CA LEU A 76 4.22 1.88 -8.34
C LEU A 76 4.98 3.18 -8.63
N ARG A 77 4.24 4.27 -8.77
CA ARG A 77 4.81 5.57 -9.11
C ARG A 77 4.36 6.62 -8.10
N VAL A 78 5.24 6.91 -7.16
CA VAL A 78 4.97 7.86 -6.08
C VAL A 78 5.07 9.29 -6.60
N LEU A 79 4.15 10.15 -6.16
CA LEU A 79 4.12 11.54 -6.62
C LEU A 79 4.51 12.50 -5.49
N GLY A 80 3.65 12.59 -4.47
CA GLY A 80 3.89 13.51 -3.37
C GLY A 80 3.41 12.96 -2.05
N SER A 81 3.84 13.58 -0.95
CA SER A 81 3.49 13.10 0.39
C SER A 81 3.47 14.25 1.39
N SER A 82 2.67 14.10 2.45
CA SER A 82 2.57 15.11 3.49
C SER A 82 2.19 14.47 4.83
N GLU A 83 3.04 14.63 5.84
CA GLU A 83 2.74 14.16 7.19
C GLU A 83 2.24 15.34 8.03
N LYS A 84 0.99 15.27 8.45
CA LYS A 84 0.38 16.33 9.24
C LYS A 84 0.18 15.86 10.69
N GLY A 85 1.27 15.38 11.27
CA GLY A 85 1.23 14.87 12.64
C GLY A 85 0.76 13.43 12.68
N SER A 86 -0.41 13.21 13.29
CA SER A 86 -0.96 11.87 13.44
C SER A 86 -1.91 11.54 12.27
N ARG A 87 -2.04 12.46 11.34
CA ARG A 87 -2.85 12.27 10.14
C ARG A 87 -2.03 12.70 8.94
N GLY A 88 -1.99 11.89 7.88
CA GLY A 88 -1.18 12.22 6.73
C GLY A 88 -1.86 11.88 5.43
N THR A 89 -1.23 12.28 4.34
CA THR A 89 -1.74 12.02 2.99
C THR A 89 -0.59 11.79 2.04
N VAL A 90 -0.74 10.85 1.13
CA VAL A 90 0.25 10.58 0.11
C VAL A 90 -0.43 10.26 -1.22
N GLU A 91 0.08 10.86 -2.29
CA GLU A 91 -0.50 10.72 -3.61
C GLU A 91 0.42 9.91 -4.50
N PHE A 92 -0.14 8.93 -5.21
CA PHE A 92 0.67 7.99 -6.00
C PHE A 92 -0.13 7.43 -7.17
N ILE A 93 0.55 6.64 -7.99
CA ILE A 93 -0.05 5.97 -9.13
C ILE A 93 0.28 4.47 -9.08
N ALA A 94 -0.75 3.64 -9.00
CA ALA A 94 -0.57 2.19 -9.01
C ALA A 94 -0.81 1.64 -10.41
N ARG A 95 0.24 1.14 -11.06
CA ARG A 95 0.13 0.59 -12.40
C ARG A 95 0.02 -0.93 -12.35
N PHE A 96 -1.16 -1.43 -12.67
CA PHE A 96 -1.45 -2.86 -12.67
C PHE A 96 -2.09 -3.26 -13.99
N ARG A 97 -2.09 -4.55 -14.30
CA ARG A 97 -2.71 -5.04 -15.51
C ARG A 97 -4.11 -5.56 -15.20
N ARG A 98 -5.12 -4.96 -15.83
CA ARG A 98 -6.51 -5.29 -15.55
C ARG A 98 -6.87 -6.66 -16.13
N GLY A 99 -7.34 -7.54 -15.25
CA GLY A 99 -7.75 -8.88 -15.67
C GLY A 99 -6.59 -9.73 -16.12
N GLY A 100 -6.14 -9.49 -17.34
CA GLY A 100 -5.02 -10.23 -17.89
C GLY A 100 -4.71 -9.82 -19.32
N GLY A 101 -4.83 -8.53 -19.59
CA GLY A 101 -4.59 -8.02 -20.93
C GLY A 101 -4.07 -6.60 -20.92
N PRO A 102 -4.95 -5.60 -20.82
CA PRO A 102 -4.57 -4.19 -20.82
C PRO A 102 -4.06 -3.72 -19.46
N GLU A 103 -3.08 -2.84 -19.47
CA GLU A 103 -2.57 -2.22 -18.24
C GLU A 103 -3.52 -1.11 -17.80
N GLN A 104 -3.34 -0.64 -16.59
CA GLN A 104 -4.10 0.46 -16.05
C GLN A 104 -3.34 1.08 -14.89
N SER A 105 -3.41 2.40 -14.79
CA SER A 105 -2.70 3.12 -13.74
C SER A 105 -3.66 4.00 -12.97
N HIS A 106 -3.87 3.68 -11.70
CA HIS A 106 -4.79 4.42 -10.86
C HIS A 106 -4.05 5.53 -10.12
N HIS A 107 -4.24 6.77 -10.59
CA HIS A 107 -3.66 7.93 -9.94
C HIS A 107 -4.59 8.39 -8.82
N GLU A 108 -4.24 8.03 -7.59
CA GLU A 108 -5.10 8.31 -6.45
C GLU A 108 -4.35 9.06 -5.36
N ARG A 109 -5.09 9.53 -4.38
CA ARG A 109 -4.56 10.27 -3.26
C ARG A 109 -5.13 9.66 -1.98
N SER A 110 -4.31 8.88 -1.28
CA SER A 110 -4.77 8.12 -0.12
C SER A 110 -4.35 8.80 1.18
N GLN A 111 -5.27 8.90 2.12
CA GLN A 111 -4.98 9.43 3.45
C GLN A 111 -4.72 8.29 4.42
N PHE A 112 -3.71 8.47 5.26
CA PHE A 112 -3.32 7.47 6.25
C PHE A 112 -3.37 8.06 7.65
N ARG A 113 -3.63 7.20 8.63
CA ARG A 113 -3.71 7.59 10.03
C ARG A 113 -2.54 6.99 10.80
N LYS A 114 -1.81 7.84 11.50
CA LYS A 114 -0.62 7.41 12.23
C LYS A 114 -0.98 7.03 13.67
N ALA A 115 -0.89 5.73 13.96
CA ALA A 115 -1.19 5.22 15.28
C ALA A 115 0.02 4.48 15.85
N ARG A 116 0.54 4.98 16.97
CA ARG A 116 1.68 4.37 17.66
C ARG A 116 2.89 4.23 16.73
N GLY A 117 3.04 5.18 15.81
CA GLY A 117 4.19 5.21 14.93
C GLY A 117 3.96 4.49 13.61
N ARG A 118 2.93 3.65 13.54
CA ARG A 118 2.62 2.96 12.30
C ARG A 118 1.52 3.70 11.55
N TRP A 119 1.59 3.69 10.23
CA TRP A 119 0.58 4.33 9.40
C TRP A 119 -0.44 3.30 8.93
N TYR A 120 -1.71 3.65 9.03
CA TYR A 120 -2.80 2.77 8.62
C TYR A 120 -3.66 3.46 7.57
N PHE A 121 -4.09 2.69 6.57
CA PHE A 121 -4.91 3.22 5.49
C PHE A 121 -6.28 3.66 5.98
N SER A 122 -6.56 4.95 5.88
CA SER A 122 -7.84 5.50 6.31
C SER A 122 -8.83 5.50 5.15
N GLU A 123 -8.45 6.11 4.04
CA GLU A 123 -9.30 6.19 2.86
C GLU A 123 -8.50 6.63 1.64
N GLY A 124 -9.06 6.41 0.45
CA GLY A 124 -8.37 6.75 -0.78
C GLY A 124 -9.35 7.16 -1.86
N GLU A 125 -8.99 8.19 -2.62
CA GLU A 125 -9.86 8.76 -3.64
C GLU A 125 -9.05 9.18 -4.86
N ALA A 126 -9.73 9.36 -5.98
CA ALA A 126 -9.08 9.85 -7.19
C ALA A 126 -8.92 11.36 -7.11
N VAL A 127 -7.68 11.82 -7.08
CA VAL A 127 -7.38 13.24 -6.94
C VAL A 127 -7.81 14.02 -8.19
N ASP A 128 -8.45 15.17 -7.96
CA ASP A 128 -8.90 16.03 -9.06
C ASP A 128 -7.75 16.89 -9.57
N MET A 1 17.84 -9.04 -4.53
CA MET A 1 16.77 -8.84 -5.53
C MET A 1 16.06 -7.53 -5.27
N ASN A 2 15.64 -6.85 -6.34
CA ASN A 2 14.87 -5.61 -6.20
C ASN A 2 13.52 -5.91 -5.54
N CYS A 3 12.77 -4.85 -5.25
CA CYS A 3 11.48 -5.00 -4.57
C CYS A 3 10.43 -4.19 -5.30
N VAL A 4 9.34 -4.84 -5.69
CA VAL A 4 8.20 -4.14 -6.28
C VAL A 4 7.65 -3.11 -5.29
N CYS A 5 8.32 -1.97 -5.27
CA CYS A 5 7.98 -0.87 -4.37
C CYS A 5 8.65 0.41 -4.87
N GLY A 6 8.03 1.55 -4.60
CA GLY A 6 8.62 2.83 -4.93
C GLY A 6 9.79 3.15 -4.01
N SER A 7 10.90 2.43 -4.19
CA SER A 7 12.10 2.62 -3.39
C SER A 7 13.30 1.94 -4.05
N GLY A 8 13.19 0.63 -4.25
CA GLY A 8 14.23 -0.11 -4.97
C GLY A 8 14.99 -1.08 -4.08
N LYS A 9 14.93 -0.84 -2.76
CA LYS A 9 15.65 -1.68 -1.80
C LYS A 9 15.20 -3.14 -1.89
N THR A 10 16.03 -4.03 -1.37
CA THR A 10 15.79 -5.48 -1.49
C THR A 10 14.51 -5.90 -0.76
N TYR A 11 14.20 -7.19 -0.83
CA TYR A 11 13.06 -7.75 -0.14
C TYR A 11 13.13 -7.44 1.36
N ASP A 12 14.20 -7.88 2.00
CA ASP A 12 14.39 -7.69 3.43
C ASP A 12 14.61 -6.22 3.78
N ASP A 13 15.57 -5.60 3.11
CA ASP A 13 15.93 -4.20 3.38
C ASP A 13 14.71 -3.28 3.26
N CYS A 14 13.77 -3.67 2.40
CA CYS A 14 12.55 -2.90 2.22
C CYS A 14 11.38 -3.48 3.02
N CYS A 15 10.74 -4.53 2.50
CA CYS A 15 9.52 -5.08 3.12
C CYS A 15 9.80 -5.88 4.39
N GLY A 16 11.03 -6.35 4.56
CA GLY A 16 11.37 -7.29 5.62
C GLY A 16 10.90 -6.85 7.02
N PRO A 17 11.28 -5.65 7.49
CA PRO A 17 10.93 -5.20 8.84
C PRO A 17 9.44 -4.91 8.99
N LEU A 18 8.80 -4.48 7.90
CA LEU A 18 7.38 -4.15 7.90
C LEU A 18 6.54 -5.41 8.03
N LEU A 19 6.80 -6.37 7.15
CA LEU A 19 6.04 -7.62 7.10
C LEU A 19 6.30 -8.46 8.35
N ALA A 20 7.48 -8.30 8.95
CA ALA A 20 7.83 -9.02 10.17
C ALA A 20 7.29 -8.30 11.41
N ARG A 21 6.70 -7.12 11.21
CA ARG A 21 6.16 -6.30 12.29
C ARG A 21 7.26 -5.83 13.27
N THR A 22 8.50 -6.17 12.98
CA THR A 22 9.61 -5.82 13.89
C THR A 22 9.87 -4.33 13.87
N ARG A 23 9.35 -3.65 12.86
CA ARG A 23 9.47 -2.20 12.74
C ARG A 23 8.30 -1.64 11.94
N SER A 24 7.66 -0.60 12.48
CA SER A 24 6.62 0.11 11.75
C SER A 24 7.24 1.24 10.94
N ALA A 25 6.68 1.50 9.76
CA ALA A 25 7.22 2.50 8.83
C ALA A 25 7.28 3.89 9.45
N ALA A 26 6.32 4.19 10.33
CA ALA A 26 6.26 5.48 11.03
C ALA A 26 6.13 6.65 10.04
N SER A 27 5.81 6.33 8.79
CA SER A 27 5.70 7.34 7.74
C SER A 27 4.65 6.88 6.72
N PRO A 28 3.79 7.80 6.24
CA PRO A 28 2.70 7.47 5.31
C PRO A 28 3.22 6.87 4.00
N GLU A 29 4.23 7.54 3.42
CA GLU A 29 4.83 7.09 2.17
C GLU A 29 5.53 5.74 2.37
N ALA A 30 6.26 5.62 3.47
CA ALA A 30 7.02 4.42 3.78
C ALA A 30 6.08 3.23 3.98
N LEU A 31 4.96 3.48 4.64
CA LEU A 31 3.97 2.44 4.90
C LEU A 31 3.29 2.03 3.60
N MET A 32 3.03 3.02 2.74
CA MET A 32 2.32 2.77 1.49
C MET A 32 3.12 1.85 0.57
N ARG A 33 4.39 2.17 0.31
CA ARG A 33 5.17 1.44 -0.69
C ARG A 33 5.56 0.05 -0.17
N SER A 34 5.55 -0.13 1.15
CA SER A 34 5.73 -1.44 1.75
C SER A 34 4.44 -2.24 1.64
N ARG A 35 3.32 -1.54 1.79
CA ARG A 35 1.99 -2.14 1.74
C ARG A 35 1.70 -2.64 0.32
N TYR A 36 2.05 -1.82 -0.67
CA TYR A 36 1.86 -2.15 -2.08
C TYR A 36 2.48 -3.51 -2.41
N ALA A 37 3.64 -3.78 -1.84
CA ALA A 37 4.37 -5.02 -2.11
C ALA A 37 3.60 -6.24 -1.62
N ALA A 38 2.84 -6.06 -0.54
CA ALA A 38 2.07 -7.16 0.04
C ALA A 38 1.05 -7.69 -0.96
N TYR A 39 0.46 -6.77 -1.74
CA TYR A 39 -0.48 -7.16 -2.80
C TYR A 39 0.25 -7.95 -3.89
N ALA A 40 1.45 -7.49 -4.24
CA ALA A 40 2.27 -8.16 -5.25
C ALA A 40 2.76 -9.51 -4.74
N LEU A 41 2.87 -9.62 -3.42
CA LEU A 41 3.28 -10.86 -2.76
C LEU A 41 2.04 -11.65 -2.33
N LYS A 42 0.90 -11.30 -2.93
CA LYS A 42 -0.40 -11.97 -2.71
C LYS A 42 -0.79 -12.06 -1.23
N ASP A 43 -0.08 -11.37 -0.35
CA ASP A 43 -0.37 -11.40 1.07
C ASP A 43 -1.26 -10.22 1.46
N PHE A 44 -2.56 -10.42 1.35
CA PHE A 44 -3.54 -9.42 1.74
C PHE A 44 -3.61 -9.28 3.26
N ASP A 45 -2.98 -10.22 3.96
CA ASP A 45 -2.94 -10.21 5.42
C ASP A 45 -2.34 -8.91 5.96
N TYR A 46 -1.10 -8.61 5.54
CA TYR A 46 -0.42 -7.40 5.99
C TYR A 46 -1.21 -6.17 5.59
N ILE A 47 -1.91 -6.26 4.45
CA ILE A 47 -2.78 -5.18 3.98
C ILE A 47 -3.84 -4.86 5.03
N VAL A 48 -4.52 -5.90 5.49
CA VAL A 48 -5.54 -5.76 6.53
C VAL A 48 -4.92 -5.19 7.81
N GLU A 49 -3.75 -5.74 8.17
CA GLU A 49 -3.01 -5.29 9.34
C GLU A 49 -2.78 -3.77 9.30
N THR A 50 -2.46 -3.27 8.12
CA THR A 50 -2.14 -1.86 7.94
C THR A 50 -3.36 -1.05 7.51
N THR A 51 -4.56 -1.56 7.79
CA THR A 51 -5.78 -0.85 7.46
C THR A 51 -6.35 -0.16 8.69
N ASP A 52 -6.98 0.99 8.46
CA ASP A 52 -7.69 1.75 9.50
C ASP A 52 -8.60 0.82 10.29
N PRO A 53 -8.68 0.98 11.63
CA PRO A 53 -9.53 0.13 12.48
C PRO A 53 -10.97 0.11 12.01
N GLU A 54 -11.46 1.26 11.55
CA GLU A 54 -12.84 1.42 11.13
C GLU A 54 -13.06 0.79 9.76
N ARG A 55 -12.07 0.94 8.88
CA ARG A 55 -12.13 0.36 7.54
C ARG A 55 -11.85 -1.14 7.60
N ARG A 56 -11.04 -1.53 8.59
CA ARG A 56 -10.63 -2.92 8.76
C ARG A 56 -11.83 -3.77 9.17
N ASP A 57 -12.80 -3.09 9.78
CA ASP A 57 -14.08 -3.71 10.14
C ASP A 57 -14.88 -4.06 8.88
N LEU A 58 -14.58 -3.37 7.78
CA LEU A 58 -15.27 -3.57 6.51
C LEU A 58 -14.50 -4.52 5.60
N PHE A 59 -13.17 -4.53 5.76
CA PHE A 59 -12.30 -5.38 4.93
C PHE A 59 -12.67 -6.86 5.05
N ASP A 60 -12.71 -7.54 3.90
CA ASP A 60 -13.03 -8.96 3.83
C ASP A 60 -11.90 -9.71 3.11
N HIS A 61 -11.68 -10.96 3.53
CA HIS A 61 -10.54 -11.74 3.03
C HIS A 61 -10.61 -11.92 1.50
N ASP A 62 -11.79 -12.30 1.02
CA ASP A 62 -11.98 -12.59 -0.40
C ASP A 62 -11.96 -11.31 -1.22
N VAL A 63 -12.55 -10.25 -0.67
CA VAL A 63 -12.61 -8.97 -1.36
C VAL A 63 -11.19 -8.39 -1.52
N ASN A 64 -10.42 -8.43 -0.43
CA ASN A 64 -9.04 -7.95 -0.46
C ASN A 64 -8.23 -8.72 -1.50
N ARG A 65 -8.52 -10.02 -1.60
CA ARG A 65 -7.87 -10.88 -2.58
C ARG A 65 -8.29 -10.51 -4.00
N ALA A 66 -9.58 -10.30 -4.19
CA ALA A 66 -10.17 -10.08 -5.52
C ALA A 66 -9.40 -9.03 -6.30
N TRP A 67 -8.95 -7.99 -5.61
CA TRP A 67 -8.26 -6.88 -6.25
C TRP A 67 -6.99 -7.36 -6.97
N MET A 68 -6.14 -8.10 -6.24
CA MET A 68 -4.85 -8.54 -6.79
C MET A 68 -5.03 -9.63 -7.86
N GLU A 69 -6.19 -10.28 -7.84
CA GLU A 69 -6.48 -11.34 -8.80
C GLU A 69 -6.82 -10.77 -10.18
N GLU A 70 -7.35 -9.55 -10.19
CA GLU A 70 -7.70 -8.87 -11.44
C GLU A 70 -6.72 -7.76 -11.80
N SER A 71 -5.96 -7.30 -10.81
CA SER A 71 -5.00 -6.22 -11.02
C SER A 71 -3.57 -6.76 -11.02
N ASP A 72 -3.01 -6.92 -12.21
CA ASP A 72 -1.62 -7.36 -12.34
C ASP A 72 -0.68 -6.18 -12.15
N PHE A 73 -0.22 -6.00 -10.91
CA PHE A 73 0.63 -4.87 -10.55
C PHE A 73 1.95 -4.91 -11.33
N LEU A 74 2.27 -3.79 -11.98
CA LEU A 74 3.44 -3.68 -12.82
C LEU A 74 4.47 -2.72 -12.22
N GLU A 75 4.00 -1.54 -11.84
CA GLU A 75 4.88 -0.46 -11.40
C GLU A 75 4.19 0.40 -10.35
N LEU A 76 4.99 1.01 -9.47
CA LEU A 76 4.49 1.91 -8.45
C LEU A 76 5.26 3.22 -8.52
N ARG A 77 4.53 4.32 -8.64
CA ARG A 77 5.12 5.64 -8.88
C ARG A 77 4.61 6.64 -7.86
N VAL A 78 5.41 6.89 -6.83
CA VAL A 78 5.04 7.84 -5.77
C VAL A 78 5.25 9.27 -6.26
N LEU A 79 4.22 10.11 -6.13
CA LEU A 79 4.29 11.49 -6.58
C LEU A 79 4.69 12.41 -5.43
N GLY A 80 3.88 12.43 -4.39
CA GLY A 80 4.13 13.29 -3.25
C GLY A 80 3.62 12.70 -1.96
N SER A 81 4.14 13.19 -0.83
CA SER A 81 3.77 12.68 0.49
C SER A 81 3.58 13.83 1.48
N SER A 82 2.69 13.64 2.44
CA SER A 82 2.42 14.65 3.45
C SER A 82 2.01 14.00 4.77
N GLU A 83 2.81 14.25 5.81
CA GLU A 83 2.48 13.79 7.16
C GLU A 83 2.13 14.99 8.04
N LYS A 84 0.88 15.05 8.48
CA LYS A 84 0.38 16.18 9.26
C LYS A 84 0.02 15.72 10.67
N GLY A 85 0.98 15.79 11.57
CA GLY A 85 0.77 15.35 12.94
C GLY A 85 0.46 13.87 13.04
N SER A 86 -0.82 13.53 13.01
CA SER A 86 -1.26 12.14 13.12
C SER A 86 -2.10 11.74 11.90
N ARG A 87 -2.38 12.69 11.02
CA ARG A 87 -3.08 12.42 9.77
C ARG A 87 -2.07 12.47 8.63
N GLY A 88 -2.11 11.47 7.77
CA GLY A 88 -1.17 11.39 6.67
C GLY A 88 -1.85 11.28 5.34
N THR A 89 -1.13 11.61 4.28
CA THR A 89 -1.66 11.55 2.93
C THR A 89 -0.51 11.43 1.94
N VAL A 90 -0.59 10.45 1.06
CA VAL A 90 0.42 10.26 0.03
C VAL A 90 -0.25 10.05 -1.33
N GLU A 91 0.20 10.82 -2.31
CA GLU A 91 -0.32 10.76 -3.66
C GLU A 91 0.62 9.94 -4.54
N PHE A 92 0.05 9.04 -5.33
CA PHE A 92 0.85 8.14 -6.15
C PHE A 92 0.06 7.66 -7.37
N ILE A 93 0.76 6.98 -8.26
CA ILE A 93 0.19 6.36 -9.43
C ILE A 93 0.55 4.87 -9.45
N ALA A 94 -0.44 4.01 -9.31
CA ALA A 94 -0.23 2.57 -9.35
C ALA A 94 -0.47 2.04 -10.76
N ARG A 95 0.58 1.51 -11.37
CA ARG A 95 0.48 0.97 -12.72
C ARG A 95 0.24 -0.53 -12.66
N PHE A 96 -0.84 -0.96 -13.27
CA PHE A 96 -1.19 -2.37 -13.31
C PHE A 96 -1.82 -2.72 -14.66
N ARG A 97 -1.85 -4.00 -14.98
CA ARG A 97 -2.52 -4.48 -16.17
C ARG A 97 -3.96 -4.80 -15.81
N ARG A 98 -4.89 -4.01 -16.34
CA ARG A 98 -6.29 -4.05 -15.94
C ARG A 98 -6.95 -5.34 -16.43
N GLY A 99 -7.39 -6.16 -15.48
CA GLY A 99 -8.08 -7.40 -15.81
C GLY A 99 -7.14 -8.45 -16.37
N GLY A 100 -6.80 -8.32 -17.64
CA GLY A 100 -5.91 -9.26 -18.29
C GLY A 100 -5.64 -8.89 -19.73
N GLY A 101 -5.36 -7.62 -19.98
CA GLY A 101 -5.06 -7.16 -21.32
C GLY A 101 -4.45 -5.77 -21.32
N PRO A 102 -5.28 -4.72 -21.23
CA PRO A 102 -4.81 -3.33 -21.27
C PRO A 102 -4.11 -2.92 -19.98
N GLU A 103 -3.18 -1.97 -20.08
CA GLU A 103 -2.57 -1.36 -18.91
C GLU A 103 -3.46 -0.24 -18.40
N GLN A 104 -3.28 0.10 -17.13
CA GLN A 104 -3.97 1.24 -16.53
C GLN A 104 -3.15 1.76 -15.37
N SER A 105 -3.17 3.06 -15.18
CA SER A 105 -2.44 3.69 -14.09
C SER A 105 -3.40 4.45 -13.20
N HIS A 106 -3.58 3.96 -11.98
CA HIS A 106 -4.52 4.55 -11.04
C HIS A 106 -3.83 5.62 -10.20
N HIS A 107 -4.12 6.88 -10.53
CA HIS A 107 -3.61 8.03 -9.79
C HIS A 107 -4.58 8.40 -8.68
N GLU A 108 -4.18 8.15 -7.44
CA GLU A 108 -5.01 8.49 -6.30
C GLU A 108 -4.22 9.23 -5.24
N ARG A 109 -4.94 9.68 -4.23
CA ARG A 109 -4.35 10.36 -3.09
C ARG A 109 -4.90 9.73 -1.82
N SER A 110 -4.10 8.89 -1.17
CA SER A 110 -4.56 8.06 -0.07
C SER A 110 -4.33 8.73 1.29
N GLN A 111 -5.35 8.68 2.14
CA GLN A 111 -5.25 9.18 3.51
C GLN A 111 -4.95 8.03 4.47
N PHE A 112 -4.07 8.28 5.43
CA PHE A 112 -3.67 7.29 6.43
C PHE A 112 -3.85 7.88 7.84
N ARG A 113 -4.21 7.01 8.79
CA ARG A 113 -4.34 7.38 10.19
C ARG A 113 -3.15 6.86 10.99
N LYS A 114 -2.49 7.76 11.72
CA LYS A 114 -1.38 7.37 12.58
C LYS A 114 -1.90 7.05 13.97
N ALA A 115 -1.85 5.78 14.35
CA ALA A 115 -2.36 5.34 15.64
C ALA A 115 -1.44 4.28 16.24
N ARG A 116 -1.16 4.42 17.53
CA ARG A 116 -0.35 3.46 18.28
C ARG A 116 1.08 3.39 17.71
N GLY A 117 1.46 4.44 16.98
CA GLY A 117 2.78 4.52 16.38
C GLY A 117 2.82 4.00 14.96
N ARG A 118 1.78 3.26 14.57
CA ARG A 118 1.69 2.68 13.23
C ARG A 118 0.80 3.53 12.32
N TRP A 119 1.00 3.41 11.02
CA TRP A 119 0.13 4.03 10.03
C TRP A 119 -0.88 3.03 9.52
N TYR A 120 -2.12 3.50 9.32
CA TYR A 120 -3.20 2.64 8.82
C TYR A 120 -3.92 3.33 7.67
N PHE A 121 -4.28 2.56 6.65
CA PHE A 121 -5.00 3.08 5.49
C PHE A 121 -6.42 3.47 5.86
N SER A 122 -6.71 4.77 5.80
CA SER A 122 -8.03 5.28 6.18
C SER A 122 -8.98 5.30 4.98
N GLU A 123 -8.50 5.78 3.84
CA GLU A 123 -9.31 5.83 2.62
C GLU A 123 -8.51 6.39 1.46
N GLY A 124 -8.81 5.90 0.27
CA GLY A 124 -8.13 6.37 -0.93
C GLY A 124 -9.12 6.71 -2.03
N GLU A 125 -8.83 7.75 -2.80
CA GLU A 125 -9.72 8.18 -3.87
C GLU A 125 -8.91 8.66 -5.07
N ALA A 126 -9.42 8.39 -6.27
CA ALA A 126 -8.74 8.79 -7.50
C ALA A 126 -8.77 10.30 -7.67
N VAL A 127 -7.63 10.93 -7.40
CA VAL A 127 -7.50 12.37 -7.56
C VAL A 127 -7.14 12.70 -9.01
N ASP A 128 -7.65 13.81 -9.50
CA ASP A 128 -7.47 14.21 -10.89
C ASP A 128 -6.07 14.78 -11.10
N MET A 1 17.49 -8.66 -5.96
CA MET A 1 18.40 -7.51 -5.73
C MET A 1 17.63 -6.30 -5.18
N ASN A 2 16.58 -5.90 -5.89
CA ASN A 2 15.79 -4.74 -5.51
C ASN A 2 14.43 -5.17 -4.95
N CYS A 3 13.45 -4.27 -4.99
CA CYS A 3 12.14 -4.55 -4.41
C CYS A 3 11.05 -3.90 -5.25
N VAL A 4 9.94 -4.61 -5.48
CA VAL A 4 8.81 -4.04 -6.19
C VAL A 4 8.15 -2.95 -5.34
N CYS A 5 8.79 -1.80 -5.36
CA CYS A 5 8.37 -0.64 -4.56
C CYS A 5 9.00 0.63 -5.12
N GLY A 6 8.54 1.79 -4.63
CA GLY A 6 9.24 3.04 -4.91
C GLY A 6 10.49 3.17 -4.05
N SER A 7 11.28 2.09 -4.05
CA SER A 7 12.44 1.96 -3.20
C SER A 7 13.32 0.83 -3.73
N GLY A 8 14.40 1.19 -4.40
CA GLY A 8 15.28 0.20 -5.04
C GLY A 8 15.95 -0.74 -4.05
N LYS A 9 15.71 -0.54 -2.76
CA LYS A 9 16.28 -1.39 -1.72
C LYS A 9 15.80 -2.83 -1.86
N THR A 10 16.48 -3.73 -1.18
CA THR A 10 16.20 -5.17 -1.26
C THR A 10 14.83 -5.49 -0.63
N TYR A 11 14.51 -6.78 -0.59
CA TYR A 11 13.32 -7.24 0.11
C TYR A 11 13.43 -6.88 1.58
N ASP A 12 14.51 -7.33 2.23
CA ASP A 12 14.71 -7.10 3.66
C ASP A 12 14.95 -5.61 3.95
N ASP A 13 15.86 -4.99 3.22
CA ASP A 13 16.20 -3.57 3.45
C ASP A 13 14.97 -2.67 3.28
N CYS A 14 13.96 -3.17 2.57
CA CYS A 14 12.73 -2.42 2.38
C CYS A 14 11.54 -3.07 3.12
N CYS A 15 10.94 -4.10 2.53
CA CYS A 15 9.73 -4.71 3.08
C CYS A 15 10.00 -5.56 4.33
N GLY A 16 11.25 -6.01 4.49
CA GLY A 16 11.57 -7.01 5.50
C GLY A 16 11.05 -6.69 6.90
N PRO A 17 11.39 -5.52 7.46
CA PRO A 17 10.97 -5.13 8.81
C PRO A 17 9.45 -4.97 8.93
N LEU A 18 8.82 -4.58 7.82
CA LEU A 18 7.37 -4.35 7.79
C LEU A 18 6.61 -5.68 7.79
N LEU A 19 6.98 -6.56 6.87
CA LEU A 19 6.30 -7.86 6.74
C LEU A 19 6.69 -8.80 7.88
N ALA A 20 7.83 -8.53 8.51
CA ALA A 20 8.25 -9.27 9.71
C ALA A 20 7.40 -8.85 10.91
N ARG A 21 6.63 -7.77 10.74
CA ARG A 21 5.70 -7.27 11.77
C ARG A 21 6.46 -6.80 13.00
N THR A 22 7.77 -6.71 12.89
CA THR A 22 8.63 -6.37 14.02
C THR A 22 8.81 -4.85 14.14
N ARG A 23 8.83 -4.16 13.00
CA ARG A 23 9.10 -2.73 12.98
C ARG A 23 7.95 -1.97 12.33
N SER A 24 7.66 -0.79 12.86
CA SER A 24 6.66 0.11 12.29
C SER A 24 7.31 0.98 11.21
N ALA A 25 6.57 1.23 10.14
CA ALA A 25 7.07 2.01 9.00
C ALA A 25 7.59 3.39 9.45
N ALA A 26 6.94 3.96 10.46
CA ALA A 26 7.32 5.27 10.99
C ALA A 26 7.25 6.35 9.91
N SER A 27 6.44 6.10 8.89
CA SER A 27 6.29 7.02 7.76
C SER A 27 5.15 6.54 6.86
N PRO A 28 4.30 7.46 6.36
CA PRO A 28 3.15 7.12 5.50
C PRO A 28 3.60 6.45 4.20
N GLU A 29 4.56 7.07 3.52
CA GLU A 29 5.11 6.51 2.29
C GLU A 29 5.71 5.13 2.56
N ALA A 30 6.39 5.00 3.71
CA ALA A 30 7.04 3.75 4.09
C ALA A 30 6.02 2.63 4.22
N LEU A 31 4.88 2.96 4.79
CA LEU A 31 3.78 2.02 4.93
C LEU A 31 3.24 1.67 3.54
N MET A 32 3.10 2.70 2.69
CA MET A 32 2.47 2.54 1.39
C MET A 32 3.25 1.63 0.44
N ARG A 33 4.55 1.88 0.25
CA ARG A 33 5.31 1.11 -0.75
C ARG A 33 5.52 -0.32 -0.27
N SER A 34 5.46 -0.53 1.03
CA SER A 34 5.50 -1.88 1.59
C SER A 34 4.15 -2.57 1.38
N ARG A 35 3.08 -1.81 1.57
CA ARG A 35 1.72 -2.30 1.36
C ARG A 35 1.54 -2.76 -0.09
N TYR A 36 2.07 -1.96 -1.03
CA TYR A 36 2.02 -2.29 -2.44
C TYR A 36 2.75 -3.60 -2.72
N ALA A 37 3.94 -3.73 -2.13
CA ALA A 37 4.75 -4.92 -2.31
C ALA A 37 4.02 -6.17 -1.84
N ALA A 38 3.30 -6.03 -0.72
CA ALA A 38 2.53 -7.14 -0.17
C ALA A 38 1.45 -7.58 -1.14
N TYR A 39 0.86 -6.62 -1.86
CA TYR A 39 -0.11 -6.94 -2.92
C TYR A 39 0.56 -7.75 -4.01
N ALA A 40 1.79 -7.37 -4.36
CA ALA A 40 2.57 -8.09 -5.36
C ALA A 40 3.02 -9.45 -4.84
N LEU A 41 3.04 -9.58 -3.51
CA LEU A 41 3.39 -10.84 -2.85
C LEU A 41 2.11 -11.59 -2.46
N LYS A 42 0.99 -11.19 -3.09
CA LYS A 42 -0.35 -11.78 -2.87
C LYS A 42 -0.72 -11.91 -1.39
N ASP A 43 -0.04 -11.16 -0.52
CA ASP A 43 -0.33 -11.19 0.91
C ASP A 43 -1.32 -10.07 1.26
N PHE A 44 -2.60 -10.34 1.00
CA PHE A 44 -3.67 -9.38 1.27
C PHE A 44 -3.93 -9.24 2.77
N ASP A 45 -3.62 -10.28 3.53
CA ASP A 45 -3.90 -10.30 4.96
C ASP A 45 -3.03 -9.29 5.70
N TYR A 46 -1.78 -9.15 5.27
CA TYR A 46 -0.87 -8.14 5.84
C TYR A 46 -1.44 -6.74 5.61
N ILE A 47 -2.07 -6.56 4.45
CA ILE A 47 -2.69 -5.29 4.11
C ILE A 47 -3.74 -4.92 5.14
N VAL A 48 -4.63 -5.88 5.39
CA VAL A 48 -5.68 -5.74 6.38
C VAL A 48 -5.08 -5.35 7.74
N GLU A 49 -3.94 -5.96 8.09
CA GLU A 49 -3.27 -5.68 9.37
C GLU A 49 -2.82 -4.22 9.44
N THR A 50 -2.34 -3.69 8.31
CA THR A 50 -1.81 -2.32 8.25
C THR A 50 -2.91 -1.32 7.87
N THR A 51 -4.15 -1.73 8.03
CA THR A 51 -5.28 -0.86 7.78
C THR A 51 -5.79 -0.26 9.09
N ASP A 52 -6.36 0.94 9.00
CA ASP A 52 -6.92 1.65 10.16
C ASP A 52 -7.82 0.70 10.96
N PRO A 53 -7.66 0.65 12.29
CA PRO A 53 -8.45 -0.23 13.16
C PRO A 53 -9.96 -0.08 12.90
N GLU A 54 -10.38 1.11 12.46
CA GLU A 54 -11.78 1.36 12.15
C GLU A 54 -12.14 0.78 10.77
N ARG A 55 -11.21 0.89 9.83
CA ARG A 55 -11.43 0.43 8.46
C ARG A 55 -11.22 -1.06 8.32
N ARG A 56 -10.38 -1.61 9.19
CA ARG A 56 -9.98 -3.01 9.12
C ARG A 56 -11.18 -3.93 9.27
N ASP A 57 -12.13 -3.53 10.11
CA ASP A 57 -13.35 -4.28 10.32
C ASP A 57 -14.16 -4.39 9.01
N LEU A 58 -13.94 -3.44 8.12
CA LEU A 58 -14.67 -3.38 6.85
C LEU A 58 -13.93 -4.14 5.76
N PHE A 59 -12.67 -4.48 6.01
CA PHE A 59 -11.84 -5.16 5.02
C PHE A 59 -12.18 -6.65 4.92
N ASP A 60 -13.06 -6.97 3.98
CA ASP A 60 -13.41 -8.35 3.68
C ASP A 60 -12.27 -9.01 2.91
N HIS A 61 -11.63 -10.00 3.53
CA HIS A 61 -10.48 -10.69 2.96
C HIS A 61 -10.77 -11.23 1.56
N ASP A 62 -11.98 -11.73 1.36
CA ASP A 62 -12.40 -12.27 0.06
C ASP A 62 -12.22 -11.22 -1.04
N VAL A 63 -12.83 -10.06 -0.83
CA VAL A 63 -12.80 -8.98 -1.80
C VAL A 63 -11.38 -8.45 -1.97
N ASN A 64 -10.68 -8.32 -0.85
CA ASN A 64 -9.30 -7.80 -0.84
C ASN A 64 -8.42 -8.66 -1.75
N ARG A 65 -8.68 -9.96 -1.75
CA ARG A 65 -7.93 -10.89 -2.60
C ARG A 65 -8.42 -10.82 -4.04
N ALA A 66 -9.74 -10.95 -4.20
CA ALA A 66 -10.37 -11.06 -5.51
C ALA A 66 -9.94 -9.96 -6.47
N TRP A 67 -9.85 -8.73 -5.95
CA TRP A 67 -9.53 -7.59 -6.80
C TRP A 67 -8.08 -7.64 -7.28
N MET A 68 -7.16 -8.01 -6.37
CA MET A 68 -5.73 -8.04 -6.71
C MET A 68 -5.42 -9.20 -7.65
N GLU A 69 -6.28 -10.23 -7.65
CA GLU A 69 -6.09 -11.40 -8.52
C GLU A 69 -6.21 -11.00 -9.98
N GLU A 70 -7.27 -10.25 -10.29
CA GLU A 70 -7.53 -9.80 -11.65
C GLU A 70 -6.63 -8.63 -12.02
N SER A 71 -6.02 -8.00 -11.03
CA SER A 71 -5.22 -6.80 -11.25
C SER A 71 -3.74 -7.05 -11.00
N ASP A 72 -3.00 -7.41 -12.05
CA ASP A 72 -1.56 -7.62 -11.96
C ASP A 72 -0.86 -6.27 -11.80
N PHE A 73 -0.28 -6.03 -10.63
CA PHE A 73 0.40 -4.76 -10.36
C PHE A 73 1.78 -4.72 -11.03
N LEU A 74 2.00 -3.72 -11.89
CA LEU A 74 3.28 -3.57 -12.60
C LEU A 74 4.08 -2.41 -12.02
N GLU A 75 3.50 -1.22 -12.03
CA GLU A 75 4.23 0.00 -11.70
C GLU A 75 3.54 0.78 -10.58
N LEU A 76 4.29 1.06 -9.52
CA LEU A 76 3.83 2.00 -8.50
C LEU A 76 4.51 3.34 -8.73
N ARG A 77 3.72 4.38 -8.90
CA ARG A 77 4.23 5.70 -9.19
C ARG A 77 3.84 6.66 -8.08
N VAL A 78 4.75 6.88 -7.14
CA VAL A 78 4.50 7.77 -6.03
C VAL A 78 4.75 9.21 -6.45
N LEU A 79 3.68 9.98 -6.57
CA LEU A 79 3.77 11.36 -7.02
C LEU A 79 4.37 12.24 -5.94
N GLY A 80 3.89 12.06 -4.72
CA GLY A 80 4.40 12.80 -3.59
C GLY A 80 4.06 12.15 -2.26
N SER A 81 4.70 12.62 -1.19
CA SER A 81 4.48 12.08 0.14
C SER A 81 4.74 13.17 1.19
N SER A 82 3.69 13.58 1.88
CA SER A 82 3.80 14.61 2.91
C SER A 82 3.36 14.07 4.27
N GLU A 83 4.27 14.07 5.23
CA GLU A 83 3.96 13.64 6.59
C GLU A 83 3.65 14.88 7.44
N LYS A 84 2.41 14.98 7.89
CA LYS A 84 1.97 16.13 8.66
C LYS A 84 1.72 15.70 10.11
N GLY A 85 2.79 15.68 10.90
CA GLY A 85 2.68 15.23 12.28
C GLY A 85 2.34 13.76 12.37
N SER A 86 1.20 13.45 13.00
CA SER A 86 0.76 12.07 13.19
C SER A 86 -0.16 11.64 12.04
N ARG A 87 -0.41 12.54 11.10
CA ARG A 87 -1.23 12.24 9.94
C ARG A 87 -0.36 12.36 8.69
N GLY A 88 -0.42 11.36 7.82
CA GLY A 88 0.41 11.36 6.63
C GLY A 88 -0.40 11.15 5.38
N THR A 89 -0.02 11.85 4.32
CA THR A 89 -0.70 11.75 3.03
C THR A 89 0.31 11.42 1.94
N VAL A 90 0.03 10.38 1.16
CA VAL A 90 0.88 10.02 0.05
C VAL A 90 0.05 9.83 -1.23
N GLU A 91 0.33 10.67 -2.21
CA GLU A 91 -0.37 10.62 -3.49
C GLU A 91 0.42 9.77 -4.48
N PHE A 92 -0.23 8.77 -5.06
CA PHE A 92 0.45 7.83 -5.93
C PHE A 92 -0.45 7.38 -7.08
N ILE A 93 0.12 6.58 -7.97
CA ILE A 93 -0.59 6.00 -9.10
C ILE A 93 -0.25 4.51 -9.20
N ALA A 94 -1.26 3.67 -9.04
CA ALA A 94 -1.07 2.23 -9.19
C ALA A 94 -1.37 1.81 -10.63
N ARG A 95 -0.32 1.44 -11.37
CA ARG A 95 -0.49 0.92 -12.72
C ARG A 95 -0.48 -0.60 -12.68
N PHE A 96 -1.55 -1.20 -13.19
CA PHE A 96 -1.70 -2.64 -13.17
C PHE A 96 -2.35 -3.13 -14.47
N ARG A 97 -1.94 -4.31 -14.91
CA ARG A 97 -2.53 -4.94 -16.07
C ARG A 97 -3.69 -5.81 -15.57
N ARG A 98 -4.91 -5.36 -15.83
CA ARG A 98 -6.09 -5.95 -15.21
C ARG A 98 -6.84 -6.86 -16.18
N GLY A 99 -7.61 -7.78 -15.61
CA GLY A 99 -8.40 -8.71 -16.39
C GLY A 99 -7.56 -9.51 -17.37
N GLY A 100 -7.56 -9.07 -18.62
CA GLY A 100 -6.79 -9.75 -19.64
C GLY A 100 -6.61 -8.88 -20.86
N GLY A 101 -6.20 -7.62 -20.66
CA GLY A 101 -5.96 -6.74 -21.77
C GLY A 101 -5.00 -5.62 -21.43
N PRO A 102 -5.50 -4.37 -21.36
CA PRO A 102 -4.67 -3.17 -21.19
C PRO A 102 -4.18 -2.94 -19.76
N GLU A 103 -3.18 -2.07 -19.63
CA GLU A 103 -2.72 -1.60 -18.33
C GLU A 103 -3.54 -0.39 -17.90
N GLN A 104 -4.16 -0.48 -16.74
CA GLN A 104 -4.94 0.62 -16.19
C GLN A 104 -4.14 1.31 -15.09
N SER A 105 -4.32 2.61 -14.95
CA SER A 105 -3.60 3.39 -13.95
C SER A 105 -4.58 4.11 -13.03
N HIS A 106 -4.61 3.69 -11.77
CA HIS A 106 -5.46 4.30 -10.77
C HIS A 106 -4.66 5.36 -10.00
N HIS A 107 -5.18 6.58 -9.96
CA HIS A 107 -4.49 7.69 -9.29
C HIS A 107 -5.30 8.17 -8.09
N GLU A 108 -4.86 7.78 -6.90
CA GLU A 108 -5.52 8.18 -5.66
C GLU A 108 -4.55 8.90 -4.74
N ARG A 109 -5.10 9.49 -3.69
CA ARG A 109 -4.31 10.12 -2.64
C ARG A 109 -4.79 9.57 -1.30
N SER A 110 -4.01 8.63 -0.75
CA SER A 110 -4.41 7.91 0.44
C SER A 110 -3.85 8.56 1.70
N GLN A 111 -4.72 8.73 2.69
CA GLN A 111 -4.32 9.26 3.99
C GLN A 111 -4.12 8.12 4.98
N PHE A 112 -3.05 8.23 5.76
CA PHE A 112 -2.69 7.21 6.74
C PHE A 112 -2.66 7.84 8.14
N ARG A 113 -3.18 7.11 9.12
CA ARG A 113 -3.22 7.57 10.50
C ARG A 113 -2.14 6.86 11.33
N LYS A 114 -1.36 7.64 12.08
CA LYS A 114 -0.34 7.08 12.95
C LYS A 114 -0.93 6.79 14.32
N ALA A 115 -1.12 5.51 14.62
CA ALA A 115 -1.69 5.07 15.89
C ALA A 115 -0.77 4.04 16.54
N ARG A 116 -0.51 4.23 17.83
CA ARG A 116 0.37 3.33 18.59
C ARG A 116 1.78 3.33 17.99
N GLY A 117 2.11 4.37 17.25
CA GLY A 117 3.40 4.46 16.60
C GLY A 117 3.41 3.82 15.22
N ARG A 118 2.38 3.02 14.94
CA ARG A 118 2.25 2.36 13.64
C ARG A 118 1.42 3.21 12.70
N TRP A 119 1.67 3.06 11.40
CA TRP A 119 0.89 3.76 10.39
C TRP A 119 -0.15 2.83 9.80
N TYR A 120 -1.39 3.30 9.73
CA TYR A 120 -2.51 2.52 9.23
C TYR A 120 -3.23 3.26 8.11
N PHE A 121 -3.68 2.53 7.11
CA PHE A 121 -4.46 3.09 6.01
C PHE A 121 -5.84 3.55 6.49
N SER A 122 -6.11 4.85 6.42
CA SER A 122 -7.37 5.39 6.89
C SER A 122 -8.39 5.50 5.75
N GLU A 123 -8.00 6.18 4.67
CA GLU A 123 -8.88 6.39 3.53
C GLU A 123 -8.07 6.59 2.26
N GLY A 124 -8.64 6.19 1.13
CA GLY A 124 -7.97 6.29 -0.15
C GLY A 124 -8.90 6.78 -1.24
N GLU A 125 -9.01 8.09 -1.35
CA GLU A 125 -9.89 8.71 -2.35
C GLU A 125 -9.14 8.91 -3.66
N ALA A 126 -9.81 8.66 -4.77
CA ALA A 126 -9.24 8.89 -6.09
C ALA A 126 -9.17 10.39 -6.35
N VAL A 127 -7.96 10.92 -6.46
CA VAL A 127 -7.75 12.35 -6.65
C VAL A 127 -7.79 12.71 -8.13
N ASP A 128 -8.46 13.81 -8.43
CA ASP A 128 -8.61 14.28 -9.81
C ASP A 128 -7.88 15.61 -9.99
N MET A 1 15.78 -8.23 -7.62
CA MET A 1 16.89 -7.53 -6.91
C MET A 1 16.39 -6.20 -6.38
N ASN A 2 16.05 -5.28 -7.27
CA ASN A 2 15.41 -4.03 -6.87
C ASN A 2 14.00 -4.34 -6.36
N CYS A 3 13.54 -3.57 -5.39
CA CYS A 3 12.27 -3.85 -4.74
C CYS A 3 11.09 -3.56 -5.66
N VAL A 4 10.04 -4.37 -5.54
CA VAL A 4 8.78 -4.15 -6.27
C VAL A 4 7.99 -2.99 -5.64
N CYS A 5 8.67 -1.87 -5.43
CA CYS A 5 8.06 -0.68 -4.86
C CYS A 5 9.08 0.46 -4.87
N GLY A 6 8.59 1.71 -4.81
CA GLY A 6 9.47 2.87 -4.85
C GLY A 6 10.45 2.94 -3.69
N SER A 7 11.51 2.13 -3.78
CA SER A 7 12.57 2.11 -2.80
C SER A 7 13.80 1.45 -3.44
N GLY A 8 14.90 2.19 -3.54
CA GLY A 8 16.09 1.70 -4.21
C GLY A 8 16.88 0.71 -3.37
N LYS A 9 16.18 -0.30 -2.84
CA LYS A 9 16.81 -1.36 -2.05
C LYS A 9 16.17 -2.70 -2.41
N THR A 10 16.71 -3.77 -1.86
CA THR A 10 16.18 -5.11 -2.10
C THR A 10 14.82 -5.29 -1.43
N TYR A 11 14.28 -6.49 -1.53
CA TYR A 11 13.04 -6.83 -0.83
C TYR A 11 13.27 -6.83 0.68
N ASP A 12 14.21 -7.68 1.12
CA ASP A 12 14.45 -7.89 2.54
C ASP A 12 14.96 -6.62 3.22
N ASP A 13 15.83 -5.88 2.53
CA ASP A 13 16.33 -4.61 3.07
C ASP A 13 15.20 -3.60 3.18
N CYS A 14 14.37 -3.52 2.16
CA CYS A 14 13.30 -2.52 2.11
C CYS A 14 12.01 -3.00 2.79
N CYS A 15 11.18 -3.77 2.08
CA CYS A 15 9.88 -4.18 2.60
C CYS A 15 9.98 -5.25 3.68
N GLY A 16 11.12 -5.96 3.72
CA GLY A 16 11.29 -7.10 4.61
C GLY A 16 10.93 -6.80 6.07
N PRO A 17 11.52 -5.76 6.69
CA PRO A 17 11.25 -5.42 8.10
C PRO A 17 9.79 -5.03 8.34
N LEU A 18 9.16 -4.45 7.33
CA LEU A 18 7.76 -4.04 7.42
C LEU A 18 6.86 -5.28 7.41
N LEU A 19 7.08 -6.14 6.42
CA LEU A 19 6.28 -7.35 6.27
C LEU A 19 6.60 -8.35 7.36
N ALA A 20 7.76 -8.21 7.99
CA ALA A 20 8.15 -9.05 9.12
C ALA A 20 7.48 -8.57 10.41
N ARG A 21 6.73 -7.46 10.31
CA ARG A 21 6.03 -6.86 11.46
C ARG A 21 7.02 -6.46 12.57
N THR A 22 8.30 -6.39 12.23
CA THR A 22 9.34 -6.10 13.22
C THR A 22 9.64 -4.61 13.29
N ARG A 23 9.43 -3.90 12.19
CA ARG A 23 9.75 -2.48 12.11
C ARG A 23 8.55 -1.69 11.59
N SER A 24 8.25 -0.57 12.24
CA SER A 24 7.15 0.29 11.82
C SER A 24 7.67 1.33 10.82
N ALA A 25 6.94 1.51 9.71
CA ALA A 25 7.33 2.46 8.68
C ALA A 25 7.43 3.88 9.22
N ALA A 26 6.52 4.23 10.12
CA ALA A 26 6.52 5.53 10.80
C ALA A 26 6.42 6.69 9.81
N SER A 27 6.08 6.39 8.56
CA SER A 27 5.94 7.40 7.51
C SER A 27 4.85 6.96 6.53
N PRO A 28 3.98 7.90 6.09
CA PRO A 28 2.85 7.60 5.20
C PRO A 28 3.32 6.93 3.91
N GLU A 29 4.30 7.54 3.25
CA GLU A 29 4.84 6.99 2.00
C GLU A 29 5.49 5.64 2.24
N ALA A 30 6.26 5.56 3.33
CA ALA A 30 6.98 4.34 3.68
C ALA A 30 6.01 3.18 3.91
N LEU A 31 4.86 3.49 4.51
CA LEU A 31 3.87 2.49 4.85
C LEU A 31 3.11 2.04 3.61
N MET A 32 2.73 2.99 2.76
CA MET A 32 1.94 2.67 1.56
C MET A 32 2.79 1.95 0.51
N ARG A 33 4.07 2.34 0.41
CA ARG A 33 4.95 1.75 -0.60
C ARG A 33 5.37 0.34 -0.19
N SER A 34 5.40 0.09 1.12
CA SER A 34 5.61 -1.27 1.63
C SER A 34 4.32 -2.07 1.48
N ARG A 35 3.20 -1.38 1.66
CA ARG A 35 1.86 -1.97 1.58
C ARG A 35 1.61 -2.50 0.17
N TYR A 36 1.97 -1.70 -0.84
CA TYR A 36 1.85 -2.11 -2.24
C TYR A 36 2.56 -3.43 -2.48
N ALA A 37 3.78 -3.54 -1.96
CA ALA A 37 4.61 -4.72 -2.16
C ALA A 37 3.90 -5.96 -1.65
N ALA A 38 3.17 -5.80 -0.54
CA ALA A 38 2.43 -6.90 0.07
C ALA A 38 1.34 -7.41 -0.87
N TYR A 39 0.70 -6.49 -1.61
CA TYR A 39 -0.31 -6.88 -2.60
C TYR A 39 0.31 -7.79 -3.67
N ALA A 40 1.47 -7.39 -4.18
CA ALA A 40 2.17 -8.15 -5.22
C ALA A 40 2.69 -9.48 -4.66
N LEU A 41 2.79 -9.55 -3.33
CA LEU A 41 3.26 -10.76 -2.64
C LEU A 41 2.08 -11.47 -1.97
N LYS A 42 0.88 -11.16 -2.44
CA LYS A 42 -0.39 -11.74 -1.96
C LYS A 42 -0.51 -11.72 -0.43
N ASP A 43 0.26 -10.85 0.23
CA ASP A 43 0.15 -10.66 1.67
C ASP A 43 -0.95 -9.67 1.99
N PHE A 44 -2.18 -10.00 1.55
CA PHE A 44 -3.33 -9.13 1.77
C PHE A 44 -3.65 -9.02 3.26
N ASP A 45 -3.14 -9.98 4.04
CA ASP A 45 -3.29 -9.96 5.49
C ASP A 45 -2.63 -8.72 6.07
N TYR A 46 -1.37 -8.50 5.71
CA TYR A 46 -0.61 -7.34 6.17
C TYR A 46 -1.35 -6.04 5.83
N ILE A 47 -2.05 -6.06 4.70
CA ILE A 47 -2.82 -4.91 4.25
C ILE A 47 -3.93 -4.59 5.25
N VAL A 48 -4.71 -5.61 5.55
CA VAL A 48 -5.78 -5.51 6.53
C VAL A 48 -5.23 -5.04 7.88
N GLU A 49 -4.06 -5.54 8.24
CA GLU A 49 -3.41 -5.14 9.49
C GLU A 49 -3.04 -3.65 9.45
N THR A 50 -2.57 -3.19 8.29
CA THR A 50 -2.14 -1.80 8.13
C THR A 50 -3.31 -0.90 7.78
N THR A 51 -4.53 -1.41 7.94
CA THR A 51 -5.73 -0.61 7.77
C THR A 51 -6.18 -0.08 9.12
N ASP A 52 -6.82 1.09 9.12
CA ASP A 52 -7.36 1.69 10.34
C ASP A 52 -8.33 0.71 11.01
N PRO A 53 -8.25 0.57 12.34
CA PRO A 53 -9.13 -0.34 13.08
C PRO A 53 -10.61 -0.14 12.74
N GLU A 54 -11.01 1.12 12.56
CA GLU A 54 -12.39 1.45 12.24
C GLU A 54 -12.72 1.07 10.80
N ARG A 55 -11.76 1.28 9.91
CA ARG A 55 -11.94 0.96 8.49
C ARG A 55 -11.77 -0.54 8.26
N ARG A 56 -11.06 -1.20 9.16
CA ARG A 56 -10.79 -2.63 9.05
C ARG A 56 -12.08 -3.43 9.24
N ASP A 57 -13.00 -2.85 9.99
CA ASP A 57 -14.34 -3.44 10.17
C ASP A 57 -15.08 -3.45 8.83
N LEU A 58 -14.65 -2.57 7.93
CA LEU A 58 -15.23 -2.46 6.59
C LEU A 58 -14.30 -3.08 5.55
N PHE A 59 -13.11 -3.48 6.00
CA PHE A 59 -12.05 -3.94 5.10
C PHE A 59 -12.07 -5.47 5.00
N ASP A 60 -12.86 -5.99 4.07
CA ASP A 60 -13.03 -7.43 3.90
C ASP A 60 -11.79 -8.08 3.32
N HIS A 61 -11.34 -9.18 3.94
CA HIS A 61 -10.21 -9.96 3.43
C HIS A 61 -10.51 -10.46 2.03
N ASP A 62 -11.78 -10.84 1.82
CA ASP A 62 -12.24 -11.35 0.52
C ASP A 62 -11.93 -10.38 -0.60
N VAL A 63 -12.31 -9.12 -0.41
CA VAL A 63 -12.10 -8.09 -1.44
C VAL A 63 -10.62 -7.91 -1.75
N ASN A 64 -9.80 -7.94 -0.70
CA ASN A 64 -8.36 -7.79 -0.86
C ASN A 64 -7.78 -8.90 -1.72
N ARG A 65 -8.24 -10.14 -1.47
CA ARG A 65 -7.78 -11.28 -2.25
C ARG A 65 -8.26 -11.14 -3.70
N ALA A 66 -9.56 -10.94 -3.86
CA ALA A 66 -10.18 -10.81 -5.17
C ALA A 66 -9.51 -9.72 -6.00
N TRP A 67 -9.17 -8.61 -5.35
CA TRP A 67 -8.55 -7.48 -6.02
C TRP A 67 -7.22 -7.86 -6.64
N MET A 68 -6.33 -8.45 -5.83
CA MET A 68 -5.00 -8.84 -6.31
C MET A 68 -5.10 -9.96 -7.35
N GLU A 69 -6.20 -10.71 -7.30
CA GLU A 69 -6.47 -11.76 -8.27
C GLU A 69 -6.88 -11.16 -9.62
N GLU A 70 -7.66 -10.08 -9.57
CA GLU A 70 -8.15 -9.43 -10.80
C GLU A 70 -7.23 -8.28 -11.23
N SER A 71 -6.20 -8.02 -10.44
CA SER A 71 -5.25 -6.96 -10.75
C SER A 71 -3.82 -7.44 -10.45
N ASP A 72 -3.10 -7.84 -11.50
CA ASP A 72 -1.74 -8.33 -11.38
C ASP A 72 -0.76 -7.17 -11.26
N PHE A 73 -0.36 -6.84 -10.04
CA PHE A 73 0.48 -5.67 -9.79
C PHE A 73 1.83 -5.79 -10.51
N LEU A 74 2.25 -4.67 -11.10
CA LEU A 74 3.43 -4.64 -11.96
C LEU A 74 4.47 -3.64 -11.46
N GLU A 75 4.03 -2.42 -11.20
CA GLU A 75 4.93 -1.32 -10.87
C GLU A 75 4.26 -0.29 -9.98
N LEU A 76 5.04 0.37 -9.12
CA LEU A 76 4.56 1.47 -8.28
C LEU A 76 5.25 2.77 -8.71
N ARG A 77 4.51 3.87 -8.63
CA ARG A 77 5.04 5.18 -9.00
C ARG A 77 4.59 6.22 -7.99
N VAL A 78 5.48 6.57 -7.07
CA VAL A 78 5.17 7.52 -6.01
C VAL A 78 5.24 8.94 -6.54
N LEU A 79 4.26 9.77 -6.16
CA LEU A 79 4.17 11.14 -6.66
C LEU A 79 4.50 12.15 -5.55
N GLY A 80 3.73 12.10 -4.46
CA GLY A 80 3.91 13.04 -3.36
C GLY A 80 3.60 12.41 -2.02
N SER A 81 3.99 13.08 -0.94
CA SER A 81 3.81 12.55 0.41
C SER A 81 3.92 13.67 1.45
N SER A 82 3.12 13.58 2.51
CA SER A 82 3.16 14.55 3.60
C SER A 82 2.78 13.87 4.92
N GLU A 83 3.53 14.17 5.98
CA GLU A 83 3.21 13.67 7.31
C GLU A 83 2.89 14.83 8.25
N LYS A 84 1.65 14.89 8.73
CA LYS A 84 1.22 15.94 9.64
C LYS A 84 0.99 15.35 11.03
N GLY A 85 1.99 14.62 11.52
CA GLY A 85 1.90 14.01 12.82
C GLY A 85 1.00 12.78 12.83
N SER A 86 -0.21 12.93 13.37
CA SER A 86 -1.14 11.81 13.49
C SER A 86 -1.97 11.66 12.22
N ARG A 87 -1.94 12.67 11.36
CA ARG A 87 -2.65 12.63 10.09
C ARG A 87 -1.63 12.70 8.94
N GLY A 88 -1.79 11.86 7.95
CA GLY A 88 -0.85 11.85 6.84
C GLY A 88 -1.53 11.61 5.51
N THR A 89 -0.91 12.07 4.44
CA THR A 89 -1.44 11.90 3.10
C THR A 89 -0.30 11.58 2.13
N VAL A 90 -0.53 10.65 1.22
CA VAL A 90 0.45 10.28 0.22
C VAL A 90 -0.23 9.96 -1.11
N GLU A 91 0.33 10.49 -2.19
CA GLU A 91 -0.22 10.29 -3.52
C GLU A 91 0.72 9.42 -4.35
N PHE A 92 0.15 8.47 -5.08
CA PHE A 92 0.92 7.54 -5.89
C PHE A 92 0.08 6.96 -7.02
N ILE A 93 0.75 6.24 -7.90
CA ILE A 93 0.10 5.53 -8.99
C ILE A 93 0.54 4.06 -8.97
N ALA A 94 -0.44 3.17 -8.87
CA ALA A 94 -0.18 1.74 -8.89
C ALA A 94 -0.47 1.17 -10.27
N ARG A 95 0.55 0.62 -10.91
CA ARG A 95 0.38 -0.02 -12.22
C ARG A 95 0.16 -1.50 -12.04
N PHE A 96 -0.96 -1.99 -12.56
CA PHE A 96 -1.28 -3.40 -12.50
C PHE A 96 -1.91 -3.84 -13.82
N ARG A 97 -1.79 -5.12 -14.12
CA ARG A 97 -2.36 -5.69 -15.32
C ARG A 97 -3.78 -6.13 -15.03
N ARG A 98 -4.74 -5.42 -15.62
CA ARG A 98 -6.15 -5.61 -15.32
C ARG A 98 -6.65 -6.94 -15.86
N GLY A 99 -6.97 -7.86 -14.95
CA GLY A 99 -7.43 -9.18 -15.33
C GLY A 99 -6.37 -9.94 -16.11
N GLY A 100 -6.41 -9.77 -17.43
CA GLY A 100 -5.41 -10.38 -18.29
C GLY A 100 -5.29 -9.64 -19.60
N GLY A 101 -5.63 -8.35 -19.58
CA GLY A 101 -5.60 -7.55 -20.79
C GLY A 101 -4.62 -6.39 -20.70
N PRO A 102 -5.12 -5.16 -20.49
CA PRO A 102 -4.29 -3.95 -20.50
C PRO A 102 -3.67 -3.66 -19.13
N GLU A 103 -2.57 -2.90 -19.15
CA GLU A 103 -1.96 -2.41 -17.92
C GLU A 103 -2.69 -1.17 -17.45
N GLN A 104 -3.44 -1.30 -16.37
CA GLN A 104 -4.26 -0.22 -15.83
C GLN A 104 -3.52 0.46 -14.70
N SER A 105 -3.62 1.77 -14.63
CA SER A 105 -2.90 2.55 -13.62
C SER A 105 -3.88 3.24 -12.67
N HIS A 106 -3.86 2.83 -11.41
CA HIS A 106 -4.73 3.42 -10.41
C HIS A 106 -4.01 4.56 -9.70
N HIS A 107 -4.42 5.78 -10.00
CA HIS A 107 -3.86 6.97 -9.38
C HIS A 107 -4.81 7.50 -8.33
N GLU A 108 -4.35 7.57 -7.10
CA GLU A 108 -5.15 8.14 -6.01
C GLU A 108 -4.25 8.80 -4.98
N ARG A 109 -4.87 9.41 -4.00
CA ARG A 109 -4.17 10.06 -2.91
C ARG A 109 -4.75 9.56 -1.59
N SER A 110 -4.03 8.63 -0.95
CA SER A 110 -4.55 7.94 0.22
C SER A 110 -4.15 8.65 1.50
N GLN A 111 -5.09 8.79 2.42
CA GLN A 111 -4.84 9.36 3.73
C GLN A 111 -4.71 8.27 4.78
N PHE A 112 -3.77 8.45 5.70
CA PHE A 112 -3.48 7.48 6.74
C PHE A 112 -3.56 8.14 8.11
N ARG A 113 -3.62 7.32 9.16
CA ARG A 113 -3.69 7.81 10.54
C ARG A 113 -2.61 7.13 11.39
N LYS A 114 -1.87 7.91 12.15
CA LYS A 114 -0.73 7.43 12.91
C LYS A 114 -1.14 7.08 14.34
N ALA A 115 -1.22 5.80 14.64
CA ALA A 115 -1.56 5.33 15.99
C ALA A 115 -0.39 4.52 16.56
N ARG A 116 0.11 4.94 17.72
CA ARG A 116 1.26 4.30 18.36
C ARG A 116 2.49 4.30 17.44
N GLY A 117 2.50 5.23 16.48
CA GLY A 117 3.61 5.33 15.54
C GLY A 117 3.39 4.54 14.27
N ARG A 118 2.39 3.66 14.27
CA ARG A 118 2.08 2.87 13.09
C ARG A 118 1.06 3.60 12.24
N TRP A 119 1.27 3.60 10.93
CA TRP A 119 0.34 4.26 10.00
C TRP A 119 -0.73 3.27 9.52
N TYR A 120 -1.98 3.67 9.65
CA TYR A 120 -3.11 2.85 9.24
C TYR A 120 -3.91 3.57 8.17
N PHE A 121 -4.28 2.84 7.12
CA PHE A 121 -5.09 3.38 6.04
C PHE A 121 -6.43 3.91 6.56
N SER A 122 -6.68 5.19 6.35
CA SER A 122 -7.92 5.83 6.81
C SER A 122 -8.91 5.97 5.67
N GLU A 123 -8.44 6.45 4.53
CA GLU A 123 -9.29 6.70 3.37
C GLU A 123 -8.44 6.90 2.12
N GLY A 124 -9.10 6.95 0.96
CA GLY A 124 -8.41 7.20 -0.29
C GLY A 124 -9.36 7.74 -1.33
N GLU A 125 -8.83 8.37 -2.38
CA GLU A 125 -9.64 8.99 -3.41
C GLU A 125 -8.86 9.21 -4.69
N ALA A 126 -9.49 8.92 -5.83
CA ALA A 126 -8.90 9.22 -7.14
C ALA A 126 -8.91 10.73 -7.35
N VAL A 127 -7.73 11.31 -7.54
CA VAL A 127 -7.57 12.76 -7.58
C VAL A 127 -7.89 13.32 -8.96
N ASP A 128 -8.57 14.45 -8.99
CA ASP A 128 -8.88 15.15 -10.24
C ASP A 128 -7.73 16.06 -10.64
N MET A 1 16.31 -9.72 -6.39
CA MET A 1 16.11 -8.63 -7.37
C MET A 1 15.44 -7.43 -6.70
N ASN A 2 15.14 -6.40 -7.48
CA ASN A 2 14.46 -5.21 -6.97
C ASN A 2 13.07 -5.57 -6.47
N CYS A 3 12.59 -4.82 -5.48
CA CYS A 3 11.29 -5.06 -4.88
C CYS A 3 10.20 -4.40 -5.72
N VAL A 4 9.06 -5.06 -5.84
CA VAL A 4 7.90 -4.46 -6.49
C VAL A 4 7.36 -3.31 -5.63
N CYS A 5 8.05 -2.19 -5.69
CA CYS A 5 7.68 -0.99 -4.96
C CYS A 5 8.48 0.20 -5.50
N GLY A 6 7.82 1.35 -5.62
CA GLY A 6 8.53 2.58 -5.92
C GLY A 6 9.58 2.89 -4.86
N SER A 7 10.77 2.33 -5.05
CA SER A 7 11.85 2.44 -4.08
C SER A 7 13.16 1.93 -4.68
N GLY A 8 13.08 0.80 -5.37
CA GLY A 8 14.24 0.24 -6.04
C GLY A 8 14.95 -0.77 -5.17
N LYS A 9 14.75 -0.66 -3.85
CA LYS A 9 15.40 -1.54 -2.89
C LYS A 9 14.88 -2.96 -3.01
N THR A 10 15.62 -3.91 -2.45
CA THR A 10 15.28 -5.32 -2.55
C THR A 10 14.04 -5.65 -1.72
N TYR A 11 13.62 -6.91 -1.75
CA TYR A 11 12.53 -7.36 -0.90
C TYR A 11 12.88 -7.12 0.56
N ASP A 12 14.07 -7.58 0.95
CA ASP A 12 14.56 -7.46 2.32
C ASP A 12 14.74 -6.00 2.71
N ASP A 13 15.56 -5.28 1.94
CA ASP A 13 15.88 -3.88 2.25
C ASP A 13 14.63 -3.01 2.28
N CYS A 14 13.60 -3.42 1.55
CA CYS A 14 12.36 -2.65 1.48
C CYS A 14 11.26 -3.24 2.38
N CYS A 15 10.58 -4.29 1.89
CA CYS A 15 9.44 -4.86 2.63
C CYS A 15 9.87 -5.68 3.86
N GLY A 16 11.12 -6.14 3.87
CA GLY A 16 11.57 -7.09 4.87
C GLY A 16 11.23 -6.71 6.31
N PRO A 17 11.66 -5.51 6.78
CA PRO A 17 11.40 -5.08 8.16
C PRO A 17 9.91 -4.85 8.44
N LEU A 18 9.17 -4.46 7.41
CA LEU A 18 7.74 -4.17 7.56
C LEU A 18 6.94 -5.47 7.69
N LEU A 19 7.16 -6.38 6.75
CA LEU A 19 6.46 -7.66 6.73
C LEU A 19 6.91 -8.53 7.92
N ALA A 20 8.13 -8.28 8.40
CA ALA A 20 8.65 -8.98 9.56
C ALA A 20 8.03 -8.42 10.85
N ARG A 21 7.33 -7.29 10.72
CA ARG A 21 6.67 -6.64 11.85
C ARG A 21 7.68 -6.13 12.88
N THR A 22 8.96 -6.21 12.55
CA THR A 22 10.02 -5.87 13.49
C THR A 22 10.23 -4.36 13.58
N ARG A 23 9.84 -3.65 12.52
CA ARG A 23 10.03 -2.21 12.45
C ARG A 23 8.83 -1.54 11.78
N SER A 24 8.36 -0.45 12.38
CA SER A 24 7.27 0.33 11.82
C SER A 24 7.83 1.34 10.80
N ALA A 25 7.10 1.51 9.70
CA ALA A 25 7.51 2.43 8.64
C ALA A 25 7.70 3.86 9.16
N ALA A 26 6.79 4.28 10.04
CA ALA A 26 6.86 5.59 10.68
C ALA A 26 6.78 6.74 9.66
N SER A 27 6.46 6.40 8.42
CA SER A 27 6.29 7.38 7.35
C SER A 27 5.26 6.87 6.35
N PRO A 28 4.33 7.74 5.89
CA PRO A 28 3.25 7.35 4.98
C PRO A 28 3.79 6.69 3.71
N GLU A 29 4.81 7.30 3.13
CA GLU A 29 5.43 6.77 1.91
C GLU A 29 6.08 5.40 2.18
N ALA A 30 6.76 5.29 3.32
CA ALA A 30 7.47 4.07 3.68
C ALA A 30 6.50 2.94 4.00
N LEU A 31 5.25 3.30 4.28
CA LEU A 31 4.21 2.33 4.57
C LEU A 31 3.49 1.91 3.30
N MET A 32 3.10 2.90 2.49
CA MET A 32 2.25 2.66 1.32
C MET A 32 2.93 1.71 0.31
N ARG A 33 4.23 1.91 0.05
CA ARG A 33 4.93 1.08 -0.93
C ARG A 33 5.10 -0.34 -0.40
N SER A 34 5.06 -0.48 0.92
CA SER A 34 5.19 -1.78 1.56
C SER A 34 3.88 -2.56 1.43
N ARG A 35 2.77 -1.87 1.61
CA ARG A 35 1.45 -2.49 1.44
C ARG A 35 1.24 -2.85 -0.03
N TYR A 36 1.71 -1.99 -0.93
CA TYR A 36 1.61 -2.25 -2.36
C TYR A 36 2.22 -3.61 -2.69
N ALA A 37 3.41 -3.86 -2.15
CA ALA A 37 4.11 -5.12 -2.38
C ALA A 37 3.32 -6.29 -1.83
N ALA A 38 2.59 -6.06 -0.73
CA ALA A 38 1.78 -7.11 -0.12
C ALA A 38 0.75 -7.64 -1.11
N TYR A 39 0.13 -6.75 -1.87
CA TYR A 39 -0.80 -7.15 -2.92
C TYR A 39 -0.08 -7.92 -4.02
N ALA A 40 1.05 -7.37 -4.46
CA ALA A 40 1.85 -7.99 -5.52
C ALA A 40 2.38 -9.36 -5.08
N LEU A 41 2.59 -9.51 -3.77
CA LEU A 41 3.08 -10.76 -3.19
C LEU A 41 1.92 -11.58 -2.62
N LYS A 42 0.70 -11.22 -3.06
CA LYS A 42 -0.55 -11.86 -2.63
C LYS A 42 -0.64 -12.11 -1.12
N ASP A 43 0.11 -11.31 -0.36
CA ASP A 43 0.04 -11.37 1.10
C ASP A 43 -0.91 -10.28 1.60
N PHE A 44 -2.18 -10.42 1.23
CA PHE A 44 -3.20 -9.45 1.62
C PHE A 44 -3.45 -9.50 3.13
N ASP A 45 -2.88 -10.52 3.77
CA ASP A 45 -2.91 -10.63 5.23
C ASP A 45 -2.32 -9.38 5.87
N TYR A 46 -1.11 -9.00 5.42
CA TYR A 46 -0.43 -7.81 5.95
C TYR A 46 -1.23 -6.56 5.63
N ILE A 47 -1.91 -6.56 4.49
CA ILE A 47 -2.76 -5.44 4.08
C ILE A 47 -3.80 -5.13 5.15
N VAL A 48 -4.53 -6.15 5.58
CA VAL A 48 -5.55 -6.01 6.60
C VAL A 48 -4.95 -5.42 7.89
N GLU A 49 -3.78 -5.91 8.25
CA GLU A 49 -3.10 -5.46 9.48
C GLU A 49 -2.82 -3.96 9.44
N THR A 50 -2.36 -3.48 8.28
CA THR A 50 -1.93 -2.10 8.13
C THR A 50 -3.07 -1.20 7.64
N THR A 51 -4.31 -1.64 7.85
CA THR A 51 -5.46 -0.82 7.52
C THR A 51 -5.98 -0.09 8.77
N ASP A 52 -6.59 1.07 8.57
CA ASP A 52 -7.19 1.85 9.65
C ASP A 52 -8.16 0.97 10.44
N PRO A 53 -8.11 1.02 11.79
CA PRO A 53 -8.99 0.21 12.63
C PRO A 53 -10.47 0.38 12.26
N GLU A 54 -10.84 1.59 11.85
CA GLU A 54 -12.22 1.91 11.48
C GLU A 54 -12.57 1.27 10.13
N ARG A 55 -11.57 1.19 9.25
CA ARG A 55 -11.76 0.66 7.90
C ARG A 55 -11.62 -0.87 7.89
N ARG A 56 -10.78 -1.38 8.77
CA ARG A 56 -10.54 -2.81 8.88
C ARG A 56 -11.80 -3.51 9.36
N ASP A 57 -12.68 -2.74 9.98
CA ASP A 57 -14.00 -3.23 10.38
C ASP A 57 -14.81 -3.68 9.16
N LEU A 58 -14.56 -3.03 8.02
CA LEU A 58 -15.23 -3.36 6.76
C LEU A 58 -14.43 -4.40 5.98
N PHE A 59 -13.11 -4.33 6.12
CA PHE A 59 -12.19 -5.17 5.35
C PHE A 59 -12.46 -6.68 5.52
N ASP A 60 -12.67 -7.35 4.38
CA ASP A 60 -12.69 -8.81 4.32
C ASP A 60 -11.46 -9.29 3.56
N HIS A 61 -10.85 -10.37 4.03
CA HIS A 61 -9.63 -10.88 3.43
C HIS A 61 -9.86 -11.28 1.98
N ASP A 62 -11.03 -11.86 1.71
CA ASP A 62 -11.39 -12.28 0.35
C ASP A 62 -11.47 -11.07 -0.58
N VAL A 63 -11.97 -9.95 -0.06
CA VAL A 63 -12.10 -8.73 -0.85
C VAL A 63 -10.74 -8.13 -1.11
N ASN A 64 -9.85 -8.22 -0.12
CA ASN A 64 -8.47 -7.77 -0.27
C ASN A 64 -7.79 -8.59 -1.36
N ARG A 65 -8.12 -9.87 -1.40
CA ARG A 65 -7.65 -10.76 -2.46
C ARG A 65 -8.22 -10.32 -3.80
N ALA A 66 -9.52 -10.04 -3.81
CA ALA A 66 -10.23 -9.67 -5.03
C ALA A 66 -9.54 -8.51 -5.74
N TRP A 67 -9.18 -7.48 -4.97
CA TRP A 67 -8.54 -6.28 -5.54
C TRP A 67 -7.27 -6.64 -6.31
N MET A 68 -6.35 -7.37 -5.67
CA MET A 68 -5.10 -7.76 -6.32
C MET A 68 -5.35 -8.71 -7.49
N GLU A 69 -6.50 -9.38 -7.47
CA GLU A 69 -6.84 -10.33 -8.54
C GLU A 69 -7.35 -9.60 -9.78
N GLU A 70 -8.22 -8.60 -9.60
CA GLU A 70 -8.77 -7.85 -10.72
C GLU A 70 -7.90 -6.63 -11.04
N SER A 71 -6.90 -6.38 -10.20
CA SER A 71 -5.88 -5.38 -10.48
C SER A 71 -4.49 -5.97 -10.25
N ASP A 72 -3.90 -6.52 -11.30
CA ASP A 72 -2.57 -7.11 -11.23
C ASP A 72 -1.51 -6.02 -11.12
N PHE A 73 -1.20 -5.61 -9.90
CA PHE A 73 -0.27 -4.49 -9.67
C PHE A 73 1.10 -4.75 -10.30
N LEU A 74 1.45 -3.93 -11.30
CA LEU A 74 2.71 -4.05 -12.02
C LEU A 74 3.76 -3.08 -11.48
N GLU A 75 3.47 -1.79 -11.57
CA GLU A 75 4.42 -0.75 -11.18
C GLU A 75 3.78 0.23 -10.20
N LEU A 76 4.56 0.67 -9.22
CA LEU A 76 4.15 1.72 -8.31
C LEU A 76 4.98 2.97 -8.60
N ARG A 77 4.30 4.11 -8.71
CA ARG A 77 4.96 5.36 -9.00
C ARG A 77 4.59 6.39 -7.94
N VAL A 78 5.47 6.57 -6.96
CA VAL A 78 5.23 7.49 -5.85
C VAL A 78 5.59 8.91 -6.28
N LEU A 79 4.68 9.84 -6.03
CA LEU A 79 4.85 11.22 -6.49
C LEU A 79 5.22 12.14 -5.33
N GLY A 80 4.39 12.16 -4.30
CA GLY A 80 4.64 13.02 -3.15
C GLY A 80 4.01 12.49 -1.88
N SER A 81 4.42 13.02 -0.73
CA SER A 81 3.92 12.58 0.56
C SER A 81 4.14 13.63 1.64
N SER A 82 3.28 13.64 2.65
CA SER A 82 3.38 14.59 3.75
C SER A 82 2.87 13.98 5.06
N GLU A 83 3.60 14.19 6.15
CA GLU A 83 3.19 13.76 7.48
C GLU A 83 2.74 14.97 8.29
N LYS A 84 1.46 15.01 8.65
CA LYS A 84 0.91 16.12 9.41
C LYS A 84 0.61 15.65 10.84
N GLY A 85 1.63 15.09 11.48
CA GLY A 85 1.49 14.60 12.84
C GLY A 85 0.99 13.16 12.88
N SER A 86 -0.26 12.98 13.27
CA SER A 86 -0.86 11.65 13.34
C SER A 86 -1.79 11.42 12.13
N ARG A 87 -1.73 12.33 11.17
CA ARG A 87 -2.52 12.22 9.95
C ARG A 87 -1.64 12.62 8.77
N GLY A 88 -1.65 11.83 7.70
CA GLY A 88 -0.78 12.11 6.57
C GLY A 88 -1.38 11.70 5.26
N THR A 89 -0.65 11.92 4.17
CA THR A 89 -1.10 11.62 2.83
C THR A 89 0.08 11.34 1.92
N VAL A 90 -0.14 10.49 0.91
CA VAL A 90 0.86 10.23 -0.12
C VAL A 90 0.18 9.98 -1.45
N GLU A 91 0.56 10.77 -2.45
CA GLU A 91 0.00 10.65 -3.79
C GLU A 91 0.90 9.78 -4.66
N PHE A 92 0.30 8.90 -5.44
CA PHE A 92 1.04 7.94 -6.25
C PHE A 92 0.22 7.49 -7.45
N ILE A 93 0.80 6.60 -8.22
CA ILE A 93 0.13 5.98 -9.35
C ILE A 93 0.29 4.47 -9.26
N ALA A 94 -0.82 3.78 -8.99
CA ALA A 94 -0.84 2.33 -8.97
C ALA A 94 -1.19 1.79 -10.35
N ARG A 95 -0.21 1.20 -11.02
CA ARG A 95 -0.44 0.60 -12.33
C ARG A 95 -0.67 -0.89 -12.19
N PHE A 96 -1.63 -1.41 -12.93
CA PHE A 96 -1.99 -2.81 -12.86
C PHE A 96 -2.43 -3.34 -14.22
N ARG A 97 -2.23 -4.63 -14.42
CA ARG A 97 -2.58 -5.31 -15.65
C ARG A 97 -3.99 -5.91 -15.53
N ARG A 98 -4.83 -5.63 -16.52
CA ARG A 98 -6.21 -6.08 -16.51
C ARG A 98 -6.38 -7.33 -17.37
N GLY A 99 -7.05 -8.34 -16.81
CA GLY A 99 -7.35 -9.57 -17.55
C GLY A 99 -6.12 -10.24 -18.13
N GLY A 100 -4.97 -9.98 -17.54
CA GLY A 100 -3.72 -10.58 -18.00
C GLY A 100 -3.29 -10.07 -19.37
N GLY A 101 -3.93 -9.00 -19.83
CA GLY A 101 -3.62 -8.43 -21.14
C GLY A 101 -3.11 -7.01 -21.04
N PRO A 102 -3.98 -6.02 -21.30
CA PRO A 102 -3.58 -4.60 -21.33
C PRO A 102 -3.23 -4.06 -19.94
N GLU A 103 -2.41 -3.01 -19.91
CA GLU A 103 -2.04 -2.35 -18.66
C GLU A 103 -2.90 -1.11 -18.46
N GLN A 104 -3.33 -0.89 -17.23
CA GLN A 104 -4.09 0.29 -16.85
C GLN A 104 -3.45 0.93 -15.64
N SER A 105 -3.35 2.25 -15.65
CA SER A 105 -2.71 2.99 -14.57
C SER A 105 -3.74 3.87 -13.86
N HIS A 106 -3.77 3.78 -12.54
CA HIS A 106 -4.67 4.59 -11.74
C HIS A 106 -3.86 5.58 -10.91
N HIS A 107 -4.21 6.84 -10.99
CA HIS A 107 -3.51 7.90 -10.26
C HIS A 107 -4.37 8.35 -9.08
N GLU A 108 -4.03 7.87 -7.89
CA GLU A 108 -4.82 8.17 -6.70
C GLU A 108 -3.99 8.93 -5.67
N ARG A 109 -4.69 9.39 -4.65
CA ARG A 109 -4.09 10.13 -3.56
C ARG A 109 -4.69 9.63 -2.24
N SER A 110 -3.94 8.79 -1.54
CA SER A 110 -4.47 8.09 -0.37
C SER A 110 -4.04 8.76 0.92
N GLN A 111 -4.98 8.88 1.86
CA GLN A 111 -4.71 9.42 3.18
C GLN A 111 -4.49 8.27 4.18
N PHE A 112 -3.51 8.46 5.05
CA PHE A 112 -3.16 7.45 6.05
C PHE A 112 -3.21 8.06 7.44
N ARG A 113 -3.51 7.24 8.43
CA ARG A 113 -3.57 7.67 9.82
C ARG A 113 -2.42 7.04 10.61
N LYS A 114 -1.93 7.75 11.61
CA LYS A 114 -0.79 7.29 12.38
C LYS A 114 -1.20 6.98 13.81
N ALA A 115 -0.84 5.79 14.29
CA ALA A 115 -1.14 5.37 15.64
C ALA A 115 0.03 4.57 16.21
N ARG A 116 0.53 5.00 17.37
CA ARG A 116 1.66 4.33 18.04
C ARG A 116 2.88 4.25 17.13
N GLY A 117 2.97 5.19 16.18
CA GLY A 117 4.10 5.24 15.26
C GLY A 117 3.84 4.48 13.96
N ARG A 118 2.87 3.58 13.97
CA ARG A 118 2.55 2.82 12.77
C ARG A 118 1.54 3.58 11.93
N TRP A 119 1.68 3.49 10.61
CA TRP A 119 0.74 4.12 9.69
C TRP A 119 -0.28 3.09 9.20
N TYR A 120 -1.52 3.54 9.06
CA TYR A 120 -2.62 2.70 8.65
C TYR A 120 -3.40 3.38 7.52
N PHE A 121 -3.85 2.59 6.54
CA PHE A 121 -4.60 3.12 5.42
C PHE A 121 -6.00 3.54 5.86
N SER A 122 -6.31 4.83 5.71
CA SER A 122 -7.62 5.36 6.08
C SER A 122 -8.55 5.38 4.87
N GLU A 123 -8.23 6.21 3.90
CA GLU A 123 -9.09 6.41 2.73
C GLU A 123 -8.27 6.59 1.47
N GLY A 124 -8.72 5.98 0.38
CA GLY A 124 -8.02 6.05 -0.89
C GLY A 124 -8.93 6.47 -2.02
N GLU A 125 -8.76 7.69 -2.48
CA GLU A 125 -9.57 8.24 -3.56
C GLU A 125 -8.67 8.71 -4.71
N ALA A 126 -9.28 9.00 -5.86
CA ALA A 126 -8.55 9.49 -7.01
C ALA A 126 -8.11 10.94 -6.77
N VAL A 127 -7.00 11.33 -7.39
CA VAL A 127 -6.45 12.68 -7.20
C VAL A 127 -7.34 13.73 -7.85
N ASP A 128 -7.68 14.76 -7.08
CA ASP A 128 -8.50 15.87 -7.57
C ASP A 128 -8.10 17.17 -6.88
N MET A 1 17.36 -8.03 -8.17
CA MET A 1 15.97 -7.68 -8.55
C MET A 1 15.39 -6.71 -7.53
N ASN A 2 14.75 -5.65 -8.01
CA ASN A 2 14.20 -4.61 -7.15
C ASN A 2 12.92 -5.07 -6.46
N CYS A 3 12.62 -4.47 -5.33
CA CYS A 3 11.39 -4.75 -4.59
C CYS A 3 10.21 -4.14 -5.33
N VAL A 4 9.15 -4.93 -5.52
CA VAL A 4 7.90 -4.38 -6.06
C VAL A 4 7.38 -3.27 -5.16
N CYS A 5 7.87 -2.07 -5.44
CA CYS A 5 7.61 -0.89 -4.62
C CYS A 5 8.12 0.37 -5.32
N GLY A 6 7.68 1.53 -4.86
CA GLY A 6 8.27 2.79 -5.29
C GLY A 6 9.61 3.01 -4.61
N SER A 7 10.52 2.07 -4.83
CA SER A 7 11.84 2.06 -4.20
C SER A 7 12.61 0.83 -4.66
N GLY A 8 13.74 1.07 -5.35
CA GLY A 8 14.49 -0.02 -5.97
C GLY A 8 15.29 -0.86 -4.99
N LYS A 9 15.04 -0.68 -3.69
CA LYS A 9 15.71 -1.46 -2.66
C LYS A 9 15.21 -2.91 -2.68
N THR A 10 15.92 -3.80 -2.00
CA THR A 10 15.58 -5.23 -2.03
C THR A 10 14.32 -5.51 -1.21
N TYR A 11 13.87 -6.75 -1.23
CA TYR A 11 12.73 -7.19 -0.43
C TYR A 11 13.02 -6.97 1.06
N ASP A 12 14.10 -7.60 1.53
CA ASP A 12 14.48 -7.56 2.94
C ASP A 12 14.81 -6.14 3.37
N ASP A 13 15.53 -5.42 2.51
CA ASP A 13 15.96 -4.06 2.81
C ASP A 13 14.76 -3.14 2.95
N CYS A 14 13.84 -3.25 1.99
CA CYS A 14 12.67 -2.39 1.95
C CYS A 14 11.53 -2.93 2.82
N CYS A 15 10.85 -3.99 2.36
CA CYS A 15 9.68 -4.51 3.06
C CYS A 15 10.03 -5.28 4.33
N GLY A 16 11.26 -5.80 4.40
CA GLY A 16 11.62 -6.74 5.47
C GLY A 16 11.26 -6.27 6.87
N PRO A 17 11.71 -5.06 7.31
CA PRO A 17 11.42 -4.55 8.65
C PRO A 17 9.92 -4.30 8.88
N LEU A 18 9.22 -3.97 7.80
CA LEU A 18 7.78 -3.69 7.88
C LEU A 18 6.99 -4.99 8.02
N LEU A 19 7.28 -5.96 7.16
CA LEU A 19 6.61 -7.26 7.17
C LEU A 19 7.01 -8.06 8.41
N ALA A 20 8.20 -7.75 8.95
CA ALA A 20 8.65 -8.35 10.20
C ALA A 20 7.86 -7.78 11.37
N ARG A 21 7.04 -6.76 11.08
CA ARG A 21 6.14 -6.15 12.07
C ARG A 21 6.93 -5.53 13.23
N THR A 22 8.25 -5.38 13.03
CA THR A 22 9.13 -4.95 14.11
C THR A 22 9.55 -3.49 13.93
N ARG A 23 9.19 -2.89 12.81
CA ARG A 23 9.52 -1.49 12.54
C ARG A 23 8.30 -0.71 12.10
N SER A 24 8.13 0.48 12.67
CA SER A 24 7.06 1.38 12.28
C SER A 24 7.55 2.30 11.15
N ALA A 25 6.84 2.27 10.02
CA ALA A 25 7.19 3.11 8.87
C ALA A 25 7.22 4.59 9.25
N ALA A 26 6.32 4.97 10.15
CA ALA A 26 6.26 6.34 10.70
C ALA A 26 5.98 7.39 9.62
N SER A 27 5.66 6.94 8.41
CA SER A 27 5.42 7.84 7.30
C SER A 27 4.43 7.20 6.31
N PRO A 28 3.44 7.98 5.82
CA PRO A 28 2.42 7.46 4.89
C PRO A 28 3.04 6.87 3.62
N GLU A 29 4.04 7.55 3.07
CA GLU A 29 4.69 7.11 1.84
C GLU A 29 5.54 5.86 2.08
N ALA A 30 6.09 5.75 3.29
CA ALA A 30 6.87 4.57 3.67
C ALA A 30 5.95 3.38 3.90
N LEU A 31 4.78 3.65 4.45
CA LEU A 31 3.81 2.62 4.80
C LEU A 31 3.11 2.09 3.54
N MET A 32 2.81 3.00 2.61
CA MET A 32 2.07 2.63 1.41
C MET A 32 2.86 1.66 0.53
N ARG A 33 4.13 1.96 0.22
CA ARG A 33 4.88 1.14 -0.73
C ARG A 33 5.30 -0.19 -0.11
N SER A 34 5.41 -0.22 1.21
CA SER A 34 5.77 -1.44 1.91
C SER A 34 4.61 -2.43 1.88
N ARG A 35 3.42 -1.94 2.19
CA ARG A 35 2.22 -2.76 2.17
C ARG A 35 1.86 -3.12 0.72
N TYR A 36 2.16 -2.22 -0.21
CA TYR A 36 1.92 -2.47 -1.64
C TYR A 36 2.55 -3.81 -2.06
N ALA A 37 3.77 -4.05 -1.60
CA ALA A 37 4.49 -5.27 -1.92
C ALA A 37 3.77 -6.50 -1.36
N ALA A 38 3.09 -6.31 -0.22
CA ALA A 38 2.33 -7.40 0.40
C ALA A 38 1.22 -7.87 -0.53
N TYR A 39 0.59 -6.93 -1.25
CA TYR A 39 -0.42 -7.29 -2.24
C TYR A 39 0.20 -8.13 -3.35
N ALA A 40 1.39 -7.76 -3.78
CA ALA A 40 2.11 -8.48 -4.81
C ALA A 40 2.53 -9.87 -4.31
N LEU A 41 2.75 -9.97 -3.00
CA LEU A 41 3.09 -11.24 -2.36
C LEU A 41 1.82 -11.94 -1.88
N LYS A 42 0.67 -11.49 -2.39
CA LYS A 42 -0.66 -12.01 -2.03
C LYS A 42 -0.84 -12.18 -0.52
N ASP A 43 -0.07 -11.45 0.26
CA ASP A 43 -0.16 -11.49 1.71
C ASP A 43 -0.98 -10.30 2.21
N PHE A 44 -2.30 -10.48 2.22
CA PHE A 44 -3.21 -9.45 2.69
C PHE A 44 -3.11 -9.29 4.21
N ASP A 45 -2.47 -10.27 4.85
CA ASP A 45 -2.29 -10.28 6.31
C ASP A 45 -1.70 -8.95 6.80
N TYR A 46 -0.56 -8.55 6.23
CA TYR A 46 0.08 -7.29 6.61
C TYR A 46 -0.81 -6.10 6.25
N ILE A 47 -1.55 -6.24 5.16
CA ILE A 47 -2.43 -5.18 4.69
C ILE A 47 -3.51 -4.87 5.72
N VAL A 48 -4.21 -5.91 6.14
CA VAL A 48 -5.31 -5.77 7.09
C VAL A 48 -4.84 -5.05 8.36
N GLU A 49 -3.66 -5.40 8.85
CA GLU A 49 -3.11 -4.80 10.05
C GLU A 49 -2.76 -3.32 9.82
N THR A 50 -2.36 -2.99 8.59
CA THR A 50 -1.96 -1.62 8.26
C THR A 50 -3.15 -0.81 7.75
N THR A 51 -4.35 -1.27 8.05
CA THR A 51 -5.57 -0.57 7.67
C THR A 51 -6.26 0.02 8.90
N ASP A 52 -6.99 1.11 8.70
CA ASP A 52 -7.74 1.78 9.76
C ASP A 52 -8.58 0.76 10.53
N PRO A 53 -8.61 0.83 11.87
CA PRO A 53 -9.35 -0.11 12.71
C PRO A 53 -10.83 -0.20 12.31
N GLU A 54 -11.38 0.93 11.86
CA GLU A 54 -12.77 1.01 11.46
C GLU A 54 -12.98 0.41 10.06
N ARG A 55 -11.97 0.58 9.20
CA ARG A 55 -12.03 0.05 7.83
C ARG A 55 -11.69 -1.44 7.84
N ARG A 56 -10.92 -1.84 8.84
CA ARG A 56 -10.44 -3.21 8.95
C ARG A 56 -11.61 -4.19 9.05
N ASP A 57 -12.72 -3.68 9.57
CA ASP A 57 -13.96 -4.47 9.64
C ASP A 57 -14.45 -4.80 8.24
N LEU A 58 -14.41 -3.80 7.37
CA LEU A 58 -14.87 -3.94 5.98
C LEU A 58 -13.87 -4.79 5.18
N PHE A 59 -12.62 -4.77 5.62
CA PHE A 59 -11.59 -5.62 5.04
C PHE A 59 -11.88 -7.08 5.32
N ASP A 60 -12.39 -7.79 4.32
CA ASP A 60 -12.70 -9.21 4.45
C ASP A 60 -11.69 -10.03 3.65
N HIS A 61 -11.31 -11.20 4.17
CA HIS A 61 -10.21 -11.99 3.61
C HIS A 61 -10.41 -12.28 2.12
N ASP A 62 -11.61 -12.72 1.75
CA ASP A 62 -11.92 -13.04 0.35
C ASP A 62 -11.71 -11.83 -0.56
N VAL A 63 -12.25 -10.69 -0.13
CA VAL A 63 -12.25 -9.47 -0.94
C VAL A 63 -10.83 -8.93 -1.12
N ASN A 64 -10.06 -8.94 -0.04
CA ASN A 64 -8.69 -8.42 -0.06
C ASN A 64 -7.84 -9.15 -1.10
N ARG A 65 -8.09 -10.46 -1.23
CA ARG A 65 -7.38 -11.28 -2.22
C ARG A 65 -7.94 -11.03 -3.61
N ALA A 66 -9.27 -11.02 -3.71
CA ALA A 66 -9.98 -10.91 -4.98
C ALA A 66 -9.45 -9.75 -5.84
N TRP A 67 -9.16 -8.63 -5.19
CA TRP A 67 -8.69 -7.43 -5.89
C TRP A 67 -7.41 -7.71 -6.68
N MET A 68 -6.39 -8.23 -5.99
CA MET A 68 -5.08 -8.42 -6.61
C MET A 68 -5.15 -9.46 -7.73
N GLU A 69 -6.05 -10.42 -7.59
CA GLU A 69 -6.15 -11.53 -8.54
C GLU A 69 -6.51 -11.03 -9.93
N GLU A 70 -7.26 -9.92 -10.00
CA GLU A 70 -7.63 -9.32 -11.28
C GLU A 70 -6.92 -7.97 -11.47
N SER A 71 -5.97 -7.68 -10.59
CA SER A 71 -5.15 -6.49 -10.70
C SER A 71 -3.69 -6.85 -10.46
N ASP A 72 -3.06 -7.45 -11.47
CA ASP A 72 -1.66 -7.87 -11.37
C ASP A 72 -0.75 -6.65 -11.25
N PHE A 73 -0.44 -6.28 -10.00
CA PHE A 73 0.40 -5.12 -9.72
C PHE A 73 1.77 -5.28 -10.37
N LEU A 74 2.22 -4.24 -11.06
CA LEU A 74 3.47 -4.27 -11.82
C LEU A 74 4.47 -3.26 -11.26
N GLU A 75 4.01 -2.02 -11.09
CA GLU A 75 4.89 -0.94 -10.66
C GLU A 75 4.11 0.12 -9.89
N LEU A 76 4.77 0.75 -8.93
CA LEU A 76 4.14 1.79 -8.11
C LEU A 76 4.89 3.11 -8.28
N ARG A 77 4.17 4.17 -8.61
CA ARG A 77 4.77 5.48 -8.81
C ARG A 77 4.24 6.45 -7.76
N VAL A 78 5.03 6.65 -6.72
CA VAL A 78 4.65 7.54 -5.63
C VAL A 78 4.98 8.99 -6.00
N LEU A 79 3.99 9.86 -5.90
CA LEU A 79 4.12 11.24 -6.34
C LEU A 79 4.51 12.15 -5.16
N GLY A 80 3.66 12.20 -4.15
CA GLY A 80 3.91 13.07 -3.01
C GLY A 80 3.13 12.67 -1.78
N SER A 81 3.60 13.09 -0.61
CA SER A 81 2.96 12.77 0.66
C SER A 81 2.92 13.99 1.56
N SER A 82 1.99 13.99 2.51
CA SER A 82 1.88 15.08 3.49
C SER A 82 1.32 14.54 4.79
N GLU A 83 1.93 14.95 5.91
CA GLU A 83 1.46 14.57 7.24
C GLU A 83 0.72 15.75 7.87
N LYS A 84 -0.58 15.58 8.11
CA LYS A 84 -1.40 16.63 8.71
C LYS A 84 -1.69 16.27 10.17
N GLY A 85 -0.72 16.55 11.04
CA GLY A 85 -0.87 16.23 12.45
C GLY A 85 -0.93 14.73 12.71
N SER A 86 -2.16 14.19 12.79
CA SER A 86 -2.36 12.77 13.05
C SER A 86 -3.07 12.08 11.87
N ARG A 87 -3.30 12.85 10.80
CA ARG A 87 -3.87 12.29 9.58
C ARG A 87 -2.99 12.72 8.40
N GLY A 88 -2.67 11.78 7.53
CA GLY A 88 -1.80 12.08 6.41
C GLY A 88 -2.42 11.66 5.10
N THR A 89 -1.74 11.96 4.01
CA THR A 89 -2.21 11.59 2.69
C THR A 89 -1.03 11.47 1.72
N VAL A 90 -1.09 10.49 0.84
CA VAL A 90 -0.07 10.29 -0.17
C VAL A 90 -0.72 10.01 -1.51
N GLU A 91 -0.27 10.73 -2.53
CA GLU A 91 -0.78 10.59 -3.88
C GLU A 91 0.17 9.73 -4.70
N PHE A 92 -0.37 8.84 -5.52
CA PHE A 92 0.45 7.90 -6.29
C PHE A 92 -0.26 7.43 -7.55
N ILE A 93 0.44 6.58 -8.29
CA ILE A 93 -0.10 5.94 -9.48
C ILE A 93 0.25 4.46 -9.46
N ALA A 94 -0.75 3.61 -9.30
CA ALA A 94 -0.54 2.16 -9.29
C ALA A 94 -0.68 1.59 -10.69
N ARG A 95 0.41 1.07 -11.25
CA ARG A 95 0.39 0.43 -12.56
C ARG A 95 0.24 -1.07 -12.40
N PHE A 96 -0.83 -1.61 -12.98
CA PHE A 96 -1.14 -3.03 -12.89
C PHE A 96 -1.73 -3.52 -14.19
N ARG A 97 -1.60 -4.81 -14.46
CA ARG A 97 -2.24 -5.40 -15.62
C ARG A 97 -3.62 -5.88 -15.20
N ARG A 98 -4.65 -5.18 -15.66
CA ARG A 98 -6.01 -5.45 -15.23
C ARG A 98 -6.51 -6.74 -15.87
N GLY A 99 -7.36 -7.47 -15.13
CA GLY A 99 -7.91 -8.72 -15.61
C GLY A 99 -8.74 -8.53 -16.87
N GLY A 100 -8.06 -8.42 -18.00
CA GLY A 100 -8.72 -8.16 -19.26
C GLY A 100 -7.74 -8.10 -20.41
N GLY A 101 -6.55 -7.54 -20.15
CA GLY A 101 -5.52 -7.46 -21.18
C GLY A 101 -4.50 -6.36 -20.95
N PRO A 102 -4.90 -5.08 -21.07
CA PRO A 102 -3.96 -3.95 -21.02
C PRO A 102 -3.48 -3.61 -19.61
N GLU A 103 -2.34 -2.92 -19.55
CA GLU A 103 -1.78 -2.43 -18.30
C GLU A 103 -2.45 -1.10 -17.94
N GLN A 104 -3.23 -1.11 -16.87
CA GLN A 104 -3.93 0.09 -16.43
C GLN A 104 -3.18 0.74 -15.27
N SER A 105 -3.17 2.06 -15.24
CA SER A 105 -2.52 2.81 -14.18
C SER A 105 -3.55 3.69 -13.49
N HIS A 106 -3.81 3.41 -12.23
CA HIS A 106 -4.80 4.16 -11.48
C HIS A 106 -4.11 5.25 -10.67
N HIS A 107 -4.46 6.50 -10.95
CA HIS A 107 -3.90 7.64 -10.24
C HIS A 107 -4.90 8.16 -9.20
N GLU A 108 -4.68 7.80 -7.94
CA GLU A 108 -5.55 8.21 -6.85
C GLU A 108 -4.74 8.86 -5.74
N ARG A 109 -5.42 9.21 -4.66
CA ARG A 109 -4.82 9.89 -3.52
C ARG A 109 -5.33 9.25 -2.24
N SER A 110 -4.49 8.44 -1.60
CA SER A 110 -4.90 7.65 -0.45
C SER A 110 -4.62 8.40 0.86
N GLN A 111 -5.62 8.45 1.73
CA GLN A 111 -5.49 9.08 3.03
C GLN A 111 -5.19 8.04 4.10
N PHE A 112 -4.23 8.38 4.96
CA PHE A 112 -3.79 7.50 6.02
C PHE A 112 -4.00 8.15 7.38
N ARG A 113 -4.04 7.32 8.41
CA ARG A 113 -4.27 7.76 9.77
C ARG A 113 -3.13 7.32 10.67
N LYS A 114 -2.75 8.17 11.61
CA LYS A 114 -1.64 7.89 12.50
C LYS A 114 -2.14 7.52 13.88
N ALA A 115 -1.90 6.27 14.27
CA ALA A 115 -2.29 5.76 15.57
C ALA A 115 -1.15 4.96 16.19
N ARG A 116 -0.81 5.29 17.43
CA ARG A 116 0.29 4.62 18.14
C ARG A 116 1.62 4.90 17.43
N GLY A 117 1.61 5.95 16.61
CA GLY A 117 2.79 6.31 15.84
C GLY A 117 2.87 5.59 14.50
N ARG A 118 2.02 4.57 14.33
CA ARG A 118 1.98 3.81 13.08
C ARG A 118 0.92 4.37 12.16
N TRP A 119 1.07 4.12 10.86
CA TRP A 119 0.15 4.62 9.86
C TRP A 119 -0.78 3.52 9.35
N TYR A 120 -2.04 3.88 9.15
CA TYR A 120 -3.07 2.95 8.71
C TYR A 120 -3.86 3.54 7.55
N PHE A 121 -4.23 2.71 6.58
CA PHE A 121 -5.03 3.14 5.45
C PHE A 121 -6.47 3.44 5.88
N SER A 122 -6.90 4.69 5.74
CA SER A 122 -8.24 5.10 6.13
C SER A 122 -9.19 5.12 4.92
N GLU A 123 -8.78 5.82 3.87
CA GLU A 123 -9.64 6.01 2.70
C GLU A 123 -8.80 6.38 1.48
N GLY A 124 -9.48 6.54 0.35
CA GLY A 124 -8.81 6.91 -0.88
C GLY A 124 -9.76 7.58 -1.86
N GLU A 125 -9.32 8.68 -2.46
CA GLU A 125 -10.13 9.42 -3.41
C GLU A 125 -9.38 9.58 -4.73
N ALA A 126 -10.12 9.74 -5.82
CA ALA A 126 -9.53 9.91 -7.14
C ALA A 126 -9.04 11.34 -7.31
N VAL A 127 -7.78 11.50 -7.69
CA VAL A 127 -7.19 12.82 -7.90
C VAL A 127 -7.90 13.53 -9.05
N ASP A 128 -8.68 14.53 -8.72
CA ASP A 128 -9.42 15.30 -9.72
C ASP A 128 -9.28 16.79 -9.43
N MET A 1 16.34 -8.88 -6.40
CA MET A 1 17.40 -7.84 -6.39
C MET A 1 16.85 -6.53 -5.81
N ASN A 2 15.93 -5.89 -6.53
CA ASN A 2 15.30 -4.66 -6.06
C ASN A 2 13.90 -4.97 -5.51
N CYS A 3 13.25 -3.98 -4.93
CA CYS A 3 11.92 -4.17 -4.36
C CYS A 3 10.84 -4.03 -5.42
N VAL A 4 9.75 -4.78 -5.28
CA VAL A 4 8.60 -4.67 -6.18
C VAL A 4 7.72 -3.47 -5.81
N CYS A 5 8.36 -2.34 -5.54
CA CYS A 5 7.65 -1.12 -5.20
C CYS A 5 8.61 0.06 -5.28
N GLY A 6 8.17 1.14 -5.92
CA GLY A 6 9.02 2.31 -6.14
C GLY A 6 9.60 2.90 -4.86
N SER A 7 10.72 2.34 -4.42
CA SER A 7 11.43 2.85 -3.25
C SER A 7 12.93 2.98 -3.54
N GLY A 8 13.38 2.41 -4.65
CA GLY A 8 14.80 2.40 -4.97
C GLY A 8 15.59 1.58 -3.98
N LYS A 9 14.91 0.63 -3.32
CA LYS A 9 15.48 -0.14 -2.23
C LYS A 9 15.28 -1.64 -2.49
N THR A 10 15.99 -2.46 -1.72
CA THR A 10 15.84 -3.92 -1.80
C THR A 10 14.54 -4.36 -1.13
N TYR A 11 14.36 -5.66 -0.99
CA TYR A 11 13.24 -6.21 -0.22
C TYR A 11 13.52 -6.03 1.27
N ASP A 12 14.67 -6.57 1.69
CA ASP A 12 15.06 -6.61 3.10
C ASP A 12 15.10 -5.21 3.72
N ASP A 13 15.71 -4.28 2.99
CA ASP A 13 15.85 -2.90 3.46
C ASP A 13 14.50 -2.18 3.46
N CYS A 14 13.71 -2.42 2.41
CA CYS A 14 12.51 -1.65 2.17
C CYS A 14 11.28 -2.23 2.90
N CYS A 15 10.52 -3.10 2.20
CA CYS A 15 9.27 -3.64 2.74
C CYS A 15 9.51 -4.69 3.82
N GLY A 16 10.71 -5.28 3.83
CA GLY A 16 11.00 -6.40 4.72
C GLY A 16 10.66 -6.15 6.20
N PRO A 17 11.19 -5.07 6.81
CA PRO A 17 10.92 -4.79 8.23
C PRO A 17 9.44 -4.52 8.51
N LEU A 18 8.73 -4.03 7.49
CA LEU A 18 7.30 -3.77 7.59
C LEU A 18 6.53 -5.08 7.55
N LEU A 19 6.83 -5.89 6.54
CA LEU A 19 6.19 -7.18 6.34
C LEU A 19 6.55 -8.14 7.48
N ALA A 20 7.69 -7.91 8.10
CA ALA A 20 8.11 -8.68 9.28
C ALA A 20 7.29 -8.29 10.50
N ARG A 21 6.55 -7.18 10.39
CA ARG A 21 5.67 -6.70 11.46
C ARG A 21 6.47 -6.32 12.71
N THR A 22 7.73 -5.93 12.50
CA THR A 22 8.63 -5.59 13.60
C THR A 22 8.94 -4.09 13.62
N ARG A 23 8.86 -3.43 12.47
CA ARG A 23 9.23 -2.03 12.35
C ARG A 23 8.06 -1.19 11.83
N SER A 24 7.85 -0.04 12.45
CA SER A 24 6.82 0.90 12.03
C SER A 24 7.37 1.84 10.96
N ALA A 25 6.60 2.02 9.89
CA ALA A 25 7.01 2.90 8.79
C ALA A 25 7.26 4.34 9.27
N ALA A 26 6.42 4.78 10.22
CA ALA A 26 6.54 6.12 10.80
C ALA A 26 6.42 7.21 9.74
N SER A 27 5.87 6.86 8.58
CA SER A 27 5.67 7.78 7.48
C SER A 27 4.59 7.25 6.55
N PRO A 28 3.68 8.12 6.05
CA PRO A 28 2.58 7.70 5.18
C PRO A 28 3.07 7.02 3.90
N GLU A 29 4.08 7.61 3.27
CA GLU A 29 4.67 7.06 2.04
C GLU A 29 5.38 5.74 2.34
N ALA A 30 6.14 5.73 3.44
CA ALA A 30 6.91 4.55 3.85
C ALA A 30 5.98 3.38 4.19
N LEU A 31 4.72 3.70 4.46
CA LEU A 31 3.70 2.69 4.70
C LEU A 31 3.04 2.29 3.38
N MET A 32 2.76 3.31 2.57
CA MET A 32 2.00 3.13 1.33
C MET A 32 2.71 2.18 0.36
N ARG A 33 4.00 2.41 0.09
CA ARG A 33 4.72 1.58 -0.87
C ARG A 33 4.87 0.15 -0.34
N SER A 34 4.79 0.01 0.98
CA SER A 34 4.94 -1.29 1.63
C SER A 34 3.68 -2.13 1.44
N ARG A 35 2.51 -1.51 1.61
CA ARG A 35 1.23 -2.21 1.45
C ARG A 35 1.09 -2.70 -0.01
N TYR A 36 1.56 -1.88 -0.95
CA TYR A 36 1.53 -2.26 -2.37
C TYR A 36 2.28 -3.57 -2.57
N ALA A 37 3.43 -3.69 -1.92
CA ALA A 37 4.26 -4.89 -2.03
C ALA A 37 3.50 -6.11 -1.51
N ALA A 38 2.71 -5.91 -0.47
CA ALA A 38 1.92 -6.99 0.12
C ALA A 38 0.96 -7.58 -0.90
N TYR A 39 0.24 -6.70 -1.61
CA TYR A 39 -0.68 -7.14 -2.66
C TYR A 39 0.08 -7.80 -3.81
N ALA A 40 1.23 -7.24 -4.14
CA ALA A 40 2.09 -7.80 -5.19
C ALA A 40 2.59 -9.18 -4.78
N LEU A 41 2.74 -9.38 -3.47
CA LEU A 41 3.19 -10.67 -2.92
C LEU A 41 2.00 -11.52 -2.51
N LYS A 42 0.79 -11.04 -2.82
CA LYS A 42 -0.47 -11.76 -2.55
C LYS A 42 -0.87 -11.69 -1.06
N ASP A 43 0.11 -11.55 -0.17
CA ASP A 43 -0.17 -11.52 1.26
C ASP A 43 -0.90 -10.22 1.65
N PHE A 44 -2.21 -10.19 1.40
CA PHE A 44 -3.04 -9.03 1.75
C PHE A 44 -3.23 -8.97 3.27
N ASP A 45 -2.81 -10.02 3.96
CA ASP A 45 -2.83 -10.07 5.41
C ASP A 45 -2.16 -8.82 6.00
N TYR A 46 -1.00 -8.47 5.44
CA TYR A 46 -0.26 -7.29 5.87
C TYR A 46 -1.11 -6.02 5.68
N ILE A 47 -1.92 -6.01 4.61
CA ILE A 47 -2.80 -4.89 4.32
C ILE A 47 -3.76 -4.67 5.48
N VAL A 48 -4.38 -5.76 5.91
CA VAL A 48 -5.32 -5.73 7.02
C VAL A 48 -4.62 -5.21 8.29
N GLU A 49 -3.35 -5.56 8.43
CA GLU A 49 -2.53 -5.12 9.56
C GLU A 49 -2.19 -3.63 9.46
N THR A 50 -2.29 -3.06 8.26
CA THR A 50 -1.94 -1.66 8.03
C THR A 50 -3.18 -0.84 7.65
N THR A 51 -4.35 -1.33 8.04
CA THR A 51 -5.60 -0.62 7.79
C THR A 51 -6.28 -0.28 9.12
N ASP A 52 -6.77 0.97 9.24
CA ASP A 52 -7.48 1.40 10.44
C ASP A 52 -8.61 0.44 10.77
N PRO A 53 -8.81 0.11 12.06
CA PRO A 53 -9.79 -0.89 12.50
C PRO A 53 -11.18 -0.66 11.89
N GLU A 54 -11.52 0.61 11.70
CA GLU A 54 -12.81 1.00 11.13
C GLU A 54 -12.95 0.47 9.70
N ARG A 55 -11.87 0.56 8.93
CA ARG A 55 -11.86 0.13 7.54
C ARG A 55 -11.50 -1.36 7.47
N ARG A 56 -10.67 -1.79 8.42
CA ARG A 56 -10.23 -3.17 8.54
C ARG A 56 -11.43 -4.09 8.76
N ASP A 57 -12.41 -3.59 9.49
CA ASP A 57 -13.66 -4.30 9.72
C ASP A 57 -14.45 -4.45 8.41
N LEU A 58 -14.33 -3.43 7.55
CA LEU A 58 -15.02 -3.41 6.27
C LEU A 58 -14.32 -4.29 5.25
N PHE A 59 -13.05 -4.59 5.51
CA PHE A 59 -12.26 -5.44 4.62
C PHE A 59 -12.76 -6.88 4.65
N ASP A 60 -13.36 -7.31 3.55
CA ASP A 60 -13.82 -8.69 3.40
C ASP A 60 -12.76 -9.50 2.64
N HIS A 61 -12.50 -10.72 3.12
CA HIS A 61 -11.46 -11.57 2.54
C HIS A 61 -11.70 -11.81 1.05
N ASP A 62 -12.94 -12.11 0.69
CA ASP A 62 -13.28 -12.43 -0.70
C ASP A 62 -12.97 -11.25 -1.60
N VAL A 63 -13.47 -10.10 -1.19
CA VAL A 63 -13.39 -8.89 -2.00
C VAL A 63 -11.95 -8.42 -2.15
N ASN A 64 -11.24 -8.33 -1.02
CA ASN A 64 -9.84 -7.91 -1.04
C ASN A 64 -8.99 -8.88 -1.85
N ARG A 65 -9.37 -10.15 -1.84
CA ARG A 65 -8.68 -11.17 -2.62
C ARG A 65 -8.96 -10.95 -4.10
N ALA A 66 -10.23 -10.72 -4.43
CA ALA A 66 -10.69 -10.59 -5.81
C ALA A 66 -9.85 -9.57 -6.59
N TRP A 67 -9.46 -8.49 -5.91
CA TRP A 67 -8.69 -7.43 -6.53
C TRP A 67 -7.40 -7.97 -7.16
N MET A 68 -6.58 -8.63 -6.36
CA MET A 68 -5.29 -9.14 -6.83
C MET A 68 -5.49 -10.28 -7.83
N GLU A 69 -6.63 -10.95 -7.73
CA GLU A 69 -6.97 -12.05 -8.63
C GLU A 69 -7.12 -11.55 -10.07
N GLU A 70 -7.69 -10.36 -10.22
CA GLU A 70 -7.96 -9.81 -11.54
C GLU A 70 -7.12 -8.55 -11.82
N SER A 71 -6.05 -8.38 -11.05
CA SER A 71 -5.15 -7.24 -11.24
C SER A 71 -3.70 -7.64 -10.95
N ASP A 72 -2.92 -7.87 -12.00
CA ASP A 72 -1.50 -8.21 -11.86
C ASP A 72 -0.67 -6.93 -11.75
N PHE A 73 -0.18 -6.66 -10.54
CA PHE A 73 0.56 -5.42 -10.27
C PHE A 73 1.86 -5.36 -11.06
N LEU A 74 2.01 -4.29 -11.83
CA LEU A 74 3.16 -4.14 -12.72
C LEU A 74 4.20 -3.19 -12.12
N GLU A 75 3.79 -1.97 -11.80
CA GLU A 75 4.71 -0.92 -11.39
C GLU A 75 4.04 0.03 -10.40
N LEU A 76 4.84 0.65 -9.53
CA LEU A 76 4.34 1.57 -8.52
C LEU A 76 5.05 2.92 -8.63
N ARG A 77 4.29 4.00 -8.71
CA ARG A 77 4.83 5.33 -8.88
C ARG A 77 4.22 6.29 -7.86
N VAL A 78 5.03 6.72 -6.91
CA VAL A 78 4.60 7.67 -5.89
C VAL A 78 4.71 9.10 -6.45
N LEU A 79 3.63 9.86 -6.33
CA LEU A 79 3.59 11.21 -6.89
C LEU A 79 3.96 12.25 -5.83
N GLY A 80 3.32 12.16 -4.67
CA GLY A 80 3.59 13.09 -3.59
C GLY A 80 3.17 12.55 -2.24
N SER A 81 3.75 13.09 -1.18
CA SER A 81 3.44 12.65 0.18
C SER A 81 3.57 13.83 1.16
N SER A 82 2.69 13.86 2.16
CA SER A 82 2.73 14.91 3.17
C SER A 82 2.28 14.37 4.53
N GLU A 83 3.17 14.45 5.52
CA GLU A 83 2.86 14.05 6.89
C GLU A 83 2.54 15.29 7.72
N LYS A 84 1.36 15.30 8.34
CA LYS A 84 0.93 16.41 9.18
C LYS A 84 0.73 15.95 10.62
N GLY A 85 1.80 16.04 11.42
CA GLY A 85 1.73 15.62 12.81
C GLY A 85 1.51 14.12 12.95
N SER A 86 0.25 13.70 13.01
CA SER A 86 -0.10 12.29 13.15
C SER A 86 -1.06 11.85 12.05
N ARG A 87 -1.47 12.81 11.23
CA ARG A 87 -2.35 12.52 10.09
C ARG A 87 -1.57 12.81 8.81
N GLY A 88 -1.62 11.90 7.85
CA GLY A 88 -0.85 12.07 6.63
C GLY A 88 -1.64 11.69 5.39
N THR A 89 -1.13 12.09 4.24
CA THR A 89 -1.75 11.76 2.97
C THR A 89 -0.67 11.57 1.90
N VAL A 90 -0.89 10.62 1.00
CA VAL A 90 0.05 10.34 -0.07
C VAL A 90 -0.69 10.04 -1.39
N GLU A 91 -0.24 10.69 -2.45
CA GLU A 91 -0.78 10.49 -3.79
C GLU A 91 0.18 9.63 -4.61
N PHE A 92 -0.36 8.72 -5.40
CA PHE A 92 0.46 7.83 -6.21
C PHE A 92 -0.34 7.27 -7.39
N ILE A 93 0.31 6.40 -8.15
CA ILE A 93 -0.32 5.71 -9.27
C ILE A 93 0.09 4.23 -9.24
N ALA A 94 -0.90 3.37 -9.04
CA ALA A 94 -0.68 1.93 -9.05
C ALA A 94 -0.91 1.38 -10.46
N ARG A 95 0.16 0.92 -11.09
CA ARG A 95 0.08 0.36 -12.44
C ARG A 95 -0.04 -1.16 -12.37
N PHE A 96 -1.06 -1.70 -13.01
CA PHE A 96 -1.32 -3.14 -13.01
C PHE A 96 -2.00 -3.53 -14.31
N ARG A 97 -1.98 -4.82 -14.63
CA ARG A 97 -2.65 -5.30 -15.84
C ARG A 97 -4.09 -5.66 -15.51
N ARG A 98 -5.01 -4.96 -16.17
CA ARG A 98 -6.44 -5.12 -15.90
C ARG A 98 -6.93 -6.47 -16.40
N GLY A 99 -6.95 -7.45 -15.48
CA GLY A 99 -7.38 -8.79 -15.80
C GLY A 99 -6.45 -9.47 -16.79
N GLY A 100 -6.79 -9.36 -18.07
CA GLY A 100 -5.97 -9.94 -19.10
C GLY A 100 -6.02 -9.12 -20.38
N GLY A 101 -6.27 -7.83 -20.22
CA GLY A 101 -6.34 -6.94 -21.36
C GLY A 101 -5.32 -5.82 -21.30
N PRO A 102 -5.76 -4.59 -20.98
CA PRO A 102 -4.88 -3.41 -20.97
C PRO A 102 -4.14 -3.24 -19.64
N GLU A 103 -3.06 -2.46 -19.69
CA GLU A 103 -2.32 -2.08 -18.49
C GLU A 103 -2.99 -0.84 -17.89
N GLN A 104 -3.68 -1.03 -16.78
CA GLN A 104 -4.45 0.03 -16.16
C GLN A 104 -3.64 0.65 -15.01
N SER A 105 -3.74 1.96 -14.88
CA SER A 105 -3.02 2.67 -13.84
C SER A 105 -3.99 3.50 -13.01
N HIS A 106 -4.15 3.12 -11.74
CA HIS A 106 -5.07 3.81 -10.86
C HIS A 106 -4.36 4.96 -10.16
N HIS A 107 -4.80 6.18 -10.46
CA HIS A 107 -4.26 7.38 -9.81
C HIS A 107 -5.17 7.79 -8.66
N GLU A 108 -4.70 7.60 -7.44
CA GLU A 108 -5.47 7.92 -6.26
C GLU A 108 -4.63 8.68 -5.23
N ARG A 109 -5.28 9.09 -4.16
CA ARG A 109 -4.64 9.75 -3.04
C ARG A 109 -5.23 9.20 -1.74
N SER A 110 -4.44 8.41 -1.03
CA SER A 110 -4.92 7.74 0.17
C SER A 110 -4.45 8.45 1.42
N GLN A 111 -5.37 8.65 2.36
CA GLN A 111 -5.07 9.24 3.66
C GLN A 111 -4.75 8.14 4.67
N PHE A 112 -3.77 8.41 5.52
CA PHE A 112 -3.34 7.45 6.54
C PHE A 112 -3.36 8.11 7.92
N ARG A 113 -3.67 7.33 8.94
CA ARG A 113 -3.72 7.81 10.31
C ARG A 113 -2.66 7.09 11.15
N LYS A 114 -1.91 7.86 11.95
CA LYS A 114 -0.82 7.31 12.74
C LYS A 114 -1.31 6.93 14.14
N ALA A 115 -1.27 5.64 14.44
CA ALA A 115 -1.69 5.13 15.74
C ALA A 115 -0.67 4.13 16.27
N ARG A 116 -0.34 4.25 17.56
CA ARG A 116 0.61 3.34 18.20
C ARG A 116 1.95 3.35 17.46
N GLY A 117 2.24 4.44 16.76
CA GLY A 117 3.50 4.57 16.04
C GLY A 117 3.42 4.08 14.61
N ARG A 118 2.40 3.28 14.30
CA ARG A 118 2.24 2.74 12.95
C ARG A 118 1.24 3.59 12.16
N TRP A 119 1.34 3.53 10.85
CA TRP A 119 0.40 4.23 9.97
C TRP A 119 -0.61 3.25 9.40
N TYR A 120 -1.89 3.61 9.47
CA TYR A 120 -2.95 2.76 8.99
C TYR A 120 -3.75 3.47 7.90
N PHE A 121 -4.29 2.69 6.98
CA PHE A 121 -5.10 3.20 5.89
C PHE A 121 -6.48 3.60 6.39
N SER A 122 -6.79 4.89 6.28
CA SER A 122 -8.07 5.42 6.74
C SER A 122 -9.06 5.52 5.59
N GLU A 123 -8.60 6.03 4.44
CA GLU A 123 -9.46 6.25 3.29
C GLU A 123 -8.63 6.51 2.04
N GLY A 124 -9.22 6.30 0.88
CA GLY A 124 -8.51 6.47 -0.38
C GLY A 124 -9.45 6.83 -1.52
N GLU A 125 -9.19 7.94 -2.18
CA GLU A 125 -10.04 8.46 -3.25
C GLU A 125 -9.28 8.51 -4.57
N ALA A 126 -9.96 8.20 -5.68
CA ALA A 126 -9.41 8.44 -7.00
C ALA A 126 -9.38 9.95 -7.24
N VAL A 127 -8.19 10.53 -7.16
CA VAL A 127 -8.05 11.98 -7.07
C VAL A 127 -7.65 12.60 -8.42
N ASP A 128 -7.94 13.89 -8.57
CA ASP A 128 -7.51 14.67 -9.71
C ASP A 128 -6.35 15.57 -9.30
N MET A 1 18.50 -7.62 -7.62
CA MET A 1 17.08 -7.77 -7.21
C MET A 1 16.41 -6.41 -7.03
N ASN A 2 15.10 -6.38 -7.21
CA ASN A 2 14.31 -5.16 -7.01
C ASN A 2 13.14 -5.45 -6.09
N CYS A 3 12.15 -4.57 -6.07
CA CYS A 3 10.94 -4.79 -5.28
C CYS A 3 9.76 -4.12 -5.98
N VAL A 4 8.67 -4.85 -6.17
CA VAL A 4 7.44 -4.28 -6.69
C VAL A 4 6.95 -3.16 -5.77
N CYS A 5 7.52 -1.99 -5.98
CA CYS A 5 7.32 -0.82 -5.14
C CYS A 5 7.96 0.39 -5.82
N GLY A 6 7.45 1.58 -5.54
CA GLY A 6 8.07 2.79 -6.07
C GLY A 6 9.36 3.13 -5.34
N SER A 7 10.26 2.14 -5.28
CA SER A 7 11.50 2.25 -4.52
C SER A 7 12.49 1.19 -5.03
N GLY A 8 13.67 1.65 -5.46
CA GLY A 8 14.65 0.76 -6.05
C GLY A 8 15.45 -0.01 -5.01
N LYS A 9 14.75 -0.73 -4.15
CA LYS A 9 15.40 -1.60 -3.15
C LYS A 9 14.89 -3.02 -3.28
N THR A 10 15.61 -3.96 -2.70
CA THR A 10 15.24 -5.38 -2.78
C THR A 10 13.96 -5.67 -2.02
N TYR A 11 13.43 -6.88 -2.18
CA TYR A 11 12.27 -7.33 -1.43
C TYR A 11 12.58 -7.30 0.06
N ASP A 12 13.69 -7.94 0.42
CA ASP A 12 14.16 -8.01 1.80
C ASP A 12 14.39 -6.62 2.37
N ASP A 13 15.22 -5.84 1.67
CA ASP A 13 15.60 -4.50 2.13
C ASP A 13 14.36 -3.64 2.36
N CYS A 14 13.50 -3.61 1.36
CA CYS A 14 12.31 -2.77 1.38
C CYS A 14 11.20 -3.40 2.22
N CYS A 15 10.52 -4.41 1.68
CA CYS A 15 9.33 -5.00 2.35
C CYS A 15 9.70 -5.88 3.55
N GLY A 16 10.91 -6.43 3.57
CA GLY A 16 11.26 -7.46 4.56
C GLY A 16 10.96 -7.08 6.00
N PRO A 17 11.48 -5.95 6.52
CA PRO A 17 11.25 -5.53 7.91
C PRO A 17 9.81 -5.08 8.15
N LEU A 18 9.15 -4.62 7.09
CA LEU A 18 7.78 -4.13 7.18
C LEU A 18 6.79 -5.29 7.29
N LEU A 19 6.96 -6.28 6.42
CA LEU A 19 6.08 -7.45 6.36
C LEU A 19 6.11 -8.23 7.67
N ALA A 20 7.26 -8.22 8.33
CA ALA A 20 7.41 -8.91 9.62
C ALA A 20 6.93 -8.04 10.77
N ARG A 21 6.59 -6.79 10.47
CA ARG A 21 6.15 -5.81 11.48
C ARG A 21 7.21 -5.61 12.57
N THR A 22 8.43 -6.04 12.29
CA THR A 22 9.54 -5.87 13.22
C THR A 22 10.05 -4.43 13.19
N ARG A 23 9.71 -3.74 12.10
CA ARG A 23 10.02 -2.32 11.95
C ARG A 23 8.76 -1.56 11.51
N SER A 24 8.46 -0.49 12.22
CA SER A 24 7.35 0.39 11.82
C SER A 24 7.88 1.41 10.81
N ALA A 25 7.21 1.52 9.66
CA ALA A 25 7.62 2.45 8.60
C ALA A 25 7.80 3.86 9.16
N ALA A 26 6.92 4.23 10.09
CA ALA A 26 6.99 5.53 10.77
C ALA A 26 6.77 6.68 9.80
N SER A 27 6.25 6.36 8.62
CA SER A 27 5.95 7.36 7.61
C SER A 27 4.93 6.80 6.61
N PRO A 28 3.99 7.64 6.14
CA PRO A 28 2.87 7.20 5.30
C PRO A 28 3.32 6.60 3.96
N GLU A 29 4.20 7.31 3.25
CA GLU A 29 4.64 6.88 1.93
C GLU A 29 5.45 5.57 2.00
N ALA A 30 6.14 5.36 3.11
CA ALA A 30 6.89 4.13 3.32
C ALA A 30 5.94 2.96 3.51
N LEU A 31 4.95 3.15 4.39
CA LEU A 31 3.94 2.14 4.68
C LEU A 31 3.14 1.82 3.42
N MET A 32 2.92 2.83 2.61
CA MET A 32 2.14 2.69 1.38
C MET A 32 2.83 1.76 0.39
N ARG A 33 4.11 1.98 0.11
CA ARG A 33 4.81 1.19 -0.91
C ARG A 33 5.07 -0.23 -0.42
N SER A 34 5.20 -0.39 0.90
CA SER A 34 5.48 -1.70 1.48
C SER A 34 4.27 -2.61 1.34
N ARG A 35 3.09 -2.04 1.65
CA ARG A 35 1.86 -2.81 1.59
C ARG A 35 1.45 -3.09 0.14
N TYR A 36 1.78 -2.16 -0.76
CA TYR A 36 1.52 -2.37 -2.19
C TYR A 36 2.10 -3.70 -2.66
N ALA A 37 3.32 -3.97 -2.24
CA ALA A 37 4.01 -5.21 -2.62
C ALA A 37 3.25 -6.43 -2.11
N ALA A 38 2.67 -6.30 -0.91
CA ALA A 38 1.93 -7.40 -0.29
C ALA A 38 0.77 -7.83 -1.18
N TYR A 39 0.13 -6.87 -1.85
CA TYR A 39 -0.92 -7.16 -2.81
C TYR A 39 -0.39 -8.03 -3.94
N ALA A 40 0.77 -7.64 -4.48
CA ALA A 40 1.40 -8.38 -5.56
C ALA A 40 1.92 -9.74 -5.07
N LEU A 41 2.04 -9.89 -3.76
CA LEU A 41 2.51 -11.13 -3.15
C LEU A 41 1.34 -11.97 -2.63
N LYS A 42 0.11 -11.50 -2.89
CA LYS A 42 -1.11 -12.23 -2.48
C LYS A 42 -1.29 -12.17 -0.96
N ASP A 43 -0.40 -11.45 -0.29
CA ASP A 43 -0.40 -11.40 1.18
C ASP A 43 -1.27 -10.24 1.67
N PHE A 44 -2.58 -10.45 1.68
CA PHE A 44 -3.51 -9.45 2.21
C PHE A 44 -3.42 -9.40 3.74
N ASP A 45 -2.71 -10.37 4.32
CA ASP A 45 -2.49 -10.43 5.76
C ASP A 45 -1.81 -9.15 6.26
N TYR A 46 -0.72 -8.77 5.60
CA TYR A 46 0.00 -7.55 5.96
C TYR A 46 -0.86 -6.33 5.68
N ILE A 47 -1.69 -6.42 4.64
CA ILE A 47 -2.57 -5.32 4.26
C ILE A 47 -3.56 -5.00 5.37
N VAL A 48 -4.36 -5.99 5.73
CA VAL A 48 -5.37 -5.82 6.77
C VAL A 48 -4.73 -5.32 8.08
N GLU A 49 -3.51 -5.78 8.35
CA GLU A 49 -2.76 -5.34 9.53
C GLU A 49 -2.35 -3.87 9.42
N THR A 50 -2.13 -3.40 8.21
CA THR A 50 -1.73 -2.01 7.97
C THR A 50 -2.93 -1.15 7.60
N THR A 51 -4.12 -1.60 7.98
CA THR A 51 -5.35 -0.86 7.72
C THR A 51 -5.96 -0.38 9.05
N ASP A 52 -6.44 0.86 9.07
CA ASP A 52 -7.15 1.40 10.24
C ASP A 52 -8.22 0.43 10.70
N PRO A 53 -8.35 0.19 12.01
CA PRO A 53 -9.37 -0.71 12.56
C PRO A 53 -10.77 -0.34 12.05
N GLU A 54 -11.03 0.96 11.98
CA GLU A 54 -12.31 1.48 11.52
C GLU A 54 -12.62 1.05 10.09
N ARG A 55 -11.57 0.81 9.31
CA ARG A 55 -11.71 0.36 7.92
C ARG A 55 -11.50 -1.15 7.84
N ARG A 56 -10.75 -1.67 8.80
CA ARG A 56 -10.38 -3.08 8.84
C ARG A 56 -11.62 -3.94 9.02
N ASP A 57 -12.57 -3.40 9.78
CA ASP A 57 -13.84 -4.07 10.04
C ASP A 57 -14.64 -4.26 8.75
N LEU A 58 -14.40 -3.38 7.78
CA LEU A 58 -15.15 -3.39 6.52
C LEU A 58 -14.45 -4.23 5.46
N PHE A 59 -13.24 -4.71 5.78
CA PHE A 59 -12.44 -5.50 4.84
C PHE A 59 -13.03 -6.90 4.64
N ASP A 60 -12.92 -7.41 3.42
CA ASP A 60 -13.33 -8.77 3.09
C ASP A 60 -12.12 -9.55 2.59
N HIS A 61 -11.90 -10.73 3.16
CA HIS A 61 -10.72 -11.55 2.82
C HIS A 61 -10.73 -11.90 1.33
N ASP A 62 -11.86 -12.41 0.86
CA ASP A 62 -12.00 -12.87 -0.52
C ASP A 62 -11.92 -11.70 -1.50
N VAL A 63 -12.68 -10.64 -1.21
CA VAL A 63 -12.71 -9.46 -2.07
C VAL A 63 -11.34 -8.79 -2.14
N ASN A 64 -10.62 -8.82 -1.01
CA ASN A 64 -9.27 -8.26 -0.96
C ASN A 64 -8.38 -8.94 -1.98
N ARG A 65 -8.47 -10.27 -2.02
CA ARG A 65 -7.75 -11.07 -3.01
C ARG A 65 -8.30 -10.80 -4.41
N ALA A 66 -9.62 -10.71 -4.52
CA ALA A 66 -10.30 -10.52 -5.80
C ALA A 66 -9.73 -9.32 -6.55
N TRP A 67 -9.38 -8.26 -5.81
CA TRP A 67 -8.82 -7.05 -6.40
C TRP A 67 -7.54 -7.36 -7.19
N MET A 68 -6.59 -8.04 -6.55
CA MET A 68 -5.31 -8.35 -7.20
C MET A 68 -5.50 -9.37 -8.32
N GLU A 69 -6.48 -10.26 -8.13
CA GLU A 69 -6.78 -11.31 -9.10
C GLU A 69 -7.09 -10.70 -10.48
N GLU A 70 -7.92 -9.66 -10.49
CA GLU A 70 -8.33 -9.01 -11.73
C GLU A 70 -7.52 -7.73 -11.96
N SER A 71 -6.45 -7.57 -11.19
CA SER A 71 -5.56 -6.42 -11.32
C SER A 71 -4.12 -6.83 -11.02
N ASP A 72 -3.47 -7.44 -12.01
CA ASP A 72 -2.10 -7.93 -11.85
C ASP A 72 -1.14 -6.76 -11.69
N PHE A 73 -0.72 -6.49 -10.45
CA PHE A 73 0.13 -5.34 -10.13
C PHE A 73 1.54 -5.53 -10.69
N LEU A 74 1.96 -4.57 -11.52
CA LEU A 74 3.30 -4.59 -12.12
C LEU A 74 4.30 -3.79 -11.28
N GLU A 75 4.09 -2.48 -11.19
CA GLU A 75 5.04 -1.59 -10.53
C GLU A 75 4.33 -0.34 -10.00
N LEU A 76 4.95 0.30 -9.01
CA LEU A 76 4.36 1.47 -8.34
C LEU A 76 5.12 2.75 -8.69
N ARG A 77 4.40 3.87 -8.69
CA ARG A 77 4.97 5.18 -8.98
C ARG A 77 4.51 6.17 -7.92
N VAL A 78 5.39 6.52 -6.99
CA VAL A 78 5.04 7.41 -5.90
C VAL A 78 5.23 8.87 -6.34
N LEU A 79 4.12 9.58 -6.51
CA LEU A 79 4.16 10.96 -7.01
C LEU A 79 4.58 11.92 -5.90
N GLY A 80 3.75 12.01 -4.86
CA GLY A 80 4.03 12.94 -3.77
C GLY A 80 3.45 12.46 -2.46
N SER A 81 4.08 12.88 -1.36
CA SER A 81 3.65 12.48 -0.03
C SER A 81 3.64 13.68 0.90
N SER A 82 2.79 13.62 1.92
CA SER A 82 2.71 14.68 2.94
C SER A 82 2.37 14.08 4.30
N GLU A 83 3.25 14.28 5.27
CA GLU A 83 3.01 13.87 6.64
C GLU A 83 2.60 15.09 7.48
N LYS A 84 1.42 15.02 8.07
CA LYS A 84 0.85 16.12 8.83
C LYS A 84 0.59 15.69 10.28
N GLY A 85 1.64 15.75 11.11
CA GLY A 85 1.52 15.39 12.50
C GLY A 85 1.26 13.90 12.70
N SER A 86 -0.02 13.52 12.72
CA SER A 86 -0.41 12.12 12.89
C SER A 86 -1.35 11.69 11.76
N ARG A 87 -1.59 12.60 10.82
CA ARG A 87 -2.38 12.31 9.62
C ARG A 87 -1.48 12.42 8.40
N GLY A 88 -1.56 11.44 7.52
CA GLY A 88 -0.72 11.44 6.34
C GLY A 88 -1.54 11.31 5.07
N THR A 89 -0.96 11.74 3.97
CA THR A 89 -1.62 11.66 2.68
C THR A 89 -0.58 11.50 1.58
N VAL A 90 -0.79 10.54 0.69
CA VAL A 90 0.14 10.28 -0.40
C VAL A 90 -0.61 10.08 -1.71
N GLU A 91 -0.16 10.76 -2.74
CA GLU A 91 -0.73 10.63 -4.08
C GLU A 91 0.23 9.81 -4.94
N PHE A 92 -0.28 8.80 -5.61
CA PHE A 92 0.57 7.87 -6.36
C PHE A 92 -0.15 7.26 -7.55
N ILE A 93 0.60 6.48 -8.31
CA ILE A 93 0.08 5.77 -9.48
C ILE A 93 0.54 4.31 -9.43
N ALA A 94 -0.42 3.39 -9.43
CA ALA A 94 -0.12 1.97 -9.44
C ALA A 94 -0.34 1.39 -10.84
N ARG A 95 0.69 0.79 -11.40
CA ARG A 95 0.60 0.20 -12.74
C ARG A 95 0.28 -1.29 -12.63
N PHE A 96 -0.69 -1.74 -13.40
CA PHE A 96 -1.12 -3.14 -13.39
C PHE A 96 -1.73 -3.53 -14.73
N ARG A 97 -1.78 -4.83 -15.01
CA ARG A 97 -2.48 -5.33 -16.18
C ARG A 97 -3.93 -5.61 -15.81
N ARG A 98 -4.84 -4.85 -16.41
CA ARG A 98 -6.26 -4.94 -16.10
C ARG A 98 -6.82 -6.27 -16.59
N GLY A 99 -7.33 -7.07 -15.66
CA GLY A 99 -7.82 -8.40 -16.00
C GLY A 99 -6.69 -9.31 -16.43
N GLY A 100 -6.32 -9.20 -17.70
CA GLY A 100 -5.20 -9.95 -18.23
C GLY A 100 -4.69 -9.36 -19.52
N GLY A 101 -4.94 -8.08 -19.74
CA GLY A 101 -4.56 -7.44 -20.98
C GLY A 101 -3.83 -6.12 -20.79
N PRO A 102 -4.53 -4.98 -21.01
CA PRO A 102 -3.90 -3.65 -21.05
C PRO A 102 -3.34 -3.22 -19.69
N GLU A 103 -2.15 -2.64 -19.71
CA GLU A 103 -1.53 -2.09 -18.52
C GLU A 103 -2.17 -0.76 -18.14
N GLN A 104 -3.06 -0.79 -17.16
CA GLN A 104 -3.72 0.42 -16.68
C GLN A 104 -2.98 0.95 -15.46
N SER A 105 -2.94 2.26 -15.33
CA SER A 105 -2.29 2.91 -14.20
C SER A 105 -3.30 3.67 -13.35
N HIS A 106 -3.52 3.18 -12.13
CA HIS A 106 -4.49 3.79 -11.23
C HIS A 106 -3.86 4.96 -10.49
N HIS A 107 -4.32 6.17 -10.81
CA HIS A 107 -3.84 7.38 -10.17
C HIS A 107 -4.86 7.86 -9.14
N GLU A 108 -4.44 7.94 -7.89
CA GLU A 108 -5.32 8.39 -6.81
C GLU A 108 -4.51 8.98 -5.66
N ARG A 109 -5.23 9.36 -4.60
CA ARG A 109 -4.63 9.97 -3.42
C ARG A 109 -5.18 9.30 -2.16
N SER A 110 -4.35 8.50 -1.50
CA SER A 110 -4.77 7.73 -0.33
C SER A 110 -4.39 8.46 0.97
N GLN A 111 -5.30 8.43 1.93
CA GLN A 111 -5.05 8.98 3.27
C GLN A 111 -4.65 7.87 4.24
N PHE A 112 -3.70 8.19 5.11
CA PHE A 112 -3.21 7.25 6.12
C PHE A 112 -3.26 7.90 7.49
N ARG A 113 -3.48 7.10 8.53
CA ARG A 113 -3.57 7.61 9.90
C ARG A 113 -2.51 6.95 10.77
N LYS A 114 -1.77 7.75 11.52
CA LYS A 114 -0.78 7.24 12.45
C LYS A 114 -1.44 6.90 13.77
N ALA A 115 -1.54 5.62 14.06
CA ALA A 115 -2.19 5.14 15.27
C ALA A 115 -1.25 4.22 16.04
N ARG A 116 -1.11 4.47 17.34
CA ARG A 116 -0.31 3.63 18.22
C ARG A 116 1.17 3.64 17.78
N GLY A 117 1.56 4.67 17.03
CA GLY A 117 2.93 4.79 16.58
C GLY A 117 3.15 4.18 15.20
N ARG A 118 2.18 3.40 14.73
CA ARG A 118 2.26 2.79 13.41
C ARG A 118 1.37 3.55 12.43
N TRP A 119 1.66 3.45 11.15
CA TRP A 119 0.82 4.07 10.12
C TRP A 119 -0.14 3.05 9.54
N TYR A 120 -1.41 3.45 9.43
CA TYR A 120 -2.46 2.58 8.91
C TYR A 120 -3.17 3.26 7.75
N PHE A 121 -3.83 2.45 6.92
CA PHE A 121 -4.58 2.93 5.77
C PHE A 121 -5.98 3.38 6.21
N SER A 122 -6.26 4.66 5.99
CA SER A 122 -7.54 5.24 6.40
C SER A 122 -8.57 5.15 5.29
N GLU A 123 -8.17 5.52 4.08
CA GLU A 123 -9.07 5.52 2.92
C GLU A 123 -8.32 5.94 1.66
N GLY A 124 -8.83 5.50 0.52
CA GLY A 124 -8.18 5.81 -0.75
C GLY A 124 -9.21 6.06 -1.83
N GLU A 125 -9.03 7.16 -2.56
CA GLU A 125 -9.99 7.58 -3.58
C GLU A 125 -9.31 8.44 -4.63
N ALA A 126 -10.05 8.73 -5.70
CA ALA A 126 -9.55 9.55 -6.80
C ALA A 126 -9.15 10.94 -6.30
N VAL A 127 -8.25 11.57 -7.04
CA VAL A 127 -7.75 12.89 -6.67
C VAL A 127 -8.38 13.97 -7.57
N ASP A 128 -8.73 15.10 -6.97
CA ASP A 128 -9.29 16.23 -7.70
C ASP A 128 -8.17 17.12 -8.24
N MET A 1 17.16 -9.00 -5.37
CA MET A 1 16.51 -8.33 -6.52
C MET A 1 15.83 -7.04 -6.07
N ASN A 2 15.43 -6.24 -7.05
CA ASN A 2 14.68 -5.02 -6.79
C ASN A 2 13.30 -5.37 -6.23
N CYS A 3 12.89 -4.62 -5.21
CA CYS A 3 11.60 -4.84 -4.58
C CYS A 3 10.50 -4.20 -5.41
N VAL A 4 9.34 -4.85 -5.49
CA VAL A 4 8.19 -4.27 -6.18
C VAL A 4 7.66 -3.07 -5.38
N CYS A 5 8.42 -1.99 -5.47
CA CYS A 5 8.14 -0.75 -4.75
C CYS A 5 9.02 0.35 -5.32
N GLY A 6 8.54 1.59 -5.31
CA GLY A 6 9.39 2.72 -5.63
C GLY A 6 10.38 3.00 -4.52
N SER A 7 11.34 2.10 -4.36
CA SER A 7 12.27 2.13 -3.22
C SER A 7 13.73 2.04 -3.67
N GLY A 8 13.97 1.25 -4.72
CA GLY A 8 15.33 1.03 -5.19
C GLY A 8 16.11 0.11 -4.27
N LYS A 9 15.38 -0.68 -3.48
CA LYS A 9 15.99 -1.59 -2.51
C LYS A 9 15.44 -3.00 -2.67
N THR A 10 16.04 -3.96 -1.97
CA THR A 10 15.63 -5.35 -2.03
C THR A 10 14.30 -5.58 -1.30
N TYR A 11 13.83 -6.81 -1.32
CA TYR A 11 12.63 -7.19 -0.57
C TYR A 11 12.87 -6.96 0.92
N ASP A 12 13.99 -7.47 1.42
CA ASP A 12 14.31 -7.43 2.84
C ASP A 12 14.66 -6.01 3.29
N ASP A 13 15.54 -5.34 2.54
CA ASP A 13 15.95 -3.98 2.88
C ASP A 13 14.75 -3.03 2.89
N CYS A 14 13.79 -3.30 2.03
CA CYS A 14 12.60 -2.46 1.93
C CYS A 14 11.43 -3.02 2.77
N CYS A 15 10.74 -4.04 2.26
CA CYS A 15 9.57 -4.60 2.94
C CYS A 15 9.94 -5.43 4.18
N GLY A 16 11.18 -5.90 4.23
CA GLY A 16 11.58 -6.88 5.23
C GLY A 16 11.20 -6.52 6.66
N PRO A 17 11.60 -5.34 7.17
CA PRO A 17 11.33 -4.96 8.57
C PRO A 17 9.84 -4.72 8.83
N LEU A 18 9.12 -4.35 7.77
CA LEU A 18 7.68 -4.10 7.86
C LEU A 18 6.91 -5.42 7.96
N LEU A 19 7.21 -6.33 7.03
CA LEU A 19 6.57 -7.65 7.00
C LEU A 19 7.08 -8.53 8.13
N ALA A 20 8.26 -8.20 8.66
CA ALA A 20 8.79 -8.86 9.84
C ALA A 20 8.02 -8.43 11.07
N ARG A 21 7.16 -7.41 10.89
CA ARG A 21 6.28 -6.91 11.95
C ARG A 21 7.10 -6.42 13.13
N THR A 22 8.33 -5.98 12.85
CA THR A 22 9.26 -5.55 13.88
C THR A 22 9.47 -4.04 13.85
N ARG A 23 9.25 -3.43 12.68
CA ARG A 23 9.51 -2.00 12.50
C ARG A 23 8.26 -1.27 12.02
N SER A 24 8.12 -0.03 12.47
CA SER A 24 7.08 0.87 11.98
C SER A 24 7.65 1.77 10.88
N ALA A 25 6.90 1.92 9.79
CA ALA A 25 7.35 2.69 8.63
C ALA A 25 7.69 4.14 9.01
N ALA A 26 6.97 4.67 10.00
CA ALA A 26 7.22 6.03 10.51
C ALA A 26 6.94 7.09 9.43
N SER A 27 6.30 6.69 8.35
CA SER A 27 5.93 7.60 7.26
C SER A 27 4.80 6.98 6.43
N PRO A 28 3.82 7.80 5.99
CA PRO A 28 2.70 7.31 5.17
C PRO A 28 3.19 6.72 3.84
N GLU A 29 4.15 7.39 3.23
CA GLU A 29 4.76 6.93 1.98
C GLU A 29 5.46 5.58 2.20
N ALA A 30 6.23 5.51 3.29
CA ALA A 30 6.98 4.31 3.64
C ALA A 30 6.03 3.16 3.98
N LEU A 31 4.87 3.50 4.51
CA LEU A 31 3.86 2.53 4.86
C LEU A 31 3.24 1.95 3.59
N MET A 32 2.86 2.84 2.67
CA MET A 32 2.17 2.44 1.44
C MET A 32 3.06 1.57 0.56
N ARG A 33 4.29 2.04 0.28
CA ARG A 33 5.16 1.33 -0.66
C ARG A 33 5.55 -0.04 -0.11
N SER A 34 5.45 -0.21 1.20
CA SER A 34 5.69 -1.49 1.84
C SER A 34 4.51 -2.43 1.62
N ARG A 35 3.30 -1.95 1.93
CA ARG A 35 2.10 -2.77 1.85
C ARG A 35 1.80 -3.13 0.39
N TYR A 36 2.13 -2.21 -0.53
CA TYR A 36 1.96 -2.46 -1.97
C TYR A 36 2.61 -3.78 -2.38
N ALA A 37 3.81 -4.02 -1.83
CA ALA A 37 4.54 -5.24 -2.13
C ALA A 37 3.82 -6.46 -1.54
N ALA A 38 3.29 -6.29 -0.34
CA ALA A 38 2.54 -7.36 0.32
C ALA A 38 1.34 -7.78 -0.52
N TYR A 39 0.67 -6.78 -1.09
CA TYR A 39 -0.49 -7.04 -1.94
C TYR A 39 -0.05 -7.74 -3.22
N ALA A 40 1.14 -7.39 -3.71
CA ALA A 40 1.74 -8.04 -4.87
C ALA A 40 2.12 -9.48 -4.51
N LEU A 41 2.44 -9.71 -3.25
CA LEU A 41 2.76 -11.04 -2.72
C LEU A 41 1.47 -11.79 -2.35
N LYS A 42 0.32 -11.19 -2.72
CA LYS A 42 -1.00 -11.78 -2.49
C LYS A 42 -1.34 -11.82 -1.00
N ASP A 43 -0.48 -11.22 -0.21
CA ASP A 43 -0.60 -11.27 1.25
C ASP A 43 -1.40 -10.08 1.74
N PHE A 44 -2.73 -10.20 1.64
CA PHE A 44 -3.62 -9.13 2.11
C PHE A 44 -3.65 -9.08 3.63
N ASP A 45 -3.10 -10.12 4.27
CA ASP A 45 -3.04 -10.19 5.73
C ASP A 45 -2.30 -9.00 6.32
N TYR A 46 -1.12 -8.71 5.78
CA TYR A 46 -0.33 -7.54 6.22
C TYR A 46 -1.09 -6.25 5.89
N ILE A 47 -1.83 -6.27 4.79
CA ILE A 47 -2.62 -5.12 4.38
C ILE A 47 -3.67 -4.80 5.44
N VAL A 48 -4.35 -5.85 5.91
CA VAL A 48 -5.36 -5.71 6.96
C VAL A 48 -4.78 -5.01 8.18
N GLU A 49 -3.57 -5.43 8.57
CA GLU A 49 -2.89 -4.85 9.73
C GLU A 49 -2.61 -3.36 9.52
N THR A 50 -2.10 -3.03 8.34
CA THR A 50 -1.65 -1.66 8.06
C THR A 50 -2.79 -0.75 7.63
N THR A 51 -4.02 -1.24 7.78
CA THR A 51 -5.19 -0.43 7.54
C THR A 51 -5.74 0.12 8.85
N ASP A 52 -6.32 1.32 8.79
CA ASP A 52 -6.89 1.99 9.96
C ASP A 52 -7.84 1.04 10.70
N PRO A 53 -7.74 0.98 12.03
CA PRO A 53 -8.59 0.10 12.85
C PRO A 53 -10.08 0.29 12.55
N GLU A 54 -10.44 1.49 12.11
CA GLU A 54 -11.83 1.79 11.77
C GLU A 54 -12.16 1.30 10.36
N ARG A 55 -11.24 1.53 9.43
CA ARG A 55 -11.46 1.18 8.02
C ARG A 55 -11.25 -0.32 7.80
N ARG A 56 -10.55 -0.95 8.74
CA ARG A 56 -10.22 -2.37 8.65
C ARG A 56 -11.48 -3.22 8.60
N ASP A 57 -12.55 -2.70 9.19
CA ASP A 57 -13.85 -3.37 9.21
C ASP A 57 -14.49 -3.38 7.83
N LEU A 58 -14.08 -2.42 7.00
CA LEU A 58 -14.65 -2.26 5.65
C LEU A 58 -14.07 -3.30 4.68
N PHE A 59 -13.02 -3.98 5.11
CA PHE A 59 -12.35 -4.99 4.28
C PHE A 59 -13.14 -6.29 4.25
N ASP A 60 -12.90 -7.09 3.22
CA ASP A 60 -13.59 -8.37 3.04
C ASP A 60 -12.74 -9.31 2.18
N HIS A 61 -12.75 -10.59 2.55
CA HIS A 61 -11.93 -11.60 1.88
C HIS A 61 -12.15 -11.62 0.37
N ASP A 62 -13.41 -11.54 -0.04
CA ASP A 62 -13.77 -11.64 -1.46
C ASP A 62 -13.13 -10.52 -2.26
N VAL A 63 -13.39 -9.29 -1.81
CA VAL A 63 -13.05 -8.11 -2.57
C VAL A 63 -11.54 -7.93 -2.64
N ASN A 64 -10.86 -8.14 -1.51
CA ASN A 64 -9.40 -8.02 -1.45
C ASN A 64 -8.75 -9.07 -2.34
N ARG A 65 -9.32 -10.28 -2.33
CA ARG A 65 -8.85 -11.37 -3.19
C ARG A 65 -9.02 -10.98 -4.66
N ALA A 66 -10.25 -10.63 -5.02
CA ALA A 66 -10.61 -10.33 -6.41
C ALA A 66 -9.68 -9.29 -7.03
N TRP A 67 -9.43 -8.22 -6.29
CA TRP A 67 -8.64 -7.10 -6.79
C TRP A 67 -7.25 -7.57 -7.24
N MET A 68 -6.54 -8.30 -6.37
CA MET A 68 -5.17 -8.72 -6.67
C MET A 68 -5.15 -9.80 -7.75
N GLU A 69 -6.31 -10.44 -7.97
CA GLU A 69 -6.45 -11.47 -8.99
C GLU A 69 -6.54 -10.85 -10.39
N GLU A 70 -7.50 -9.95 -10.57
CA GLU A 70 -7.75 -9.35 -11.88
C GLU A 70 -6.79 -8.18 -12.15
N SER A 71 -6.32 -7.53 -11.10
CA SER A 71 -5.41 -6.40 -11.24
C SER A 71 -3.99 -6.82 -10.86
N ASP A 72 -3.21 -7.22 -11.86
CA ASP A 72 -1.81 -7.60 -11.65
C ASP A 72 -0.97 -6.34 -11.49
N PHE A 73 -0.29 -6.22 -10.35
CA PHE A 73 0.48 -5.03 -10.05
C PHE A 73 1.79 -5.00 -10.84
N LEU A 74 1.92 -4.01 -11.73
CA LEU A 74 3.09 -3.86 -12.59
C LEU A 74 4.12 -2.92 -11.96
N GLU A 75 3.67 -1.71 -11.61
CA GLU A 75 4.58 -0.63 -11.26
C GLU A 75 3.96 0.31 -10.23
N LEU A 76 4.81 0.89 -9.38
CA LEU A 76 4.37 1.84 -8.35
C LEU A 76 5.18 3.12 -8.47
N ARG A 77 4.50 4.26 -8.35
CA ARG A 77 5.14 5.56 -8.53
C ARG A 77 4.58 6.58 -7.54
N VAL A 78 5.40 6.95 -6.56
CA VAL A 78 5.02 7.94 -5.57
C VAL A 78 5.18 9.35 -6.15
N LEU A 79 4.12 10.15 -6.07
CA LEU A 79 4.12 11.49 -6.65
C LEU A 79 4.45 12.55 -5.59
N GLY A 80 3.78 12.46 -4.46
CA GLY A 80 3.99 13.41 -3.38
C GLY A 80 3.63 12.84 -2.03
N SER A 81 4.46 13.13 -1.04
CA SER A 81 4.25 12.65 0.33
C SER A 81 4.19 13.83 1.29
N SER A 82 3.31 13.75 2.28
CA SER A 82 3.18 14.83 3.26
C SER A 82 2.76 14.26 4.61
N GLU A 83 3.26 14.88 5.68
CA GLU A 83 2.98 14.42 7.04
C GLU A 83 2.52 15.59 7.90
N LYS A 84 1.47 15.35 8.69
CA LYS A 84 0.93 16.35 9.61
C LYS A 84 0.80 15.75 11.01
N GLY A 85 1.94 15.42 11.61
CA GLY A 85 1.96 14.85 12.95
C GLY A 85 1.41 13.43 13.00
N SER A 86 0.18 13.29 13.50
CA SER A 86 -0.46 11.98 13.63
C SER A 86 -1.39 11.69 12.45
N ARG A 87 -1.37 12.57 11.46
CA ARG A 87 -2.18 12.41 10.25
C ARG A 87 -1.31 12.76 9.04
N GLY A 88 -1.42 12.00 7.97
CA GLY A 88 -0.61 12.25 6.80
C GLY A 88 -1.32 11.88 5.52
N THR A 89 -0.68 12.17 4.39
CA THR A 89 -1.25 11.87 3.08
C THR A 89 -0.13 11.62 2.07
N VAL A 90 -0.37 10.68 1.16
CA VAL A 90 0.56 10.41 0.08
C VAL A 90 -0.21 10.20 -1.22
N GLU A 91 0.18 10.95 -2.25
CA GLU A 91 -0.42 10.83 -3.56
C GLU A 91 0.51 10.04 -4.46
N PHE A 92 -0.03 9.08 -5.19
CA PHE A 92 0.80 8.18 -6.00
C PHE A 92 -0.01 7.57 -7.14
N ILE A 93 0.69 6.77 -7.94
CA ILE A 93 0.10 6.07 -9.06
C ILE A 93 0.39 4.57 -8.97
N ALA A 94 -0.66 3.78 -8.84
CA ALA A 94 -0.54 2.33 -8.84
C ALA A 94 -0.82 1.78 -10.24
N ARG A 95 0.21 1.29 -10.89
CA ARG A 95 0.09 0.76 -12.25
C ARG A 95 -0.10 -0.75 -12.21
N PHE A 96 -1.19 -1.20 -12.78
CA PHE A 96 -1.53 -2.61 -12.82
C PHE A 96 -2.20 -2.97 -14.14
N ARG A 97 -2.37 -4.26 -14.39
CA ARG A 97 -3.05 -4.71 -15.60
C ARG A 97 -4.55 -4.82 -15.31
N ARG A 98 -5.34 -4.09 -16.07
CA ARG A 98 -6.78 -4.01 -15.85
C ARG A 98 -7.47 -5.22 -16.46
N GLY A 99 -7.43 -6.34 -15.76
CA GLY A 99 -8.08 -7.55 -16.22
C GLY A 99 -7.30 -8.23 -17.34
N GLY A 100 -8.01 -8.91 -18.22
CA GLY A 100 -7.37 -9.65 -19.30
C GLY A 100 -7.00 -8.78 -20.48
N GLY A 101 -5.77 -8.29 -20.50
CA GLY A 101 -5.25 -7.56 -21.66
C GLY A 101 -4.76 -6.16 -21.32
N PRO A 102 -5.68 -5.19 -21.21
CA PRO A 102 -5.32 -3.76 -21.06
C PRO A 102 -4.69 -3.43 -19.70
N GLU A 103 -3.92 -2.35 -19.67
CA GLU A 103 -3.32 -1.85 -18.44
C GLU A 103 -4.17 -0.70 -17.87
N GLN A 104 -3.82 -0.28 -16.66
CA GLN A 104 -4.47 0.84 -16.00
C GLN A 104 -3.58 1.35 -14.88
N SER A 105 -3.61 2.64 -14.64
CA SER A 105 -2.82 3.24 -13.57
C SER A 105 -3.70 4.12 -12.69
N HIS A 106 -3.90 3.69 -11.45
CA HIS A 106 -4.79 4.39 -10.53
C HIS A 106 -4.04 5.50 -9.82
N HIS A 107 -4.35 6.74 -10.19
CA HIS A 107 -3.75 7.91 -9.57
C HIS A 107 -4.62 8.38 -8.41
N GLU A 108 -4.21 8.04 -7.20
CA GLU A 108 -5.01 8.32 -6.01
C GLU A 108 -4.22 9.18 -5.02
N ARG A 109 -4.94 9.72 -4.05
CA ARG A 109 -4.36 10.49 -2.96
C ARG A 109 -4.97 10.01 -1.65
N SER A 110 -4.22 9.18 -0.93
CA SER A 110 -4.75 8.50 0.25
C SER A 110 -4.17 9.07 1.54
N GLN A 111 -5.05 9.16 2.55
CA GLN A 111 -4.68 9.67 3.86
C GLN A 111 -4.39 8.51 4.81
N PHE A 112 -3.40 8.70 5.68
CA PHE A 112 -2.98 7.70 6.65
C PHE A 112 -2.97 8.33 8.05
N ARG A 113 -3.40 7.56 9.06
CA ARG A 113 -3.37 8.02 10.45
C ARG A 113 -2.30 7.25 11.22
N LYS A 114 -1.58 7.95 12.07
CA LYS A 114 -0.51 7.37 12.86
C LYS A 114 -1.03 6.99 14.26
N ALA A 115 -0.89 5.71 14.61
CA ALA A 115 -1.28 5.22 15.91
C ALA A 115 -0.19 4.28 16.45
N ARG A 116 0.20 4.48 17.71
CA ARG A 116 1.22 3.65 18.36
C ARG A 116 2.57 3.77 17.65
N GLY A 117 2.72 4.81 16.83
CA GLY A 117 3.93 4.99 16.05
C GLY A 117 3.84 4.36 14.67
N ARG A 118 2.83 3.50 14.49
CA ARG A 118 2.61 2.84 13.21
C ARG A 118 1.65 3.69 12.37
N TRP A 119 1.82 3.64 11.06
CA TRP A 119 0.92 4.33 10.15
C TRP A 119 -0.11 3.37 9.59
N TYR A 120 -1.35 3.83 9.54
CA TYR A 120 -2.47 3.02 9.08
C TYR A 120 -3.20 3.73 7.95
N PHE A 121 -3.54 3.00 6.90
CA PHE A 121 -4.32 3.53 5.79
C PHE A 121 -5.70 3.94 6.29
N SER A 122 -5.96 5.24 6.27
CA SER A 122 -7.19 5.79 6.84
C SER A 122 -8.27 5.98 5.80
N GLU A 123 -7.87 6.26 4.57
CA GLU A 123 -8.83 6.49 3.48
C GLU A 123 -8.09 6.84 2.19
N GLY A 124 -8.76 6.65 1.07
CA GLY A 124 -8.16 6.94 -0.22
C GLY A 124 -9.20 7.34 -1.25
N GLU A 125 -8.83 8.23 -2.15
CA GLU A 125 -9.72 8.71 -3.19
C GLU A 125 -8.93 9.11 -4.43
N ALA A 126 -9.61 9.25 -5.55
CA ALA A 126 -8.98 9.72 -6.77
C ALA A 126 -8.84 11.23 -6.72
N VAL A 127 -7.60 11.72 -6.70
CA VAL A 127 -7.33 13.15 -6.60
C VAL A 127 -7.99 13.91 -7.75
N ASP A 128 -9.04 14.66 -7.42
CA ASP A 128 -9.78 15.46 -8.39
C ASP A 128 -9.64 16.94 -8.04
N MET A 1 14.94 -9.80 -6.90
CA MET A 1 16.16 -9.01 -6.61
C MET A 1 15.78 -7.64 -6.04
N ASN A 2 15.30 -6.76 -6.91
CA ASN A 2 14.85 -5.43 -6.49
C ASN A 2 13.42 -5.52 -5.97
N CYS A 3 12.76 -4.38 -5.79
CA CYS A 3 11.41 -4.37 -5.25
C CYS A 3 10.47 -3.52 -6.11
N VAL A 4 9.26 -4.02 -6.35
CA VAL A 4 8.26 -3.36 -7.20
C VAL A 4 7.83 -2.01 -6.62
N CYS A 5 8.14 -1.78 -5.35
CA CYS A 5 7.84 -0.53 -4.67
C CYS A 5 8.60 0.63 -5.29
N GLY A 6 8.31 1.84 -4.84
CA GLY A 6 9.12 2.99 -5.19
C GLY A 6 10.42 2.99 -4.40
N SER A 7 11.14 1.87 -4.47
CA SER A 7 12.35 1.65 -3.71
C SER A 7 13.16 0.52 -4.36
N GLY A 8 14.33 0.85 -4.89
CA GLY A 8 15.15 -0.13 -5.58
C GLY A 8 15.72 -1.19 -4.64
N LYS A 9 15.57 -0.97 -3.34
CA LYS A 9 16.09 -1.90 -2.34
C LYS A 9 15.47 -3.29 -2.50
N THR A 10 16.14 -4.29 -1.95
CA THR A 10 15.75 -5.68 -2.13
C THR A 10 14.42 -5.99 -1.45
N TYR A 11 13.93 -7.21 -1.70
CA TYR A 11 12.71 -7.70 -1.06
C TYR A 11 12.80 -7.54 0.45
N ASP A 12 13.86 -8.11 1.02
CA ASP A 12 14.07 -8.06 2.46
C ASP A 12 14.40 -6.64 2.91
N ASP A 13 15.40 -6.03 2.29
CA ASP A 13 15.90 -4.73 2.72
C ASP A 13 14.78 -3.70 2.74
N CYS A 14 13.84 -3.84 1.81
CA CYS A 14 12.68 -2.95 1.74
C CYS A 14 11.50 -3.55 2.52
N CYS A 15 10.84 -4.55 1.94
CA CYS A 15 9.60 -5.09 2.50
C CYS A 15 9.83 -5.97 3.73
N GLY A 16 11.01 -6.59 3.84
CA GLY A 16 11.23 -7.63 4.84
C GLY A 16 10.80 -7.26 6.26
N PRO A 17 11.30 -6.13 6.82
CA PRO A 17 10.97 -5.73 8.19
C PRO A 17 9.53 -5.22 8.31
N LEU A 18 8.98 -4.71 7.21
CA LEU A 18 7.62 -4.18 7.20
C LEU A 18 6.58 -5.30 7.21
N LEU A 19 6.75 -6.26 6.30
CA LEU A 19 5.81 -7.39 6.16
C LEU A 19 5.74 -8.20 7.46
N ALA A 20 6.84 -8.24 8.19
CA ALA A 20 6.90 -8.97 9.46
C ALA A 20 6.33 -8.13 10.61
N ARG A 21 6.07 -6.85 10.32
CA ARG A 21 5.59 -5.89 11.32
C ARG A 21 6.58 -5.74 12.47
N THR A 22 7.83 -6.11 12.23
CA THR A 22 8.88 -6.03 13.24
C THR A 22 9.48 -4.62 13.27
N ARG A 23 9.23 -3.86 12.21
CA ARG A 23 9.75 -2.50 12.10
C ARG A 23 8.66 -1.54 11.64
N SER A 24 8.51 -0.43 12.34
CA SER A 24 7.54 0.60 11.98
C SER A 24 8.15 1.55 10.95
N ALA A 25 7.52 1.65 9.78
CA ALA A 25 7.96 2.57 8.73
C ALA A 25 8.05 4.01 9.25
N ALA A 26 7.09 4.37 10.12
CA ALA A 26 7.05 5.69 10.74
C ALA A 26 6.86 6.82 9.70
N SER A 27 6.45 6.44 8.50
CA SER A 27 6.23 7.40 7.42
C SER A 27 5.08 6.91 6.53
N PRO A 28 4.17 7.83 6.11
CA PRO A 28 3.00 7.46 5.30
C PRO A 28 3.41 6.88 3.95
N GLU A 29 4.35 7.55 3.29
CA GLU A 29 4.87 7.10 2.00
C GLU A 29 5.54 5.74 2.15
N ALA A 30 6.38 5.62 3.18
CA ALA A 30 7.13 4.39 3.43
C ALA A 30 6.21 3.23 3.70
N LEU A 31 5.15 3.48 4.45
CA LEU A 31 4.17 2.46 4.79
C LEU A 31 3.35 2.09 3.55
N MET A 32 2.99 3.09 2.77
CA MET A 32 2.14 2.90 1.60
C MET A 32 2.79 2.00 0.56
N ARG A 33 4.04 2.31 0.17
CA ARG A 33 4.69 1.55 -0.89
C ARG A 33 5.14 0.18 -0.40
N SER A 34 5.28 0.04 0.92
CA SER A 34 5.56 -1.26 1.53
C SER A 34 4.33 -2.15 1.48
N ARG A 35 3.17 -1.60 1.86
CA ARG A 35 1.92 -2.35 1.85
C ARG A 35 1.51 -2.65 0.41
N TYR A 36 1.79 -1.69 -0.49
CA TYR A 36 1.51 -1.88 -1.91
C TYR A 36 2.11 -3.19 -2.41
N ALA A 37 3.32 -3.48 -1.96
CA ALA A 37 4.03 -4.68 -2.36
C ALA A 37 3.23 -5.93 -1.99
N ALA A 38 2.51 -5.86 -0.88
CA ALA A 38 1.70 -6.98 -0.41
C ALA A 38 0.67 -7.40 -1.46
N TYR A 39 0.10 -6.42 -2.16
CA TYR A 39 -0.83 -6.70 -3.24
C TYR A 39 -0.13 -7.44 -4.38
N ALA A 40 1.06 -6.98 -4.72
CA ALA A 40 1.86 -7.62 -5.76
C ALA A 40 2.36 -8.99 -5.28
N LEU A 41 2.40 -9.16 -3.97
CA LEU A 41 2.83 -10.41 -3.35
C LEU A 41 1.62 -11.25 -2.94
N LYS A 42 0.44 -10.88 -3.48
CA LYS A 42 -0.84 -11.57 -3.23
C LYS A 42 -1.16 -11.77 -1.75
N ASP A 43 -0.45 -11.08 -0.87
CA ASP A 43 -0.67 -11.21 0.57
C ASP A 43 -1.47 -10.03 1.10
N PHE A 44 -2.78 -10.19 1.14
CA PHE A 44 -3.67 -9.14 1.65
C PHE A 44 -3.56 -9.02 3.17
N ASP A 45 -2.95 -10.01 3.81
CA ASP A 45 -2.81 -10.03 5.27
C ASP A 45 -2.11 -8.78 5.77
N TYR A 46 -0.94 -8.47 5.19
CA TYR A 46 -0.19 -7.28 5.58
C TYR A 46 -1.00 -6.02 5.30
N ILE A 47 -1.82 -6.06 4.26
CA ILE A 47 -2.70 -4.94 3.92
C ILE A 47 -3.67 -4.68 5.06
N VAL A 48 -4.41 -5.72 5.43
CA VAL A 48 -5.35 -5.66 6.55
C VAL A 48 -4.64 -5.11 7.80
N GLU A 49 -3.45 -5.62 8.07
CA GLU A 49 -2.67 -5.23 9.25
C GLU A 49 -2.29 -3.74 9.21
N THR A 50 -2.15 -3.19 8.01
CA THR A 50 -1.76 -1.79 7.84
C THR A 50 -2.97 -0.92 7.53
N THR A 51 -4.16 -1.39 7.89
CA THR A 51 -5.38 -0.63 7.68
C THR A 51 -5.86 0.01 8.99
N ASP A 52 -6.50 1.16 8.87
CA ASP A 52 -7.07 1.90 10.00
C ASP A 52 -7.90 0.95 10.87
N PRO A 53 -7.74 1.01 12.20
CA PRO A 53 -8.50 0.14 13.12
C PRO A 53 -10.01 0.22 12.89
N GLU A 54 -10.49 1.41 12.51
CA GLU A 54 -11.91 1.64 12.29
C GLU A 54 -12.35 1.20 10.89
N ARG A 55 -11.38 0.95 10.00
CA ARG A 55 -11.67 0.47 8.65
C ARG A 55 -11.44 -1.04 8.57
N ARG A 56 -10.47 -1.52 9.35
CA ARG A 56 -10.04 -2.92 9.27
C ARG A 56 -11.18 -3.86 9.64
N ASP A 57 -12.10 -3.37 10.48
CA ASP A 57 -13.26 -4.14 10.88
C ASP A 57 -14.17 -4.42 9.68
N LEU A 58 -14.16 -3.50 8.71
CA LEU A 58 -14.99 -3.61 7.53
C LEU A 58 -14.31 -4.48 6.47
N PHE A 59 -12.98 -4.58 6.55
CA PHE A 59 -12.20 -5.33 5.57
C PHE A 59 -12.55 -6.81 5.56
N ASP A 60 -12.88 -7.32 4.38
CA ASP A 60 -13.17 -8.74 4.18
C ASP A 60 -12.08 -9.38 3.31
N HIS A 61 -11.78 -10.64 3.61
CA HIS A 61 -10.69 -11.36 2.95
C HIS A 61 -10.93 -11.47 1.44
N ASP A 62 -12.12 -11.93 1.08
CA ASP A 62 -12.48 -12.16 -0.32
C ASP A 62 -12.45 -10.86 -1.10
N VAL A 63 -12.98 -9.80 -0.49
CA VAL A 63 -13.00 -8.48 -1.11
C VAL A 63 -11.57 -7.98 -1.35
N ASN A 64 -10.71 -8.17 -0.37
CA ASN A 64 -9.30 -7.78 -0.49
C ASN A 64 -8.62 -8.56 -1.60
N ARG A 65 -8.94 -9.84 -1.69
CA ARG A 65 -8.37 -10.71 -2.73
C ARG A 65 -8.85 -10.24 -4.10
N ALA A 66 -10.17 -10.02 -4.22
CA ALA A 66 -10.78 -9.60 -5.48
C ALA A 66 -10.07 -8.39 -6.08
N TRP A 67 -9.61 -7.51 -5.21
CA TRP A 67 -8.91 -6.30 -5.64
C TRP A 67 -7.65 -6.67 -6.44
N MET A 68 -6.80 -7.51 -5.85
CA MET A 68 -5.56 -7.91 -6.51
C MET A 68 -5.85 -8.86 -7.68
N GLU A 69 -7.02 -9.51 -7.64
CA GLU A 69 -7.42 -10.40 -8.72
C GLU A 69 -7.85 -9.61 -9.95
N GLU A 70 -8.48 -8.45 -9.71
CA GLU A 70 -8.96 -7.61 -10.82
C GLU A 70 -7.84 -6.68 -11.32
N SER A 71 -6.72 -6.67 -10.61
CA SER A 71 -5.59 -5.84 -10.98
C SER A 71 -4.28 -6.36 -10.38
N ASP A 72 -3.44 -6.93 -11.22
CA ASP A 72 -2.11 -7.41 -10.81
C ASP A 72 -1.16 -6.22 -10.77
N PHE A 73 -0.76 -5.80 -9.57
CA PHE A 73 0.06 -4.60 -9.42
C PHE A 73 1.52 -4.83 -9.84
N LEU A 74 1.94 -4.11 -10.89
CA LEU A 74 3.29 -4.24 -11.44
C LEU A 74 4.27 -3.28 -10.77
N GLU A 75 3.95 -1.98 -10.80
CA GLU A 75 4.91 -0.94 -10.46
C GLU A 75 4.23 0.20 -9.68
N LEU A 76 4.98 0.81 -8.77
CA LEU A 76 4.48 1.89 -7.92
C LEU A 76 5.25 3.18 -8.19
N ARG A 77 4.55 4.31 -8.17
CA ARG A 77 5.15 5.62 -8.44
C ARG A 77 4.56 6.67 -7.51
N VAL A 78 5.32 7.02 -6.47
CA VAL A 78 4.91 8.03 -5.50
C VAL A 78 5.02 9.43 -6.11
N LEU A 79 3.95 10.21 -6.01
CA LEU A 79 3.93 11.57 -6.57
C LEU A 79 4.18 12.60 -5.48
N GLY A 80 3.44 12.49 -4.38
CA GLY A 80 3.58 13.40 -3.26
C GLY A 80 3.21 12.75 -1.96
N SER A 81 3.66 13.33 -0.85
CA SER A 81 3.38 12.78 0.47
C SER A 81 3.39 13.88 1.53
N SER A 82 2.24 14.06 2.18
CA SER A 82 2.11 15.02 3.27
C SER A 82 2.07 14.30 4.61
N GLU A 83 2.82 14.81 5.57
CA GLU A 83 2.88 14.21 6.91
C GLU A 83 2.53 15.27 7.95
N LYS A 84 1.42 15.07 8.64
CA LYS A 84 0.92 16.03 9.62
C LYS A 84 0.90 15.40 11.01
N GLY A 85 2.03 14.82 11.40
CA GLY A 85 2.17 14.23 12.72
C GLY A 85 1.44 12.91 12.85
N SER A 86 0.24 12.96 13.41
CA SER A 86 -0.55 11.76 13.70
C SER A 86 -1.51 11.43 12.55
N ARG A 87 -1.49 12.26 11.51
CA ARG A 87 -2.31 12.04 10.33
C ARG A 87 -1.53 12.48 9.10
N GLY A 88 -1.67 11.76 8.00
CA GLY A 88 -0.96 12.10 6.78
C GLY A 88 -1.67 11.62 5.54
N THR A 89 -1.06 11.87 4.39
CA THR A 89 -1.59 11.47 3.11
C THR A 89 -0.45 11.26 2.12
N VAL A 90 -0.65 10.34 1.18
CA VAL A 90 0.32 10.13 0.11
C VAL A 90 -0.41 9.90 -1.21
N GLU A 91 -0.05 10.70 -2.21
CA GLU A 91 -0.67 10.61 -3.53
C GLU A 91 0.30 9.92 -4.49
N PHE A 92 -0.19 8.95 -5.24
CA PHE A 92 0.67 8.13 -6.08
C PHE A 92 -0.08 7.56 -7.28
N ILE A 93 0.67 6.84 -8.12
CA ILE A 93 0.12 6.15 -9.27
C ILE A 93 0.46 4.66 -9.19
N ALA A 94 -0.56 3.83 -9.06
CA ALA A 94 -0.38 2.39 -9.05
C ALA A 94 -0.50 1.83 -10.46
N ARG A 95 0.59 1.25 -10.96
CA ARG A 95 0.61 0.65 -12.28
C ARG A 95 0.34 -0.85 -12.16
N PHE A 96 -0.77 -1.29 -12.75
CA PHE A 96 -1.17 -2.69 -12.66
C PHE A 96 -1.64 -3.23 -14.00
N ARG A 97 -1.94 -4.52 -14.01
CA ARG A 97 -2.49 -5.19 -15.16
C ARG A 97 -3.90 -5.65 -14.82
N ARG A 98 -4.90 -4.99 -15.38
CA ARG A 98 -6.29 -5.27 -15.01
C ARG A 98 -6.80 -6.52 -15.72
N GLY A 99 -7.71 -7.23 -15.07
CA GLY A 99 -8.16 -8.51 -15.56
C GLY A 99 -7.02 -9.50 -15.62
N GLY A 100 -6.33 -9.52 -16.76
CA GLY A 100 -5.14 -10.34 -16.92
C GLY A 100 -4.45 -10.07 -18.24
N GLY A 101 -4.75 -8.92 -18.85
CA GLY A 101 -4.25 -8.61 -20.17
C GLY A 101 -3.70 -7.21 -20.28
N PRO A 102 -4.57 -6.19 -20.42
CA PRO A 102 -4.14 -4.80 -20.60
C PRO A 102 -3.64 -4.16 -19.31
N GLU A 103 -2.54 -3.42 -19.40
CA GLU A 103 -2.03 -2.63 -18.29
C GLU A 103 -2.88 -1.37 -18.12
N GLN A 104 -2.89 -0.83 -16.91
CA GLN A 104 -3.63 0.38 -16.61
C GLN A 104 -3.09 0.99 -15.33
N SER A 105 -3.12 2.31 -15.26
CA SER A 105 -2.61 3.02 -14.08
C SER A 105 -3.77 3.59 -13.26
N HIS A 106 -3.56 3.71 -11.95
CA HIS A 106 -4.54 4.27 -11.04
C HIS A 106 -3.90 5.35 -10.18
N HIS A 107 -4.20 6.60 -10.50
CA HIS A 107 -3.68 7.75 -9.76
C HIS A 107 -4.67 8.16 -8.68
N GLU A 108 -4.35 7.84 -7.43
CA GLU A 108 -5.25 8.16 -6.32
C GLU A 108 -4.50 8.89 -5.21
N ARG A 109 -5.24 9.16 -4.15
CA ARG A 109 -4.72 9.87 -2.98
C ARG A 109 -5.17 9.13 -1.72
N SER A 110 -4.25 8.46 -1.07
CA SER A 110 -4.58 7.64 0.10
C SER A 110 -4.26 8.37 1.41
N GLN A 111 -5.26 8.45 2.29
CA GLN A 111 -5.09 9.03 3.62
C GLN A 111 -4.63 7.95 4.60
N PHE A 112 -3.76 8.34 5.53
CA PHE A 112 -3.20 7.42 6.53
C PHE A 112 -3.24 8.04 7.92
N ARG A 113 -3.52 7.23 8.93
CA ARG A 113 -3.46 7.64 10.33
C ARG A 113 -2.22 7.05 10.98
N LYS A 114 -1.65 7.76 11.95
CA LYS A 114 -0.48 7.26 12.65
C LYS A 114 -0.86 6.78 14.05
N ALA A 115 -0.56 5.51 14.33
CA ALA A 115 -0.81 4.91 15.63
C ALA A 115 0.30 3.91 15.94
N ARG A 116 0.75 3.89 17.20
CA ARG A 116 1.83 2.99 17.62
C ARG A 116 3.14 3.31 16.91
N GLY A 117 3.17 4.44 16.20
CA GLY A 117 4.33 4.78 15.37
C GLY A 117 4.19 4.20 13.97
N ARG A 118 3.20 3.33 13.81
CA ARG A 118 2.88 2.73 12.51
C ARG A 118 1.85 3.59 11.81
N TRP A 119 1.77 3.46 10.49
CA TRP A 119 0.77 4.18 9.71
C TRP A 119 -0.27 3.21 9.18
N TYR A 120 -1.53 3.65 9.18
CA TYR A 120 -2.66 2.81 8.81
C TYR A 120 -3.52 3.50 7.76
N PHE A 121 -3.91 2.75 6.74
CA PHE A 121 -4.76 3.25 5.66
C PHE A 121 -6.15 3.61 6.18
N SER A 122 -6.50 4.90 6.11
CA SER A 122 -7.78 5.38 6.60
C SER A 122 -8.83 5.35 5.49
N GLU A 123 -8.49 5.92 4.34
CA GLU A 123 -9.39 5.96 3.19
C GLU A 123 -8.62 6.40 1.95
N GLY A 124 -9.08 5.95 0.80
CA GLY A 124 -8.42 6.29 -0.45
C GLY A 124 -9.42 6.54 -1.56
N GLU A 125 -9.01 7.30 -2.57
CA GLU A 125 -9.89 7.64 -3.68
C GLU A 125 -9.09 8.15 -4.87
N ALA A 126 -9.57 7.87 -6.08
CA ALA A 126 -8.96 8.36 -7.30
C ALA A 126 -9.06 9.89 -7.36
N VAL A 127 -7.95 10.56 -7.17
CA VAL A 127 -7.91 12.02 -7.15
C VAL A 127 -7.99 12.57 -8.58
N ASP A 128 -8.62 13.73 -8.72
CA ASP A 128 -8.80 14.37 -10.02
C ASP A 128 -7.58 15.24 -10.34
N MET A 1 17.02 -9.66 -4.72
CA MET A 1 17.79 -8.55 -4.10
C MET A 1 16.90 -7.32 -3.93
N ASN A 2 16.49 -6.75 -5.05
CA ASN A 2 15.65 -5.53 -5.06
C ASN A 2 14.27 -5.84 -4.49
N CYS A 3 13.41 -4.83 -4.45
CA CYS A 3 12.08 -4.99 -3.88
C CYS A 3 11.02 -4.43 -4.83
N VAL A 4 9.97 -5.19 -5.07
CA VAL A 4 8.82 -4.70 -5.84
C VAL A 4 8.15 -3.55 -5.09
N CYS A 5 8.74 -2.38 -5.23
CA CYS A 5 8.31 -1.18 -4.53
C CYS A 5 8.96 0.05 -5.18
N GLY A 6 8.22 1.16 -5.23
CA GLY A 6 8.80 2.41 -5.68
C GLY A 6 9.84 2.92 -4.68
N SER A 7 11.00 2.27 -4.67
CA SER A 7 12.06 2.56 -3.72
C SER A 7 13.30 1.75 -4.08
N GLY A 8 14.47 2.39 -4.07
CA GLY A 8 15.71 1.69 -4.36
C GLY A 8 16.19 0.89 -3.16
N LYS A 9 15.32 -0.01 -2.69
CA LYS A 9 15.56 -0.76 -1.46
C LYS A 9 15.48 -2.27 -1.72
N THR A 10 16.13 -3.05 -0.86
CA THR A 10 16.09 -4.51 -0.98
C THR A 10 14.77 -5.05 -0.40
N TYR A 11 14.51 -6.33 -0.63
CA TYR A 11 13.29 -6.95 -0.11
C TYR A 11 13.22 -6.82 1.41
N ASP A 12 14.29 -7.26 2.07
CA ASP A 12 14.38 -7.23 3.53
C ASP A 12 14.49 -5.80 4.04
N ASP A 13 15.46 -5.05 3.51
CA ASP A 13 15.72 -3.68 3.97
C ASP A 13 14.45 -2.84 3.91
N CYS A 14 13.60 -3.15 2.95
CA CYS A 14 12.35 -2.44 2.74
C CYS A 14 11.19 -3.14 3.47
N CYS A 15 10.63 -4.19 2.87
CA CYS A 15 9.43 -4.83 3.41
C CYS A 15 9.70 -5.67 4.67
N GLY A 16 10.95 -6.08 4.87
CA GLY A 16 11.26 -7.05 5.92
C GLY A 16 10.76 -6.65 7.30
N PRO A 17 11.13 -5.46 7.83
CA PRO A 17 10.72 -5.04 9.17
C PRO A 17 9.23 -4.67 9.23
N LEU A 18 8.67 -4.27 8.09
CA LEU A 18 7.27 -3.89 8.01
C LEU A 18 6.37 -5.14 8.05
N LEU A 19 6.66 -6.11 7.18
CA LEU A 19 5.92 -7.37 7.12
C LEU A 19 6.06 -8.13 8.44
N ALA A 20 7.21 -7.97 9.07
CA ALA A 20 7.48 -8.60 10.37
C ALA A 20 6.56 -8.03 11.45
N ARG A 21 5.85 -6.94 11.13
CA ARG A 21 4.88 -6.32 12.04
C ARG A 21 5.58 -5.82 13.31
N THR A 22 6.90 -5.75 13.25
CA THR A 22 7.71 -5.38 14.41
C THR A 22 8.11 -3.90 14.37
N ARG A 23 8.32 -3.38 13.16
CA ARG A 23 8.81 -2.01 13.00
C ARG A 23 7.76 -1.13 12.31
N SER A 24 7.53 0.05 12.88
CA SER A 24 6.66 1.04 12.28
C SER A 24 7.43 1.86 11.25
N ALA A 25 6.82 2.05 10.08
CA ALA A 25 7.43 2.81 8.99
C ALA A 25 7.73 4.25 9.40
N ALA A 26 6.92 4.76 10.34
CA ALA A 26 7.08 6.12 10.87
C ALA A 26 6.94 7.17 9.77
N SER A 27 6.41 6.77 8.63
CA SER A 27 6.20 7.68 7.49
C SER A 27 5.20 7.05 6.51
N PRO A 28 4.27 7.85 5.95
CA PRO A 28 3.17 7.36 5.12
C PRO A 28 3.66 6.55 3.90
N GLU A 29 4.53 7.15 3.11
CA GLU A 29 5.03 6.51 1.88
C GLU A 29 5.74 5.19 2.20
N ALA A 30 6.52 5.19 3.30
CA ALA A 30 7.30 4.01 3.69
C ALA A 30 6.39 2.83 3.97
N LEU A 31 5.28 3.10 4.63
CA LEU A 31 4.28 2.08 4.92
C LEU A 31 3.60 1.64 3.63
N MET A 32 3.29 2.60 2.78
CA MET A 32 2.49 2.34 1.59
C MET A 32 3.22 1.43 0.60
N ARG A 33 4.47 1.73 0.25
CA ARG A 33 5.17 0.94 -0.76
C ARG A 33 5.50 -0.45 -0.20
N SER A 34 5.54 -0.57 1.12
CA SER A 34 5.69 -1.86 1.76
C SER A 34 4.40 -2.67 1.61
N ARG A 35 3.26 -2.00 1.78
CA ARG A 35 1.96 -2.63 1.56
C ARG A 35 1.81 -3.05 0.10
N TYR A 36 2.30 -2.21 -0.80
CA TYR A 36 2.26 -2.50 -2.23
C TYR A 36 2.88 -3.86 -2.52
N ALA A 37 4.05 -4.12 -1.94
CA ALA A 37 4.74 -5.38 -2.12
C ALA A 37 3.91 -6.54 -1.59
N ALA A 38 3.18 -6.28 -0.50
CA ALA A 38 2.30 -7.29 0.09
C ALA A 38 1.24 -7.73 -0.91
N TYR A 39 0.67 -6.76 -1.63
CA TYR A 39 -0.32 -7.06 -2.66
C TYR A 39 0.32 -7.84 -3.81
N ALA A 40 1.56 -7.48 -4.13
CA ALA A 40 2.32 -8.16 -5.17
C ALA A 40 2.63 -9.61 -4.77
N LEU A 41 2.66 -9.84 -3.45
CA LEU A 41 2.88 -11.17 -2.90
C LEU A 41 1.56 -11.80 -2.46
N LYS A 42 0.45 -11.22 -2.97
CA LYS A 42 -0.93 -11.61 -2.61
C LYS A 42 -1.11 -11.78 -1.09
N ASP A 43 -0.23 -11.17 -0.32
CA ASP A 43 -0.33 -11.15 1.14
C ASP A 43 -1.17 -9.97 1.60
N PHE A 44 -2.43 -9.94 1.18
CA PHE A 44 -3.36 -8.89 1.57
C PHE A 44 -3.59 -8.94 3.09
N ASP A 45 -3.21 -10.07 3.69
CA ASP A 45 -3.22 -10.23 5.14
C ASP A 45 -2.45 -9.10 5.82
N TYR A 46 -1.33 -8.69 5.23
CA TYR A 46 -0.54 -7.60 5.79
C TYR A 46 -1.25 -6.26 5.62
N ILE A 47 -2.02 -6.13 4.54
CA ILE A 47 -2.72 -4.89 4.23
C ILE A 47 -3.75 -4.58 5.31
N VAL A 48 -4.54 -5.58 5.65
CA VAL A 48 -5.57 -5.43 6.68
C VAL A 48 -4.92 -5.18 8.05
N GLU A 49 -3.76 -5.81 8.25
CA GLU A 49 -2.96 -5.61 9.47
C GLU A 49 -2.50 -4.15 9.61
N THR A 50 -2.39 -3.46 8.48
CA THR A 50 -1.93 -2.08 8.45
C THR A 50 -3.07 -1.12 8.13
N THR A 51 -4.30 -1.55 8.37
CA THR A 51 -5.46 -0.70 8.19
C THR A 51 -5.91 -0.12 9.53
N ASP A 52 -6.51 1.07 9.47
CA ASP A 52 -7.05 1.74 10.64
C ASP A 52 -8.00 0.82 11.40
N PRO A 53 -7.92 0.78 12.75
CA PRO A 53 -8.76 -0.10 13.57
C PRO A 53 -10.24 0.03 13.24
N GLU A 54 -10.66 1.24 12.87
CA GLU A 54 -12.05 1.50 12.51
C GLU A 54 -12.36 1.02 11.09
N ARG A 55 -11.47 1.36 10.17
CA ARG A 55 -11.69 1.05 8.75
C ARG A 55 -11.54 -0.45 8.49
N ARG A 56 -10.77 -1.12 9.35
CA ARG A 56 -10.50 -2.55 9.18
C ARG A 56 -11.79 -3.35 9.21
N ASP A 57 -12.80 -2.83 9.88
CA ASP A 57 -14.11 -3.47 9.93
C ASP A 57 -14.69 -3.62 8.52
N LEU A 58 -14.36 -2.66 7.66
CA LEU A 58 -14.83 -2.66 6.28
C LEU A 58 -13.99 -3.59 5.42
N PHE A 59 -12.79 -3.91 5.88
CA PHE A 59 -11.85 -4.74 5.13
C PHE A 59 -12.30 -6.19 5.09
N ASP A 60 -12.51 -6.69 3.88
CA ASP A 60 -12.90 -8.08 3.65
C ASP A 60 -11.84 -8.78 2.79
N HIS A 61 -11.55 -10.03 3.13
CA HIS A 61 -10.46 -10.77 2.48
C HIS A 61 -10.76 -11.01 0.99
N ASP A 62 -12.01 -11.37 0.67
CA ASP A 62 -12.39 -11.66 -0.71
C ASP A 62 -12.32 -10.42 -1.58
N VAL A 63 -12.71 -9.29 -0.99
CA VAL A 63 -12.64 -8.01 -1.69
C VAL A 63 -11.19 -7.64 -2.00
N ASN A 64 -10.33 -7.80 -1.00
CA ASN A 64 -8.90 -7.57 -1.18
C ASN A 64 -8.35 -8.47 -2.29
N ARG A 65 -8.83 -9.71 -2.30
CA ARG A 65 -8.45 -10.68 -3.32
C ARG A 65 -8.92 -10.22 -4.70
N ALA A 66 -10.17 -9.77 -4.77
CA ALA A 66 -10.79 -9.38 -6.04
C ALA A 66 -9.95 -8.35 -6.79
N TRP A 67 -9.45 -7.35 -6.05
CA TRP A 67 -8.68 -6.27 -6.66
C TRP A 67 -7.36 -6.78 -7.23
N MET A 68 -6.67 -7.64 -6.48
CA MET A 68 -5.38 -8.18 -6.93
C MET A 68 -5.59 -9.15 -8.09
N GLU A 69 -6.81 -9.65 -8.22
CA GLU A 69 -7.17 -10.55 -9.32
C GLU A 69 -7.41 -9.75 -10.61
N GLU A 70 -8.10 -8.62 -10.48
CA GLU A 70 -8.41 -7.78 -11.64
C GLU A 70 -7.23 -6.87 -11.99
N SER A 71 -6.22 -6.85 -11.13
CA SER A 71 -5.07 -5.97 -11.33
C SER A 71 -3.76 -6.63 -10.88
N ASP A 72 -2.95 -7.03 -11.86
CA ASP A 72 -1.60 -7.53 -11.58
C ASP A 72 -0.65 -6.34 -11.51
N PHE A 73 -0.15 -6.04 -10.33
CA PHE A 73 0.69 -4.86 -10.12
C PHE A 73 2.09 -5.03 -10.75
N LEU A 74 2.38 -4.19 -11.74
CA LEU A 74 3.67 -4.23 -12.43
C LEU A 74 4.70 -3.34 -11.74
N GLU A 75 4.33 -2.09 -11.45
CA GLU A 75 5.24 -1.13 -10.85
C GLU A 75 4.47 -0.01 -10.15
N LEU A 76 5.06 0.54 -9.10
CA LEU A 76 4.47 1.63 -8.33
C LEU A 76 5.14 2.94 -8.69
N ARG A 77 4.38 4.04 -8.69
CA ARG A 77 4.92 5.36 -8.99
C ARG A 77 4.48 6.36 -7.92
N VAL A 78 5.35 6.63 -6.96
CA VAL A 78 5.04 7.55 -5.87
C VAL A 78 5.26 9.00 -6.33
N LEU A 79 4.24 9.84 -6.13
CA LEU A 79 4.30 11.24 -6.57
C LEU A 79 4.55 12.15 -5.38
N GLY A 80 3.64 12.12 -4.41
CA GLY A 80 3.73 13.01 -3.27
C GLY A 80 3.43 12.30 -1.96
N SER A 81 3.99 12.82 -0.88
CA SER A 81 3.80 12.24 0.45
C SER A 81 4.04 13.30 1.51
N SER A 82 3.20 13.31 2.55
CA SER A 82 3.28 14.32 3.60
C SER A 82 2.79 13.76 4.94
N GLU A 83 3.63 13.86 5.97
CA GLU A 83 3.22 13.55 7.34
C GLU A 83 2.87 14.84 8.06
N LYS A 84 1.62 14.99 8.48
CA LYS A 84 1.18 16.17 9.20
C LYS A 84 0.83 15.81 10.64
N GLY A 85 1.85 15.77 11.49
CA GLY A 85 1.65 15.46 12.89
C GLY A 85 1.33 14.00 13.13
N SER A 86 0.04 13.67 13.15
CA SER A 86 -0.41 12.30 13.41
C SER A 86 -1.37 11.83 12.31
N ARG A 87 -1.43 12.61 11.23
CA ARG A 87 -2.27 12.28 10.08
C ARG A 87 -1.48 12.60 8.82
N GLY A 88 -1.47 11.69 7.86
CA GLY A 88 -0.66 11.88 6.66
C GLY A 88 -1.39 11.48 5.41
N THR A 89 -0.78 11.78 4.28
CA THR A 89 -1.34 11.48 2.97
C THR A 89 -0.22 11.21 1.97
N VAL A 90 -0.46 10.27 1.05
CA VAL A 90 0.50 9.98 -0.02
C VAL A 90 -0.24 9.73 -1.33
N GLU A 91 0.16 10.46 -2.36
CA GLU A 91 -0.43 10.34 -3.68
C GLU A 91 0.53 9.59 -4.60
N PHE A 92 -0.01 8.71 -5.44
CA PHE A 92 0.81 7.85 -6.28
C PHE A 92 0.03 7.37 -7.50
N ILE A 93 0.69 6.54 -8.30
CA ILE A 93 0.09 5.92 -9.48
C ILE A 93 0.45 4.44 -9.50
N ALA A 94 -0.55 3.58 -9.41
CA ALA A 94 -0.35 2.15 -9.47
C ALA A 94 -0.48 1.66 -10.91
N ARG A 95 0.62 1.16 -11.48
CA ARG A 95 0.60 0.58 -12.83
C ARG A 95 0.42 -0.93 -12.74
N PHE A 96 -0.71 -1.40 -13.23
CA PHE A 96 -1.05 -2.81 -13.16
C PHE A 96 -1.68 -3.27 -14.48
N ARG A 97 -1.65 -4.57 -14.73
CA ARG A 97 -2.30 -5.13 -15.90
C ARG A 97 -3.74 -5.49 -15.55
N ARG A 98 -4.69 -4.89 -16.25
CA ARG A 98 -6.10 -5.12 -15.97
C ARG A 98 -6.47 -6.54 -16.42
N GLY A 99 -7.27 -7.23 -15.60
CA GLY A 99 -7.66 -8.59 -15.89
C GLY A 99 -8.35 -8.72 -17.24
N GLY A 100 -7.55 -8.83 -18.29
CA GLY A 100 -8.07 -8.91 -19.64
C GLY A 100 -6.98 -8.69 -20.68
N GLY A 101 -5.94 -7.94 -20.30
CA GLY A 101 -4.84 -7.69 -21.21
C GLY A 101 -4.19 -6.33 -21.04
N PRO A 102 -4.96 -5.23 -21.23
CA PRO A 102 -4.41 -3.87 -21.22
C PRO A 102 -3.82 -3.46 -19.87
N GLU A 103 -2.65 -2.82 -19.92
CA GLU A 103 -2.02 -2.25 -18.72
C GLU A 103 -2.71 -0.94 -18.37
N GLN A 104 -3.24 -0.86 -17.16
CA GLN A 104 -3.91 0.34 -16.68
C GLN A 104 -3.08 0.99 -15.58
N SER A 105 -3.05 2.31 -15.59
CA SER A 105 -2.33 3.08 -14.60
C SER A 105 -3.31 3.96 -13.84
N HIS A 106 -3.52 3.65 -12.57
CA HIS A 106 -4.48 4.37 -11.75
C HIS A 106 -3.78 5.40 -10.88
N HIS A 107 -4.24 6.64 -10.94
CA HIS A 107 -3.66 7.72 -10.13
C HIS A 107 -4.59 8.05 -8.96
N GLU A 108 -4.22 7.61 -7.78
CA GLU A 108 -5.04 7.79 -6.59
C GLU A 108 -4.25 8.45 -5.47
N ARG A 109 -4.95 8.77 -4.39
CA ARG A 109 -4.36 9.42 -3.23
C ARG A 109 -4.89 8.76 -1.95
N SER A 110 -4.00 8.17 -1.17
CA SER A 110 -4.40 7.45 0.04
C SER A 110 -4.05 8.26 1.30
N GLN A 111 -5.05 8.42 2.17
CA GLN A 111 -4.88 9.07 3.45
C GLN A 111 -4.63 8.02 4.54
N PHE A 112 -3.73 8.33 5.47
CA PHE A 112 -3.34 7.40 6.51
C PHE A 112 -3.43 8.06 7.90
N ARG A 113 -3.77 7.26 8.89
CA ARG A 113 -3.79 7.68 10.29
C ARG A 113 -2.56 7.13 11.02
N LYS A 114 -1.91 7.96 11.82
CA LYS A 114 -0.75 7.52 12.60
C LYS A 114 -1.18 7.22 14.03
N ALA A 115 -1.09 5.96 14.41
CA ALA A 115 -1.47 5.53 15.75
C ALA A 115 -0.41 4.59 16.31
N ARG A 116 -0.01 4.81 17.56
CA ARG A 116 1.01 3.98 18.22
C ARG A 116 2.34 4.08 17.45
N GLY A 117 2.48 5.15 16.66
CA GLY A 117 3.66 5.32 15.84
C GLY A 117 3.57 4.58 14.51
N ARG A 118 2.59 3.68 14.42
CA ARG A 118 2.37 2.90 13.20
C ARG A 118 1.43 3.67 12.27
N TRP A 119 1.67 3.55 10.97
CA TRP A 119 0.79 4.15 9.98
C TRP A 119 -0.25 3.13 9.52
N TYR A 120 -1.52 3.55 9.58
CA TYR A 120 -2.64 2.71 9.18
C TYR A 120 -3.43 3.40 8.07
N PHE A 121 -3.94 2.60 7.14
CA PHE A 121 -4.77 3.11 6.06
C PHE A 121 -6.12 3.58 6.59
N SER A 122 -6.46 4.83 6.30
CA SER A 122 -7.75 5.39 6.71
C SER A 122 -8.74 5.34 5.54
N GLU A 123 -8.43 6.06 4.47
CA GLU A 123 -9.29 6.14 3.31
C GLU A 123 -8.47 6.46 2.07
N GLY A 124 -8.95 6.01 0.91
CA GLY A 124 -8.20 6.22 -0.32
C GLY A 124 -9.08 6.08 -1.55
N GLU A 125 -8.85 6.93 -2.53
CA GLU A 125 -9.62 6.94 -3.76
C GLU A 125 -8.85 7.67 -4.86
N ALA A 126 -9.39 7.65 -6.07
CA ALA A 126 -8.78 8.35 -7.19
C ALA A 126 -8.73 9.85 -6.92
N VAL A 127 -7.60 10.47 -7.24
CA VAL A 127 -7.40 11.89 -6.93
C VAL A 127 -7.76 12.75 -8.13
N ASP A 128 -8.28 13.95 -7.86
CA ASP A 128 -8.66 14.89 -8.90
C ASP A 128 -7.47 15.77 -9.28
#